data_7SUP
#
_entry.id   7SUP
#
loop_
_entity.id
_entity.type
_entity.pdbx_description
1 polymer 'Troponin C, slow skeletal and cardiac muscles,Troponin I, cardiac muscle chimera'
2 non-polymer 4-(3-cyano-3-methylazetidine-1-carbonyl)-N-[(3S)-7-fluoro-6-methyl-3,4-dihydro-2H-1-benzopyran-3-yl]-5-methyl-1H-pyrrole-2-sulfonamide
3 non-polymer 'CALCIUM ION'
#
_entity_poly.entity_id   1
_entity_poly.type   'polypeptide(L)'
_entity_poly.pdbx_seq_one_letter_code
;GDDIYKAAVEQLTEEQKNEFKAAFDIFVLGAEDGCISTKELGKVMRMLGQNPTPEELQEMIDEVDEDGSGTVDFDEFLVM
MVRCMKDDSKGAGAGVRISADAMMQALLGARAKESLDLRAHLKQVKKED
;
_entity_poly.pdbx_strand_id   A
#
loop_
_chem_comp.id
_chem_comp.type
_chem_comp.name
_chem_comp.formula
BQ6 non-polymer 4-(3-cyano-3-methylazetidine-1-carbonyl)-N-[(3S)-7-fluoro-6-methyl-3,4-dihydro-2H-1-benzopyran-3-yl]-5-methyl-1H-pyrrole-2-sulfonamide 'C21 H23 F N4 O4 S'
CA non-polymer 'CALCIUM ION' 'Ca 2'
#
# COMPACT_ATOMS: atom_id res chain seq x y z
N GLY A 1 11.59 -10.60 7.93
CA GLY A 1 10.68 -10.62 9.07
C GLY A 1 9.74 -9.44 9.08
N ASP A 2 8.44 -9.71 9.15
CA ASP A 2 7.44 -8.66 9.17
C ASP A 2 6.46 -8.86 10.32
N ASP A 3 6.89 -8.53 11.53
CA ASP A 3 6.05 -8.67 12.71
C ASP A 3 5.44 -7.33 13.12
N ILE A 4 6.25 -6.27 13.05
CA ILE A 4 5.79 -4.94 13.40
C ILE A 4 4.90 -4.35 12.31
N TYR A 5 5.31 -4.52 11.06
CA TYR A 5 4.55 -4.01 9.93
C TYR A 5 3.19 -4.68 9.84
N LYS A 6 3.20 -6.01 9.85
CA LYS A 6 1.96 -6.78 9.77
C LYS A 6 0.97 -6.34 10.85
N ALA A 7 1.50 -5.90 11.99
CA ALA A 7 0.66 -5.45 13.09
C ALA A 7 0.22 -4.00 12.88
N ALA A 8 1.03 -3.24 12.15
CA ALA A 8 0.73 -1.84 11.88
C ALA A 8 -0.70 -1.67 11.38
N VAL A 9 -1.10 -2.53 10.45
CA VAL A 9 -2.45 -2.48 9.89
C VAL A 9 -3.51 -2.45 10.99
N GLU A 10 -3.22 -3.17 12.08
CA GLU A 10 -4.14 -3.23 13.21
C GLU A 10 -4.21 -1.89 13.94
N GLN A 11 -3.07 -1.21 14.01
CA GLN A 11 -3.00 0.09 14.67
C GLN A 11 -3.73 1.16 13.87
N LEU A 12 -3.75 1.00 12.55
CA LEU A 12 -4.42 1.95 11.67
C LEU A 12 -5.84 2.21 12.15
N THR A 13 -6.49 3.22 11.56
CA THR A 13 -7.85 3.58 11.93
C THR A 13 -8.81 3.26 10.79
N GLU A 14 -10.11 3.31 11.09
CA GLU A 14 -11.14 3.02 10.09
C GLU A 14 -10.95 3.89 8.86
N GLU A 15 -10.58 5.16 9.07
CA GLU A 15 -10.36 6.09 7.98
C GLU A 15 -9.17 5.65 7.12
N GLN A 16 -8.17 5.06 7.77
CA GLN A 16 -6.97 4.60 7.07
C GLN A 16 -7.32 3.52 6.04
N LYS A 17 -7.97 2.46 6.51
CA LYS A 17 -8.35 1.36 5.64
C LYS A 17 -9.15 1.87 4.45
N ASN A 18 -10.03 2.84 4.69
CA ASN A 18 -10.84 3.41 3.63
C ASN A 18 -9.99 4.25 2.67
N GLU A 19 -9.20 5.14 3.23
CA GLU A 19 -8.33 6.01 2.45
C GLU A 19 -7.49 5.19 1.47
N PHE A 20 -6.93 4.09 1.95
CA PHE A 20 -6.11 3.22 1.13
C PHE A 20 -6.98 2.30 0.26
N LYS A 21 -8.16 1.96 0.77
CA LYS A 21 -9.07 1.10 0.04
C LYS A 21 -9.40 1.68 -1.33
N ALA A 22 -9.82 2.93 -1.34
CA ALA A 22 -10.17 3.61 -2.60
C ALA A 22 -9.04 3.49 -3.61
N ALA A 23 -7.81 3.39 -3.11
CA ALA A 23 -6.63 3.27 -3.97
C ALA A 23 -6.58 1.88 -4.62
N PHE A 24 -6.83 0.85 -3.83
CA PHE A 24 -6.81 -0.52 -4.33
C PHE A 24 -7.77 -0.68 -5.50
N ASP A 25 -8.89 0.01 -5.45
CA ASP A 25 -9.88 -0.05 -6.52
C ASP A 25 -9.25 0.15 -7.88
N ILE A 26 -8.38 1.17 -7.97
CA ILE A 26 -7.69 1.47 -9.22
C ILE A 26 -6.43 0.62 -9.38
N PHE A 27 -5.75 0.36 -8.26
CA PHE A 27 -4.54 -0.44 -8.27
C PHE A 27 -4.81 -1.85 -8.75
N VAL A 28 -6.03 -2.33 -8.48
CA VAL A 28 -6.42 -3.68 -8.89
C VAL A 28 -7.37 -3.63 -10.09
N LEU A 29 -7.30 -2.54 -10.84
CA LEU A 29 -8.16 -2.38 -12.01
C LEU A 29 -7.97 -3.54 -12.99
N GLY A 30 -9.07 -4.22 -13.30
CA GLY A 30 -9.01 -5.34 -14.23
C GLY A 30 -8.79 -6.66 -13.51
N ALA A 31 -8.10 -6.62 -12.38
CA ALA A 31 -7.82 -7.82 -11.60
C ALA A 31 -9.10 -8.63 -11.36
N GLU A 32 -9.00 -9.94 -11.49
CA GLU A 32 -10.15 -10.82 -11.29
C GLU A 32 -10.46 -10.97 -9.81
N ASP A 33 -9.41 -10.98 -8.99
CA ASP A 33 -9.58 -11.13 -7.55
C ASP A 33 -9.27 -9.80 -6.84
N GLY A 34 -9.39 -8.71 -7.57
CA GLY A 34 -9.14 -7.39 -7.00
C GLY A 34 -7.79 -7.33 -6.29
N CYS A 35 -6.82 -8.07 -6.80
CA CYS A 35 -5.49 -8.09 -6.21
C CYS A 35 -4.48 -7.41 -7.12
N ILE A 36 -3.34 -7.04 -6.55
CA ILE A 36 -2.29 -6.37 -7.32
C ILE A 36 -1.19 -7.35 -7.71
N SER A 37 -0.99 -7.51 -9.01
CA SER A 37 0.03 -8.42 -9.53
C SER A 37 1.02 -7.68 -10.43
N THR A 38 1.86 -8.43 -11.12
CA THR A 38 2.86 -7.85 -12.01
C THR A 38 2.21 -7.05 -13.12
N LYS A 39 1.02 -7.49 -13.54
CA LYS A 39 0.28 -6.82 -14.60
C LYS A 39 -0.28 -5.48 -14.11
N GLU A 40 -1.08 -5.54 -13.04
CA GLU A 40 -1.68 -4.35 -12.47
C GLU A 40 -0.61 -3.39 -11.96
N LEU A 41 0.28 -3.89 -11.13
CA LEU A 41 1.36 -3.09 -10.57
C LEU A 41 2.15 -2.40 -11.67
N GLY A 42 2.50 -3.16 -12.71
CA GLY A 42 3.25 -2.60 -13.82
C GLY A 42 2.55 -1.42 -14.47
N LYS A 43 1.21 -1.45 -14.46
CA LYS A 43 0.42 -0.38 -15.05
C LYS A 43 0.50 0.88 -14.20
N VAL A 44 0.20 0.75 -12.92
CA VAL A 44 0.24 1.88 -11.99
C VAL A 44 1.65 2.44 -11.88
N MET A 45 2.61 1.57 -11.59
CA MET A 45 4.00 1.99 -11.45
C MET A 45 4.43 2.86 -12.62
N ARG A 46 4.06 2.43 -13.83
CA ARG A 46 4.41 3.17 -15.04
C ARG A 46 3.69 4.51 -15.08
N MET A 47 2.46 4.54 -14.56
CA MET A 47 1.67 5.76 -14.54
C MET A 47 2.19 6.73 -13.49
N LEU A 48 2.81 6.19 -12.44
CA LEU A 48 3.35 7.01 -11.36
C LEU A 48 4.39 7.99 -11.90
N GLY A 49 5.07 7.60 -12.98
CA GLY A 49 6.08 8.46 -13.57
C GLY A 49 7.43 7.79 -13.68
N GLN A 50 7.42 6.47 -13.82
CA GLN A 50 8.66 5.70 -13.93
C GLN A 50 8.55 4.66 -15.04
N ASN A 51 9.52 3.77 -15.10
CA ASN A 51 9.54 2.71 -16.11
C ASN A 51 10.26 1.47 -15.59
N PRO A 52 9.63 0.77 -14.64
CA PRO A 52 10.18 -0.45 -14.04
C PRO A 52 10.21 -1.61 -15.03
N THR A 53 10.77 -2.73 -14.59
CA THR A 53 10.86 -3.92 -15.43
C THR A 53 9.89 -5.00 -14.97
N PRO A 54 9.60 -5.95 -15.85
CA PRO A 54 8.67 -7.05 -15.56
C PRO A 54 9.25 -8.04 -14.56
N GLU A 55 10.58 -8.17 -14.55
CA GLU A 55 11.26 -9.07 -13.63
C GLU A 55 11.31 -8.49 -12.23
N GLU A 56 11.57 -7.19 -12.15
CA GLU A 56 11.65 -6.51 -10.86
C GLU A 56 10.26 -6.36 -10.23
N LEU A 57 9.27 -6.11 -11.08
CA LEU A 57 7.89 -5.95 -10.61
C LEU A 57 7.47 -7.11 -9.72
N GLN A 58 7.58 -8.32 -10.25
CA GLN A 58 7.22 -9.52 -9.50
C GLN A 58 7.93 -9.56 -8.15
N GLU A 59 9.16 -9.04 -8.12
CA GLU A 59 9.96 -9.02 -6.91
C GLU A 59 9.28 -8.16 -5.83
N MET A 60 8.63 -7.09 -6.28
CA MET A 60 7.95 -6.19 -5.35
C MET A 60 6.71 -6.85 -4.76
N ILE A 61 5.87 -7.42 -5.62
CA ILE A 61 4.66 -8.10 -5.18
C ILE A 61 4.96 -9.11 -4.08
N ASP A 62 5.88 -10.03 -4.37
CA ASP A 62 6.26 -11.05 -3.40
C ASP A 62 6.97 -10.43 -2.20
N GLU A 63 7.68 -9.33 -2.43
CA GLU A 63 8.40 -8.64 -1.38
C GLU A 63 7.43 -8.09 -0.33
N VAL A 64 6.18 -7.89 -0.73
CA VAL A 64 5.16 -7.37 0.17
C VAL A 64 4.14 -8.44 0.52
N ASP A 65 3.92 -9.37 -0.41
CA ASP A 65 2.96 -10.45 -0.20
C ASP A 65 3.25 -11.18 1.11
N GLU A 66 2.20 -11.41 1.90
CA GLU A 66 2.33 -12.09 3.17
C GLU A 66 2.33 -13.60 2.98
N ASP A 67 1.48 -14.07 2.09
CA ASP A 67 1.37 -15.51 1.80
C ASP A 67 2.27 -15.90 0.64
N GLY A 68 2.45 -14.97 -0.30
CA GLY A 68 3.29 -15.24 -1.46
C GLY A 68 2.54 -15.97 -2.55
N SER A 69 1.29 -15.59 -2.76
CA SER A 69 0.47 -16.21 -3.80
C SER A 69 0.79 -15.65 -5.18
N GLY A 70 1.30 -14.42 -5.22
CA GLY A 70 1.63 -13.80 -6.50
C GLY A 70 1.00 -12.44 -6.66
N THR A 71 0.05 -12.12 -5.79
CA THR A 71 -0.64 -10.83 -5.85
C THR A 71 -0.74 -10.20 -4.46
N VAL A 72 -1.34 -9.02 -4.39
CA VAL A 72 -1.50 -8.31 -3.13
C VAL A 72 -2.94 -7.84 -2.94
N ASP A 73 -3.52 -8.19 -1.81
CA ASP A 73 -4.89 -7.81 -1.50
C ASP A 73 -4.94 -6.45 -0.82
N PHE A 74 -6.10 -6.08 -0.30
CA PHE A 74 -6.29 -4.80 0.37
C PHE A 74 -5.53 -4.77 1.69
N ASP A 75 -5.37 -5.94 2.30
CA ASP A 75 -4.66 -6.05 3.57
C ASP A 75 -3.15 -6.09 3.36
N GLU A 76 -2.73 -6.84 2.35
CA GLU A 76 -1.30 -6.96 2.05
C GLU A 76 -0.74 -5.63 1.55
N PHE A 77 -1.64 -4.68 1.25
CA PHE A 77 -1.23 -3.38 0.76
C PHE A 77 -0.96 -2.43 1.93
N LEU A 78 -1.67 -2.63 3.04
CA LEU A 78 -1.51 -1.79 4.22
C LEU A 78 -0.19 -2.10 4.92
N VAL A 79 0.14 -3.38 5.02
CA VAL A 79 1.38 -3.80 5.68
C VAL A 79 2.58 -3.10 5.06
N MET A 80 2.58 -2.96 3.74
CA MET A 80 3.68 -2.31 3.04
C MET A 80 3.45 -0.80 2.97
N MET A 81 2.20 -0.40 2.88
CA MET A 81 1.84 1.01 2.81
C MET A 81 2.36 1.77 4.02
N VAL A 82 2.36 1.11 5.17
CA VAL A 82 2.84 1.72 6.41
C VAL A 82 4.32 2.04 6.32
N ARG A 83 5.12 1.05 5.92
CA ARG A 83 6.56 1.24 5.80
C ARG A 83 6.90 2.05 4.55
N CYS A 84 6.00 2.03 3.58
CA CYS A 84 6.20 2.77 2.33
C CYS A 84 6.37 4.27 2.61
N MET A 85 5.43 4.84 3.36
CA MET A 85 5.48 6.26 3.69
C MET A 85 6.57 6.54 4.72
N LYS A 86 6.80 5.58 5.60
CA LYS A 86 7.81 5.72 6.64
C LYS A 86 9.22 5.61 6.05
N ASP A 87 9.30 5.00 4.87
CA ASP A 87 10.59 4.83 4.19
C ASP A 87 11.50 3.90 4.99
N ASP A 88 10.90 3.00 5.75
CA ASP A 88 11.66 2.06 6.56
C ASP A 88 11.32 0.62 6.19
N SER A 89 10.95 0.41 4.92
CA SER A 89 10.59 -0.92 4.44
C SER A 89 11.85 -1.74 4.12
N LYS A 90 12.88 -1.06 3.63
CA LYS A 90 14.13 -1.72 3.30
C LYS A 90 15.28 -1.19 4.15
N GLY A 91 15.23 0.11 4.45
CA GLY A 91 16.27 0.72 5.25
C GLY A 91 17.34 1.39 4.41
N ALA A 92 18.23 0.57 3.85
CA ALA A 92 19.30 1.09 3.01
C ALA A 92 19.81 0.03 2.04
N GLY A 93 19.05 -0.19 0.97
CA GLY A 93 19.43 -1.18 -0.01
C GLY A 93 19.80 -0.56 -1.35
N ALA A 94 18.78 -0.17 -2.13
CA ALA A 94 19.00 0.44 -3.42
C ALA A 94 18.12 1.67 -3.61
N GLY A 95 18.52 2.54 -4.54
CA GLY A 95 17.75 3.75 -4.79
C GLY A 95 16.29 3.46 -5.06
N VAL A 96 16.01 2.31 -5.68
CA VAL A 96 14.65 1.92 -5.99
C VAL A 96 13.75 2.01 -4.76
N ARG A 97 12.74 2.86 -4.83
CA ARG A 97 11.81 3.03 -3.72
C ARG A 97 10.53 3.71 -4.19
N ILE A 98 9.39 3.09 -3.87
CA ILE A 98 8.09 3.63 -4.26
C ILE A 98 7.53 4.54 -3.18
N SER A 99 6.94 5.66 -3.60
CA SER A 99 6.38 6.62 -2.65
C SER A 99 4.90 6.31 -2.41
N ALA A 100 4.56 6.06 -1.14
CA ALA A 100 3.19 5.77 -0.76
C ALA A 100 2.26 6.93 -1.09
N ASP A 101 2.61 8.12 -0.59
CA ASP A 101 1.81 9.31 -0.82
C ASP A 101 1.68 9.59 -2.32
N ALA A 102 2.79 9.45 -3.04
CA ALA A 102 2.80 9.69 -4.48
C ALA A 102 1.92 8.68 -5.22
N MET A 103 1.88 7.46 -4.69
CA MET A 103 1.07 6.39 -5.30
C MET A 103 -0.41 6.76 -5.30
N MET A 104 -0.92 7.13 -4.13
CA MET A 104 -2.32 7.50 -4.00
C MET A 104 -2.70 8.57 -5.02
N GLN A 105 -1.78 9.50 -5.26
CA GLN A 105 -2.00 10.58 -6.21
C GLN A 105 -2.40 10.03 -7.57
N ALA A 106 -2.01 8.78 -7.84
CA ALA A 106 -2.33 8.14 -9.10
C ALA A 106 -3.69 7.46 -9.05
N LEU A 107 -3.90 6.65 -8.02
CA LEU A 107 -5.16 5.93 -7.86
C LEU A 107 -6.32 6.91 -7.64
N LEU A 108 -6.38 7.49 -6.45
CA LEU A 108 -7.44 8.45 -6.13
C LEU A 108 -7.00 9.87 -6.49
N GLY A 109 -5.85 10.28 -5.96
CA GLY A 109 -5.35 11.61 -6.23
C GLY A 109 -4.97 12.36 -4.97
N ALA A 110 -5.46 13.58 -4.83
CA ALA A 110 -5.16 14.39 -3.65
C ALA A 110 -6.25 14.25 -2.60
N ARG A 111 -6.88 13.08 -2.55
CA ARG A 111 -7.94 12.81 -1.59
C ARG A 111 -7.37 12.10 -0.36
N ALA A 112 -6.13 12.44 0.00
CA ALA A 112 -5.49 11.84 1.16
C ALA A 112 -4.68 12.87 1.93
N LYS A 113 -5.26 13.40 3.00
CA LYS A 113 -4.58 14.40 3.82
C LYS A 113 -4.42 13.90 5.25
N GLU A 114 -4.17 14.82 6.17
CA GLU A 114 -3.99 14.48 7.58
C GLU A 114 -5.13 13.59 8.07
N SER A 115 -6.32 13.79 7.53
CA SER A 115 -7.49 13.01 7.91
C SER A 115 -7.20 11.52 7.81
N LEU A 116 -6.33 11.15 6.87
CA LEU A 116 -5.96 9.75 6.67
C LEU A 116 -5.52 9.12 7.99
N ASP A 117 -4.74 9.87 8.77
CA ASP A 117 -4.26 9.38 10.06
C ASP A 117 -5.21 9.79 11.18
N LEU A 118 -6.48 9.45 11.03
CA LEU A 118 -7.48 9.78 12.04
C LEU A 118 -7.16 9.12 13.37
N ARG A 119 -6.31 8.09 13.32
CA ARG A 119 -5.92 7.36 14.52
C ARG A 119 -5.46 8.33 15.61
N ALA A 120 -4.84 9.43 15.20
CA ALA A 120 -4.35 10.43 16.14
C ALA A 120 -5.48 11.29 16.67
N HIS A 121 -6.49 11.52 15.83
CA HIS A 121 -7.64 12.33 16.21
C HIS A 121 -8.21 11.85 17.55
N LEU A 122 -8.89 10.71 17.53
CA LEU A 122 -9.49 10.15 18.73
C LEU A 122 -10.19 8.83 18.43
N LYS A 123 -9.62 7.73 18.90
CA LYS A 123 -10.19 6.41 18.69
C LYS A 123 -10.23 5.61 19.99
N GLN A 124 -10.55 6.29 21.08
CA GLN A 124 -10.63 5.65 22.39
C GLN A 124 -11.57 6.41 23.31
N VAL A 125 -11.71 5.92 24.54
CA VAL A 125 -12.58 6.56 25.52
C VAL A 125 -11.77 7.36 26.54
N LYS A 126 -11.03 8.36 26.04
CA LYS A 126 -10.22 9.20 26.90
C LYS A 126 -9.86 10.51 26.20
N LYS A 127 -9.45 11.51 26.98
CA LYS A 127 -9.09 12.80 26.43
C LYS A 127 -8.11 13.52 27.35
N GLU A 128 -7.15 14.23 26.76
CA GLU A 128 -6.15 14.96 27.52
C GLU A 128 -6.02 16.40 27.02
N ASP A 129 -5.06 17.13 27.58
CA ASP A 129 -4.84 18.51 27.18
C ASP A 129 -3.52 18.65 26.41
C BQ6 B . 3.77 -1.11 -4.49
C01 BQ6 B . 4.55 -3.70 -3.84
C1 BQ6 B . 12.14 -3.89 -6.64
C02 BQ6 B . 3.33 -3.47 -4.46
C03 BQ6 B . 2.93 -2.19 -4.80
C5 BQ6 B . 11.54 -2.65 -6.08
N6 BQ6 B . 11.27 -2.56 -4.73
C8 BQ6 B . 10.72 -1.33 -4.45
C9 BQ6 B . 10.67 -0.64 -5.64
C11 BQ6 B . 11.17 -1.46 -6.69
C12 BQ6 B . 11.34 -1.16 -8.11
O13 BQ6 B . 11.21 -2.05 -8.96
N14 BQ6 B . 11.63 0.13 -8.46
C15 BQ6 B . 11.52 1.43 -7.83
C18 BQ6 B . 11.69 2.04 -9.25
C19 BQ6 B . 10.38 2.51 -9.89
C23 BQ6 B . 12.15 0.65 -9.71
C26 BQ6 B . 12.71 3.08 -9.33
N27 BQ6 B . 13.52 3.90 -9.40
S28 BQ6 B . 10.29 -0.95 -2.78
O29 BQ6 B . 11.40 -1.46 -2.00
O30 BQ6 B . 10.01 0.48 -2.81
N31 BQ6 B . 8.89 -1.76 -2.29
C33 BQ6 B . 7.66 -1.65 -3.12
C35 BQ6 B . 6.87 -0.40 -2.75
O38 BQ6 B . 5.74 -0.21 -3.61
C41 BQ6 B . 4.99 -1.33 -3.85
C42 BQ6 B . 5.41 -2.63 -3.54
C43 BQ6 B . 6.75 -2.87 -2.90
CL BQ6 B . 2.30 -4.82 -4.82
F BQ6 B . 1.76 -1.96 -5.41
H BQ6 B . 3.46 -0.10 -4.76
H04 BQ6 B . 4.85 -4.72 -3.58
H11 BQ6 B . 13.04 -4.17 -6.09
H12 BQ6 B . 12.43 -3.76 -7.70
H13 BQ6 B . 11.44 -4.73 -6.58
H7 BQ6 B . 11.44 -3.29 -4.05
H10 BQ6 B . 10.32 0.38 -5.71
H17 BQ6 B . 12.34 1.63 -7.13
H16 BQ6 B . 10.56 1.62 -7.34
H22 BQ6 B . 9.75 1.64 -10.16
H20 BQ6 B . 10.55 3.09 -10.80
H21 BQ6 B . 9.80 3.13 -9.20
H25 BQ6 B . 11.65 0.25 -10.61
H24 BQ6 B . 13.24 0.49 -9.80
H33 BQ6 B . 7.93 -1.61 -4.18
H51 BQ6 B . 7.49 0.49 -2.85
H52 BQ6 B . 6.52 -0.43 -1.71
H45 BQ6 B . 6.59 -3.03 -1.84
H44 BQ6 B . 7.23 -3.76 -3.33
CA CA C . -0.95 -12.81 -2.13
N GLY A 1 11.15 -10.94 7.81
CA GLY A 1 10.22 -10.98 8.92
C GLY A 1 9.34 -9.73 8.98
N ASP A 2 8.04 -9.95 9.16
CA ASP A 2 7.09 -8.85 9.24
C ASP A 2 6.19 -8.97 10.47
N ASP A 3 6.73 -8.60 11.62
CA ASP A 3 5.98 -8.66 12.87
C ASP A 3 5.47 -7.29 13.27
N ILE A 4 6.29 -6.27 13.09
CA ILE A 4 5.92 -4.90 13.43
C ILE A 4 4.96 -4.32 12.40
N TYR A 5 5.24 -4.58 11.13
CA TYR A 5 4.39 -4.09 10.05
C TYR A 5 3.01 -4.74 10.08
N LYS A 6 2.99 -6.07 10.17
CA LYS A 6 1.74 -6.81 10.22
C LYS A 6 0.81 -6.26 11.30
N ALA A 7 1.42 -5.79 12.40
CA ALA A 7 0.65 -5.23 13.51
C ALA A 7 0.31 -3.77 13.26
N ALA A 8 1.15 -3.09 12.48
CA ALA A 8 0.93 -1.68 12.16
C ALA A 8 -0.49 -1.45 11.66
N VAL A 9 -0.91 -2.27 10.72
CA VAL A 9 -2.26 -2.16 10.15
C VAL A 9 -3.31 -2.11 11.24
N GLU A 10 -3.08 -2.86 12.31
CA GLU A 10 -4.02 -2.90 13.43
C GLU A 10 -4.11 -1.54 14.12
N GLN A 11 -3.00 -0.82 14.15
CA GLN A 11 -2.95 0.50 14.78
C GLN A 11 -3.67 1.53 13.92
N LEU A 12 -3.65 1.32 12.61
CA LEU A 12 -4.30 2.23 11.68
C LEU A 12 -5.73 2.53 12.12
N THR A 13 -6.29 3.62 11.59
CA THR A 13 -7.66 4.01 11.92
C THR A 13 -8.63 3.64 10.81
N GLU A 14 -9.92 3.74 11.10
CA GLU A 14 -10.95 3.41 10.13
C GLU A 14 -10.76 4.21 8.84
N GLU A 15 -10.40 5.48 9.00
CA GLU A 15 -10.18 6.36 7.85
C GLU A 15 -8.98 5.90 7.03
N GLN A 16 -8.02 5.28 7.70
CA GLN A 16 -6.82 4.78 7.02
C GLN A 16 -7.17 3.67 6.03
N LYS A 17 -7.79 2.62 6.54
CA LYS A 17 -8.18 1.49 5.70
C LYS A 17 -9.01 1.95 4.50
N ASN A 18 -9.88 2.93 4.74
CA ASN A 18 -10.74 3.47 3.68
C ASN A 18 -9.91 4.30 2.70
N GLU A 19 -9.13 5.23 3.22
CA GLU A 19 -8.29 6.09 2.39
C GLU A 19 -7.43 5.26 1.44
N PHE A 20 -6.88 4.17 1.95
CA PHE A 20 -6.03 3.29 1.15
C PHE A 20 -6.89 2.34 0.31
N LYS A 21 -8.06 2.00 0.82
CA LYS A 21 -8.97 1.10 0.12
C LYS A 21 -9.29 1.63 -1.27
N ALA A 22 -9.76 2.88 -1.33
CA ALA A 22 -10.10 3.50 -2.60
C ALA A 22 -8.96 3.38 -3.60
N ALA A 23 -7.73 3.35 -3.10
CA ALA A 23 -6.55 3.22 -3.94
C ALA A 23 -6.46 1.83 -4.56
N PHE A 24 -6.73 0.82 -3.75
CA PHE A 24 -6.67 -0.56 -4.21
C PHE A 24 -7.60 -0.78 -5.40
N ASP A 25 -8.75 -0.11 -5.36
CA ASP A 25 -9.73 -0.24 -6.44
C ASP A 25 -9.08 0.00 -7.79
N ILE A 26 -8.35 1.11 -7.92
CA ILE A 26 -7.69 1.45 -9.17
C ILE A 26 -6.42 0.62 -9.34
N PHE A 27 -5.74 0.33 -8.24
CA PHE A 27 -4.51 -0.45 -8.27
C PHE A 27 -4.79 -1.87 -8.77
N VAL A 28 -5.98 -2.38 -8.50
CA VAL A 28 -6.37 -3.72 -8.93
C VAL A 28 -7.32 -3.66 -10.12
N LEU A 29 -7.24 -2.58 -10.88
CA LEU A 29 -8.09 -2.40 -12.06
C LEU A 29 -7.88 -3.53 -13.05
N GLY A 30 -8.96 -4.21 -13.41
CA GLY A 30 -8.87 -5.31 -14.35
C GLY A 30 -8.64 -6.65 -13.69
N ALA A 31 -7.98 -6.62 -12.53
CA ALA A 31 -7.69 -7.84 -11.78
C ALA A 31 -8.96 -8.68 -11.60
N GLU A 32 -8.82 -9.99 -11.79
CA GLU A 32 -9.96 -10.91 -11.65
C GLU A 32 -10.31 -11.11 -10.18
N ASP A 33 -9.30 -11.12 -9.33
CA ASP A 33 -9.50 -11.30 -7.89
C ASP A 33 -9.26 -10.00 -7.15
N GLY A 34 -9.39 -8.88 -7.85
CA GLY A 34 -9.19 -7.58 -7.23
C GLY A 34 -7.88 -7.50 -6.48
N CYS A 35 -6.85 -8.16 -7.00
CA CYS A 35 -5.54 -8.17 -6.37
C CYS A 35 -4.52 -7.46 -7.25
N ILE A 36 -3.38 -7.10 -6.65
CA ILE A 36 -2.32 -6.42 -7.38
C ILE A 36 -1.22 -7.39 -7.78
N SER A 37 -1.03 -7.55 -9.09
CA SER A 37 0.00 -8.46 -9.61
C SER A 37 0.99 -7.71 -10.47
N THR A 38 1.83 -8.45 -11.18
CA THR A 38 2.85 -7.85 -12.04
C THR A 38 2.20 -7.03 -13.15
N LYS A 39 1.02 -7.45 -13.59
CA LYS A 39 0.30 -6.75 -14.64
C LYS A 39 -0.27 -5.44 -14.12
N GLU A 40 -1.06 -5.52 -13.06
CA GLU A 40 -1.67 -4.33 -12.46
C GLU A 40 -0.60 -3.38 -11.93
N LEU A 41 0.28 -3.91 -11.09
CA LEU A 41 1.35 -3.12 -10.49
C LEU A 41 2.15 -2.40 -11.56
N GLY A 42 2.51 -3.13 -12.62
CA GLY A 42 3.28 -2.55 -13.70
C GLY A 42 2.55 -1.40 -14.36
N LYS A 43 1.23 -1.47 -14.40
CA LYS A 43 0.42 -0.42 -15.01
C LYS A 43 0.46 0.85 -14.18
N VAL A 44 0.20 0.72 -12.89
CA VAL A 44 0.20 1.87 -11.99
C VAL A 44 1.61 2.45 -11.86
N MET A 45 2.57 1.59 -11.55
CA MET A 45 3.95 2.02 -11.41
C MET A 45 4.38 2.91 -12.57
N ARG A 46 4.07 2.46 -13.78
CA ARG A 46 4.42 3.21 -14.98
C ARG A 46 3.68 4.54 -15.03
N MET A 47 2.46 4.55 -14.51
CA MET A 47 1.65 5.76 -14.49
C MET A 47 2.13 6.73 -13.42
N LEU A 48 2.74 6.18 -12.36
CA LEU A 48 3.24 6.99 -11.27
C LEU A 48 4.26 8.01 -11.77
N GLY A 49 4.97 7.65 -12.84
CA GLY A 49 5.98 8.54 -13.40
C GLY A 49 7.33 7.89 -13.51
N GLN A 50 7.35 6.57 -13.69
CA GLN A 50 8.60 5.83 -13.81
C GLN A 50 8.51 4.80 -14.92
N ASN A 51 9.51 3.92 -14.99
CA ASN A 51 9.54 2.88 -16.02
C ASN A 51 10.27 1.64 -15.50
N PRO A 52 9.62 0.92 -14.58
CA PRO A 52 10.19 -0.30 -13.99
C PRO A 52 10.24 -1.46 -14.99
N THR A 53 10.72 -2.61 -14.52
CA THR A 53 10.82 -3.79 -15.38
C THR A 53 9.86 -4.88 -14.92
N PRO A 54 9.56 -5.83 -15.84
CA PRO A 54 8.66 -6.94 -15.55
C PRO A 54 9.26 -7.94 -14.56
N GLU A 55 10.58 -8.06 -14.58
CA GLU A 55 11.28 -8.98 -13.69
C GLU A 55 11.31 -8.43 -12.26
N GLU A 56 11.55 -7.13 -12.14
CA GLU A 56 11.61 -6.48 -10.83
C GLU A 56 10.22 -6.37 -10.22
N LEU A 57 9.23 -6.11 -11.05
CA LEU A 57 7.85 -5.98 -10.58
C LEU A 57 7.45 -7.18 -9.73
N GLN A 58 7.57 -8.37 -10.29
CA GLN A 58 7.22 -9.60 -9.59
C GLN A 58 7.92 -9.66 -8.22
N GLU A 59 9.13 -9.09 -8.17
CA GLU A 59 9.90 -9.08 -6.93
C GLU A 59 9.22 -8.23 -5.87
N MET A 60 8.59 -7.14 -6.31
CA MET A 60 7.91 -6.24 -5.40
C MET A 60 6.67 -6.90 -4.81
N ILE A 61 5.83 -7.47 -5.67
CA ILE A 61 4.62 -8.14 -5.22
C ILE A 61 4.92 -9.16 -4.13
N ASP A 62 5.84 -10.08 -4.42
CA ASP A 62 6.23 -11.11 -3.45
C ASP A 62 6.93 -10.48 -2.25
N GLU A 63 7.64 -9.38 -2.49
CA GLU A 63 8.37 -8.69 -1.43
C GLU A 63 7.39 -8.15 -0.37
N VAL A 64 6.15 -7.98 -0.76
CA VAL A 64 5.13 -7.46 0.15
C VAL A 64 4.09 -8.53 0.47
N ASP A 65 3.90 -9.46 -0.46
CA ASP A 65 2.94 -10.55 -0.26
C ASP A 65 3.23 -11.30 1.03
N GLU A 66 2.18 -11.54 1.82
CA GLU A 66 2.33 -12.24 3.09
C GLU A 66 2.36 -13.76 2.86
N ASP A 67 1.53 -14.23 1.94
CA ASP A 67 1.47 -15.66 1.63
C ASP A 67 2.38 -15.99 0.45
N GLY A 68 2.54 -15.05 -0.47
CA GLY A 68 3.39 -15.27 -1.63
C GLY A 68 2.66 -16.00 -2.74
N SER A 69 1.41 -15.65 -2.95
CA SER A 69 0.60 -16.28 -4.00
C SER A 69 0.90 -15.69 -5.38
N GLY A 70 1.38 -14.45 -5.40
CA GLY A 70 1.70 -13.79 -6.66
C GLY A 70 1.03 -12.44 -6.79
N THR A 71 0.07 -12.16 -5.92
CA THR A 71 -0.65 -10.89 -5.95
C THR A 71 -0.75 -10.28 -4.56
N VAL A 72 -1.32 -9.08 -4.48
CA VAL A 72 -1.49 -8.40 -3.20
C VAL A 72 -2.92 -7.93 -3.01
N ASP A 73 -3.52 -8.32 -1.89
CA ASP A 73 -4.90 -7.94 -1.58
C ASP A 73 -4.94 -6.57 -0.90
N PHE A 74 -6.12 -6.22 -0.38
CA PHE A 74 -6.30 -4.94 0.29
C PHE A 74 -5.57 -4.92 1.62
N ASP A 75 -5.40 -6.09 2.22
CA ASP A 75 -4.72 -6.21 3.50
C ASP A 75 -3.21 -6.24 3.31
N GLU A 76 -2.76 -6.99 2.30
CA GLU A 76 -1.34 -7.11 2.01
C GLU A 76 -0.77 -5.77 1.53
N PHE A 77 -1.66 -4.83 1.23
CA PHE A 77 -1.25 -3.51 0.75
C PHE A 77 -1.00 -2.57 1.93
N LEU A 78 -1.73 -2.79 3.02
CA LEU A 78 -1.60 -1.96 4.21
C LEU A 78 -0.30 -2.27 4.95
N VAL A 79 0.03 -3.55 5.05
CA VAL A 79 1.24 -3.98 5.72
C VAL A 79 2.47 -3.27 5.16
N MET A 80 2.51 -3.13 3.84
CA MET A 80 3.62 -2.47 3.17
C MET A 80 3.41 -0.97 3.12
N MET A 81 2.15 -0.55 2.97
CA MET A 81 1.81 0.86 2.90
C MET A 81 2.29 1.59 4.15
N VAL A 82 2.24 0.91 5.29
CA VAL A 82 2.68 1.50 6.55
C VAL A 82 4.17 1.85 6.51
N ARG A 83 4.98 0.93 6.01
CA ARG A 83 6.42 1.15 5.92
C ARG A 83 6.76 2.02 4.70
N CYS A 84 5.91 1.96 3.68
CA CYS A 84 6.12 2.74 2.47
C CYS A 84 6.12 4.22 2.77
N MET A 85 5.11 4.68 3.49
CA MET A 85 4.99 6.09 3.86
C MET A 85 6.05 6.48 4.87
N LYS A 86 6.40 5.54 5.76
CA LYS A 86 7.41 5.79 6.79
C LYS A 86 8.81 5.75 6.19
N ASP A 87 8.92 5.17 5.01
CA ASP A 87 10.21 5.07 4.32
C ASP A 87 11.18 4.18 5.10
N ASP A 88 10.62 3.25 5.87
CA ASP A 88 11.42 2.33 6.67
C ASP A 88 11.21 0.89 6.22
N SER A 89 10.91 0.72 4.93
CA SER A 89 10.69 -0.62 4.38
C SER A 89 12.01 -1.30 4.06
N LYS A 90 12.99 -0.53 3.61
CA LYS A 90 14.31 -1.06 3.28
C LYS A 90 15.39 -0.40 4.12
N GLY A 91 15.31 0.92 4.25
CA GLY A 91 16.29 1.65 5.03
C GLY A 91 17.30 2.37 4.17
N ALA A 92 18.12 1.61 3.44
CA ALA A 92 19.12 2.18 2.56
C ALA A 92 19.80 1.09 1.73
N GLY A 93 19.19 0.75 0.60
CA GLY A 93 19.74 -0.26 -0.27
C GLY A 93 19.99 0.24 -1.68
N ALA A 94 19.08 -0.08 -2.59
CA ALA A 94 19.20 0.35 -3.97
C ALA A 94 18.38 1.61 -4.24
N GLY A 95 18.74 2.34 -5.29
CA GLY A 95 18.02 3.54 -5.63
C GLY A 95 16.52 3.33 -5.73
N VAL A 96 16.13 2.15 -6.18
CA VAL A 96 14.71 1.82 -6.32
C VAL A 96 13.95 2.11 -5.04
N ARG A 97 12.84 2.83 -5.16
CA ARG A 97 12.02 3.17 -4.00
C ARG A 97 10.69 3.77 -4.43
N ILE A 98 9.60 3.27 -3.86
CA ILE A 98 8.27 3.76 -4.18
C ILE A 98 7.74 4.68 -3.09
N SER A 99 6.85 5.59 -3.47
CA SER A 99 6.27 6.54 -2.54
C SER A 99 4.79 6.23 -2.29
N ALA A 100 4.45 5.91 -1.05
CA ALA A 100 3.08 5.60 -0.69
C ALA A 100 2.14 6.76 -1.00
N ASP A 101 2.46 7.93 -0.44
CA ASP A 101 1.65 9.12 -0.66
C ASP A 101 1.59 9.47 -2.15
N ALA A 102 2.69 9.25 -2.85
CA ALA A 102 2.76 9.54 -4.28
C ALA A 102 1.91 8.56 -5.07
N MET A 103 1.78 7.34 -4.55
CA MET A 103 0.99 6.31 -5.22
C MET A 103 -0.48 6.70 -5.28
N MET A 104 -1.06 7.02 -4.12
CA MET A 104 -2.46 7.41 -4.05
C MET A 104 -2.76 8.51 -5.05
N GLN A 105 -1.82 9.43 -5.24
CA GLN A 105 -2.00 10.54 -6.17
C GLN A 105 -2.44 10.03 -7.54
N ALA A 106 -2.08 8.78 -7.84
CA ALA A 106 -2.44 8.17 -9.12
C ALA A 106 -3.80 7.49 -9.04
N LEU A 107 -3.98 6.66 -8.01
CA LEU A 107 -5.24 5.94 -7.83
C LEU A 107 -6.38 6.90 -7.53
N LEU A 108 -6.41 7.41 -6.31
CA LEU A 108 -7.46 8.35 -5.89
C LEU A 108 -7.10 9.77 -6.32
N GLY A 109 -5.94 10.24 -5.87
CA GLY A 109 -5.50 11.58 -6.21
C GLY A 109 -4.82 12.29 -5.05
N ALA A 110 -4.83 13.62 -5.08
CA ALA A 110 -4.21 14.41 -4.02
C ALA A 110 -5.23 14.77 -2.94
N ARG A 111 -6.18 13.87 -2.70
CA ARG A 111 -7.21 14.11 -1.69
C ARG A 111 -6.78 13.58 -0.34
N ALA A 112 -5.97 12.53 -0.34
CA ALA A 112 -5.48 11.93 0.89
C ALA A 112 -4.31 12.73 1.46
N LYS A 113 -4.53 14.00 1.73
CA LYS A 113 -3.51 14.88 2.27
C LYS A 113 -3.55 14.88 3.80
N GLU A 114 -4.75 14.82 4.35
CA GLU A 114 -4.93 14.81 5.80
C GLU A 114 -5.80 13.64 6.25
N SER A 115 -6.90 13.42 5.52
CA SER A 115 -7.81 12.33 5.85
C SER A 115 -7.08 11.00 5.92
N LEU A 116 -5.99 10.89 5.16
CA LEU A 116 -5.20 9.67 5.14
C LEU A 116 -4.84 9.23 6.55
N ASP A 117 -4.63 10.20 7.44
CA ASP A 117 -4.29 9.91 8.83
C ASP A 117 -5.28 10.57 9.78
N LEU A 118 -6.12 9.75 10.41
CA LEU A 118 -7.12 10.26 11.35
C LEU A 118 -6.85 9.73 12.76
N ARG A 119 -6.03 8.70 12.85
CA ARG A 119 -5.69 8.11 14.15
C ARG A 119 -5.27 9.19 15.14
N ALA A 120 -4.62 10.23 14.63
CA ALA A 120 -4.16 11.32 15.47
C ALA A 120 -5.33 12.18 15.94
N HIS A 121 -6.29 12.39 15.06
CA HIS A 121 -7.47 13.19 15.38
C HIS A 121 -8.16 12.66 16.64
N LEU A 122 -8.82 11.51 16.49
CA LEU A 122 -9.53 10.89 17.61
C LEU A 122 -9.23 9.40 17.67
N LYS A 123 -9.86 8.72 18.63
CA LYS A 123 -9.65 7.28 18.80
C LYS A 123 -8.22 6.98 19.18
N GLN A 124 -7.71 7.67 20.21
CA GLN A 124 -6.35 7.48 20.67
C GLN A 124 -6.21 7.85 22.14
N VAL A 125 -5.27 7.20 22.82
CA VAL A 125 -5.04 7.47 24.24
C VAL A 125 -4.17 8.70 24.43
N LYS A 126 -4.59 9.82 23.85
CA LYS A 126 -3.84 11.07 23.96
C LYS A 126 -4.59 12.07 24.84
N LYS A 127 -4.30 12.06 26.13
CA LYS A 127 -4.94 12.97 27.07
C LYS A 127 -3.91 13.64 27.96
N GLU A 128 -3.98 14.97 28.06
CA GLU A 128 -3.04 15.73 28.88
C GLU A 128 -3.76 16.33 30.09
N ASP A 129 -3.13 16.20 31.26
CA ASP A 129 -3.71 16.72 32.49
C ASP A 129 -2.88 17.91 33.01
C BQ6 B . 3.68 -1.19 -4.40
C01 BQ6 B . 4.50 -3.79 -3.85
C1 BQ6 B . 12.05 -3.94 -6.80
C02 BQ6 B . 3.24 -3.56 -4.42
C03 BQ6 B . 2.84 -2.26 -4.70
C5 BQ6 B . 11.49 -2.69 -6.23
N6 BQ6 B . 11.19 -2.60 -4.89
C8 BQ6 B . 10.69 -1.36 -4.59
C9 BQ6 B . 10.69 -0.64 -5.77
C11 BQ6 B . 11.18 -1.47 -6.83
C12 BQ6 B . 11.38 -1.16 -8.24
O13 BQ6 B . 11.32 -2.03 -9.10
N14 BQ6 B . 11.62 0.15 -8.57
C15 BQ6 B . 11.50 1.44 -7.92
C18 BQ6 B . 11.62 2.08 -9.33
C19 BQ6 B . 10.28 2.52 -9.93
C23 BQ6 B . 12.11 0.70 -9.83
C26 BQ6 B . 12.61 3.14 -9.41
N27 BQ6 B . 13.40 3.99 -9.48
S28 BQ6 B . 10.24 -0.99 -2.93
O29 BQ6 B . 11.37 -1.45 -2.15
O30 BQ6 B . 9.90 0.43 -2.97
N31 BQ6 B . 8.89 -1.86 -2.42
C33 BQ6 B . 7.62 -1.74 -3.21
C35 BQ6 B . 6.84 -0.50 -2.76
O38 BQ6 B . 5.67 -0.29 -3.57
C41 BQ6 B . 4.92 -1.42 -3.82
C42 BQ6 B . 5.36 -2.73 -3.57
C43 BQ6 B . 6.73 -2.97 -2.98
CL BQ6 B . 2.22 -4.89 -4.78
F BQ6 B . 1.64 -2.02 -5.26
H BQ6 B . 3.34 -0.17 -4.62
H04 BQ6 B . 4.82 -4.81 -3.65
H11 BQ6 B . 11.34 -4.77 -6.68
H12 BQ6 B . 12.99 -4.23 -6.31
H13 BQ6 B . 12.25 -3.81 -7.87
H7 BQ6 B . 11.33 -3.36 -4.22
H10 BQ6 B . 10.38 0.40 -5.84
H17 BQ6 B . 12.32 1.65 -7.23
H16 BQ6 B . 10.54 1.59 -7.41
H22 BQ6 B . 10.43 3.07 -10.86
H20 BQ6 B . 9.72 3.15 -9.25
H21 BQ6 B . 9.65 1.65 -10.15
H25 BQ6 B . 11.61 0.31 -10.71
H24 BQ6 B . 13.19 0.58 -9.93
H33 BQ6 B . 7.85 -1.66 -4.27
H51 BQ6 B . 7.45 0.40 -2.86
H52 BQ6 B . 6.53 -0.56 -1.71
H45 BQ6 B . 6.62 -3.17 -1.91
H44 BQ6 B . 7.21 -3.84 -3.45
CA CA C . -0.95 -12.94 -2.28
N GLY A 1 11.67 -10.57 9.25
CA GLY A 1 10.27 -10.91 9.42
C GLY A 1 9.36 -9.71 9.41
N ASP A 2 8.06 -9.94 9.57
CA ASP A 2 7.09 -8.85 9.58
C ASP A 2 6.21 -8.92 10.82
N ASP A 3 6.74 -8.43 11.93
CA ASP A 3 6.00 -8.44 13.20
C ASP A 3 5.45 -7.05 13.51
N ILE A 4 6.21 -6.02 13.17
CA ILE A 4 5.80 -4.64 13.41
C ILE A 4 4.86 -4.15 12.31
N TYR A 5 5.22 -4.43 11.06
CA TYR A 5 4.40 -4.03 9.93
C TYR A 5 3.05 -4.73 9.94
N LYS A 6 3.07 -6.04 10.12
CA LYS A 6 1.86 -6.84 10.15
C LYS A 6 0.90 -6.32 11.21
N ALA A 7 1.45 -5.80 12.30
CA ALA A 7 0.63 -5.26 13.38
C ALA A 7 0.22 -3.82 13.10
N ALA A 8 1.04 -3.12 12.32
CA ALA A 8 0.75 -1.74 11.97
C ALA A 8 -0.66 -1.59 11.43
N VAL A 9 -1.02 -2.43 10.46
CA VAL A 9 -2.34 -2.40 9.86
C VAL A 9 -3.43 -2.42 10.93
N GLU A 10 -3.17 -3.15 12.01
CA GLU A 10 -4.13 -3.26 13.10
C GLU A 10 -4.21 -1.96 13.89
N GLN A 11 -3.07 -1.30 14.04
CA GLN A 11 -3.01 -0.04 14.77
C GLN A 11 -3.73 1.07 14.01
N LEU A 12 -3.69 0.98 12.69
CA LEU A 12 -4.33 1.98 11.83
C LEU A 12 -5.78 2.21 12.25
N THR A 13 -6.41 3.22 11.66
CA THR A 13 -7.81 3.54 11.98
C THR A 13 -8.71 3.28 10.78
N GLU A 14 -10.01 3.21 11.03
CA GLU A 14 -10.99 2.97 9.98
C GLU A 14 -10.76 3.93 8.80
N GLU A 15 -10.47 5.19 9.13
CA GLU A 15 -10.25 6.20 8.11
C GLU A 15 -9.05 5.83 7.23
N GLN A 16 -8.05 5.19 7.83
CA GLN A 16 -6.86 4.78 7.11
C GLN A 16 -7.19 3.71 6.09
N LYS A 17 -7.77 2.60 6.56
CA LYS A 17 -8.14 1.50 5.68
C LYS A 17 -8.96 1.99 4.50
N ASN A 18 -9.82 2.97 4.74
CA ASN A 18 -10.67 3.53 3.70
C ASN A 18 -9.84 4.37 2.73
N GLU A 19 -9.03 5.27 3.28
CA GLU A 19 -8.18 6.14 2.46
C GLU A 19 -7.38 5.32 1.45
N PHE A 20 -6.81 4.21 1.91
CA PHE A 20 -6.00 3.35 1.05
C PHE A 20 -6.90 2.43 0.22
N LYS A 21 -8.06 2.08 0.78
CA LYS A 21 -9.00 1.21 0.09
C LYS A 21 -9.34 1.76 -1.29
N ALA A 22 -9.79 3.02 -1.32
CA ALA A 22 -10.15 3.66 -2.57
C ALA A 22 -9.04 3.53 -3.60
N ALA A 23 -7.80 3.44 -3.13
CA ALA A 23 -6.65 3.30 -4.01
C ALA A 23 -6.59 1.91 -4.62
N PHE A 24 -6.82 0.89 -3.79
CA PHE A 24 -6.80 -0.49 -4.25
C PHE A 24 -7.74 -0.70 -5.43
N ASP A 25 -8.90 -0.03 -5.37
CA ASP A 25 -9.90 -0.13 -6.42
C ASP A 25 -9.28 0.12 -7.78
N ILE A 26 -8.42 1.13 -7.87
CA ILE A 26 -7.76 1.47 -9.12
C ILE A 26 -6.49 0.65 -9.31
N PHE A 27 -5.81 0.36 -8.22
CA PHE A 27 -4.58 -0.42 -8.26
C PHE A 27 -4.85 -1.84 -8.75
N VAL A 28 -6.05 -2.34 -8.45
CA VAL A 28 -6.43 -3.68 -8.86
C VAL A 28 -7.39 -3.64 -10.05
N LEU A 29 -7.33 -2.57 -10.81
CA LEU A 29 -8.19 -2.40 -11.97
C LEU A 29 -8.02 -3.55 -12.95
N GLY A 30 -9.12 -4.24 -13.26
CA GLY A 30 -9.06 -5.35 -14.19
C GLY A 30 -8.83 -6.68 -13.48
N ALA A 31 -8.12 -6.64 -12.37
CA ALA A 31 -7.84 -7.85 -11.60
C ALA A 31 -9.12 -8.64 -11.34
N GLU A 32 -9.03 -9.96 -11.49
CA GLU A 32 -10.17 -10.83 -11.27
C GLU A 32 -10.48 -10.97 -9.79
N ASP A 33 -9.43 -10.99 -8.97
CA ASP A 33 -9.58 -11.12 -7.52
C ASP A 33 -9.28 -9.79 -6.83
N GLY A 34 -9.40 -8.70 -7.56
CA GLY A 34 -9.14 -7.39 -7.01
C GLY A 34 -7.80 -7.33 -6.30
N CYS A 35 -6.81 -8.04 -6.83
CA CYS A 35 -5.48 -8.06 -6.25
C CYS A 35 -4.47 -7.37 -7.16
N ILE A 36 -3.31 -7.04 -6.60
CA ILE A 36 -2.27 -6.37 -7.37
C ILE A 36 -1.16 -7.34 -7.77
N SER A 37 -0.96 -7.50 -9.06
CA SER A 37 0.07 -8.40 -9.58
C SER A 37 1.05 -7.66 -10.46
N THR A 38 1.92 -8.40 -11.14
CA THR A 38 2.91 -7.82 -12.03
C THR A 38 2.26 -7.01 -13.14
N LYS A 39 1.08 -7.45 -13.56
CA LYS A 39 0.34 -6.77 -14.62
C LYS A 39 -0.25 -5.46 -14.11
N GLU A 40 -1.06 -5.55 -13.06
CA GLU A 40 -1.69 -4.37 -12.48
C GLU A 40 -0.64 -3.38 -11.98
N LEU A 41 0.28 -3.88 -11.17
CA LEU A 41 1.35 -3.04 -10.61
C LEU A 41 2.14 -2.37 -11.73
N GLY A 42 2.51 -3.13 -12.74
CA GLY A 42 3.26 -2.59 -13.86
C GLY A 42 2.56 -1.43 -14.52
N LYS A 43 1.23 -1.46 -14.52
CA LYS A 43 0.44 -0.41 -15.12
C LYS A 43 0.50 0.87 -14.29
N VAL A 44 0.19 0.75 -13.00
CA VAL A 44 0.21 1.88 -12.09
C VAL A 44 1.62 2.45 -11.97
N MET A 45 2.58 1.58 -11.68
CA MET A 45 3.97 1.99 -11.52
C MET A 45 4.40 2.88 -12.69
N ARG A 46 4.08 2.45 -13.91
CA ARG A 46 4.43 3.21 -15.10
C ARG A 46 3.72 4.56 -15.13
N MET A 47 2.50 4.59 -14.58
CA MET A 47 1.72 5.81 -14.55
C MET A 47 2.23 6.76 -13.46
N LEU A 48 2.82 6.17 -12.41
CA LEU A 48 3.35 6.96 -11.30
C LEU A 48 4.40 7.95 -11.79
N GLY A 49 5.10 7.59 -12.86
CA GLY A 49 6.12 8.47 -13.40
C GLY A 49 7.47 7.78 -13.52
N GLN A 50 7.44 6.47 -13.72
CA GLN A 50 8.67 5.69 -13.85
C GLN A 50 8.55 4.65 -14.94
N ASN A 51 9.52 3.73 -15.01
CA ASN A 51 9.52 2.68 -16.02
C ASN A 51 10.25 1.45 -15.52
N PRO A 52 9.65 0.74 -14.55
CA PRO A 52 10.23 -0.47 -13.97
C PRO A 52 10.25 -1.64 -14.95
N THR A 53 10.86 -2.75 -14.54
CA THR A 53 10.95 -3.93 -15.38
C THR A 53 9.96 -5.00 -14.94
N PRO A 54 9.67 -5.95 -15.83
CA PRO A 54 8.74 -7.04 -15.56
C PRO A 54 9.29 -8.03 -14.54
N GLU A 55 10.62 -8.17 -14.51
CA GLU A 55 11.27 -9.09 -13.59
C GLU A 55 11.32 -8.50 -12.18
N GLU A 56 11.58 -7.20 -12.10
CA GLU A 56 11.64 -6.52 -10.81
C GLU A 56 10.25 -6.35 -10.21
N LEU A 57 9.27 -6.08 -11.06
CA LEU A 57 7.90 -5.90 -10.62
C LEU A 57 7.44 -7.06 -9.74
N GLN A 58 7.64 -8.28 -10.23
CA GLN A 58 7.25 -9.47 -9.48
C GLN A 58 7.95 -9.51 -8.13
N GLU A 59 9.17 -9.02 -8.07
CA GLU A 59 9.94 -9.00 -6.83
C GLU A 59 9.25 -8.13 -5.79
N MET A 60 8.63 -7.04 -6.23
CA MET A 60 7.93 -6.14 -5.33
C MET A 60 6.68 -6.80 -4.76
N ILE A 61 5.93 -7.49 -5.61
CA ILE A 61 4.72 -8.16 -5.19
C ILE A 61 5.01 -9.18 -4.09
N ASP A 62 5.94 -10.09 -4.37
CA ASP A 62 6.32 -11.12 -3.40
C ASP A 62 7.00 -10.51 -2.19
N GLU A 63 7.70 -9.39 -2.41
CA GLU A 63 8.40 -8.71 -1.34
C GLU A 63 7.43 -8.16 -0.31
N VAL A 64 6.17 -8.00 -0.71
CA VAL A 64 5.13 -7.48 0.17
C VAL A 64 4.09 -8.55 0.49
N ASP A 65 3.92 -9.48 -0.44
CA ASP A 65 2.95 -10.57 -0.26
C ASP A 65 3.22 -11.32 1.03
N GLU A 66 2.18 -11.49 1.85
CA GLU A 66 2.30 -12.19 3.12
C GLU A 66 2.23 -13.71 2.91
N ASP A 67 1.37 -14.13 1.99
CA ASP A 67 1.22 -15.56 1.70
C ASP A 67 2.11 -15.98 0.55
N GLY A 68 2.34 -15.06 -0.38
CA GLY A 68 3.18 -15.35 -1.52
C GLY A 68 2.43 -16.05 -2.64
N SER A 69 1.18 -15.65 -2.85
CA SER A 69 0.34 -16.24 -3.89
C SER A 69 0.69 -15.67 -5.26
N GLY A 70 1.23 -14.46 -5.30
CA GLY A 70 1.59 -13.84 -6.56
C GLY A 70 0.97 -12.47 -6.73
N THR A 71 0.03 -12.13 -5.85
CA THR A 71 -0.64 -10.83 -5.91
C THR A 71 -0.73 -10.20 -4.53
N VAL A 72 -1.34 -9.03 -4.46
CA VAL A 72 -1.49 -8.31 -3.20
C VAL A 72 -2.92 -7.84 -3.00
N ASP A 73 -3.51 -8.18 -1.86
CA ASP A 73 -4.87 -7.79 -1.55
C ASP A 73 -4.91 -6.42 -0.86
N PHE A 74 -6.07 -6.06 -0.34
CA PHE A 74 -6.24 -4.78 0.33
C PHE A 74 -5.47 -4.76 1.66
N ASP A 75 -5.32 -5.93 2.26
CA ASP A 75 -4.60 -6.06 3.53
C ASP A 75 -3.11 -6.09 3.31
N GLU A 76 -2.67 -6.83 2.29
CA GLU A 76 -1.26 -6.95 1.98
C GLU A 76 -0.70 -5.62 1.48
N PHE A 77 -1.59 -4.68 1.19
CA PHE A 77 -1.19 -3.36 0.70
C PHE A 77 -0.92 -2.42 1.87
N LEU A 78 -1.61 -2.65 2.98
CA LEU A 78 -1.44 -1.82 4.17
C LEU A 78 -0.12 -2.13 4.88
N VAL A 79 0.20 -3.42 4.99
CA VAL A 79 1.42 -3.86 5.63
C VAL A 79 2.63 -3.14 5.06
N MET A 80 2.64 -2.98 3.73
CA MET A 80 3.74 -2.31 3.06
C MET A 80 3.52 -0.80 3.02
N MET A 81 2.27 -0.39 2.84
CA MET A 81 1.93 1.03 2.79
C MET A 81 2.43 1.75 4.04
N VAL A 82 2.43 1.05 5.17
CA VAL A 82 2.88 1.62 6.43
C VAL A 82 4.37 1.94 6.38
N ARG A 83 5.16 0.98 5.89
CA ARG A 83 6.60 1.16 5.79
C ARG A 83 6.97 2.03 4.60
N CYS A 84 6.09 2.07 3.61
CA CYS A 84 6.31 2.86 2.41
C CYS A 84 6.46 4.34 2.75
N MET A 85 5.50 4.86 3.53
CA MET A 85 5.52 6.26 3.93
C MET A 85 6.61 6.51 4.96
N LYS A 86 6.86 5.51 5.80
CA LYS A 86 7.88 5.62 6.84
C LYS A 86 9.28 5.53 6.24
N ASP A 87 9.37 4.98 5.04
CA ASP A 87 10.66 4.84 4.36
C ASP A 87 11.58 3.89 5.12
N ASP A 88 10.98 2.95 5.84
CA ASP A 88 11.75 1.98 6.61
C ASP A 88 11.47 0.55 6.14
N SER A 89 11.14 0.42 4.86
CA SER A 89 10.84 -0.88 4.28
C SER A 89 12.13 -1.63 3.93
N LYS A 90 13.14 -0.89 3.51
CA LYS A 90 14.42 -1.48 3.15
C LYS A 90 15.52 -1.05 4.13
N GLY A 91 15.48 0.22 4.53
CA GLY A 91 16.47 0.73 5.45
C GLY A 91 17.76 1.13 4.76
N ALA A 92 18.34 0.19 4.03
CA ALA A 92 19.59 0.44 3.31
C ALA A 92 19.49 1.72 2.47
N GLY A 93 18.79 1.62 1.35
CA GLY A 93 18.63 2.78 0.48
C GLY A 93 19.06 2.50 -0.95
N ALA A 94 18.61 1.36 -1.48
CA ALA A 94 18.96 0.97 -2.84
C ALA A 94 18.47 2.01 -3.85
N GLY A 95 18.60 1.68 -5.12
CA GLY A 95 18.16 2.60 -6.17
C GLY A 95 16.73 2.36 -6.59
N VAL A 96 15.90 1.93 -5.65
CA VAL A 96 14.49 1.67 -5.93
C VAL A 96 13.63 1.87 -4.69
N ARG A 97 12.57 2.67 -4.84
CA ARG A 97 11.67 2.94 -3.73
C ARG A 97 10.40 3.63 -4.22
N ILE A 98 9.25 3.06 -3.87
CA ILE A 98 7.97 3.61 -4.28
C ILE A 98 7.41 4.56 -3.21
N SER A 99 6.84 5.68 -3.65
CA SER A 99 6.29 6.66 -2.74
C SER A 99 4.81 6.36 -2.46
N ALA A 100 4.49 6.08 -1.20
CA ALA A 100 3.13 5.78 -0.81
C ALA A 100 2.19 6.95 -1.13
N ASP A 101 2.52 8.11 -0.58
CA ASP A 101 1.71 9.31 -0.81
C ASP A 101 1.59 9.61 -2.30
N ALA A 102 2.66 9.34 -3.04
CA ALA A 102 2.67 9.58 -4.48
C ALA A 102 1.81 8.56 -5.21
N MET A 103 1.75 7.34 -4.68
CA MET A 103 0.97 6.28 -5.29
C MET A 103 -0.51 6.67 -5.35
N MET A 104 -1.07 7.00 -4.19
CA MET A 104 -2.48 7.38 -4.11
C MET A 104 -2.80 8.47 -5.12
N GLN A 105 -1.87 9.42 -5.30
CA GLN A 105 -2.07 10.51 -6.24
C GLN A 105 -2.43 9.98 -7.63
N ALA A 106 -2.06 8.73 -7.90
CA ALA A 106 -2.34 8.11 -9.19
C ALA A 106 -3.71 7.44 -9.17
N LEU A 107 -3.96 6.62 -8.15
CA LEU A 107 -5.23 5.91 -8.01
C LEU A 107 -6.37 6.89 -7.83
N LEU A 108 -6.48 7.44 -6.62
CA LEU A 108 -7.54 8.40 -6.30
C LEU A 108 -7.09 9.82 -6.61
N GLY A 109 -5.92 10.20 -6.10
CA GLY A 109 -5.40 11.53 -6.34
C GLY A 109 -5.06 12.26 -5.06
N ALA A 110 -5.53 13.50 -4.93
CA ALA A 110 -5.27 14.30 -3.74
C ALA A 110 -6.40 14.18 -2.73
N ARG A 111 -7.05 13.01 -2.71
CA ARG A 111 -8.16 12.78 -1.79
C ARG A 111 -7.69 12.00 -0.57
N ALA A 112 -6.45 12.24 -0.16
CA ALA A 112 -5.89 11.56 1.01
C ALA A 112 -5.28 12.55 1.98
N LYS A 113 -5.96 13.68 2.19
CA LYS A 113 -5.48 14.71 3.10
C LYS A 113 -6.58 15.13 4.07
N GLU A 114 -7.39 14.17 4.49
CA GLU A 114 -8.48 14.44 5.42
C GLU A 114 -8.69 13.25 6.36
N SER A 115 -8.60 13.52 7.66
CA SER A 115 -8.79 12.48 8.67
C SER A 115 -7.91 11.26 8.35
N LEU A 116 -6.73 11.52 7.81
CA LEU A 116 -5.80 10.45 7.47
C LEU A 116 -5.45 9.62 8.69
N ASP A 117 -5.14 10.29 9.80
CA ASP A 117 -4.79 9.62 11.04
C ASP A 117 -5.87 9.83 12.10
N LEU A 118 -7.09 9.40 11.79
CA LEU A 118 -8.20 9.53 12.72
C LEU A 118 -7.98 8.72 13.99
N ARG A 119 -7.01 7.80 13.92
CA ARG A 119 -6.68 6.95 15.07
C ARG A 119 -6.50 7.79 16.32
N ALA A 120 -5.94 8.98 16.16
CA ALA A 120 -5.70 9.88 17.28
C ALA A 120 -7.02 10.41 17.85
N HIS A 121 -7.96 10.69 16.95
CA HIS A 121 -9.27 11.21 17.36
C HIS A 121 -9.96 10.25 18.32
N LEU A 122 -10.26 9.05 17.85
CA LEU A 122 -10.92 8.04 18.67
C LEU A 122 -10.45 6.63 18.28
N LYS A 123 -11.04 5.63 18.92
CA LYS A 123 -10.70 4.24 18.65
C LYS A 123 -9.20 3.99 18.89
N GLN A 124 -8.67 4.62 19.93
CA GLN A 124 -7.26 4.47 20.26
C GLN A 124 -7.05 3.28 21.20
N VAL A 125 -5.81 2.84 21.32
CA VAL A 125 -5.48 1.70 22.18
C VAL A 125 -5.24 2.16 23.61
N LYS A 126 -6.21 2.89 24.17
CA LYS A 126 -6.11 3.39 25.53
C LYS A 126 -7.48 3.40 26.21
N LYS A 127 -7.51 3.82 27.47
CA LYS A 127 -8.75 3.89 28.22
C LYS A 127 -9.76 4.80 27.52
N GLU A 128 -10.96 4.27 27.31
CA GLU A 128 -12.02 5.03 26.64
C GLU A 128 -12.96 5.65 27.68
N ASP A 129 -13.88 6.48 27.19
CA ASP A 129 -14.86 7.13 28.06
C ASP A 129 -15.92 6.14 28.53
C BQ6 B . 3.60 -1.16 -4.51
C01 BQ6 B . 4.43 -3.74 -3.86
C1 BQ6 B . 12.20 -3.85 -6.43
C02 BQ6 B . 3.21 -3.53 -4.51
C03 BQ6 B . 2.80 -2.25 -4.84
C5 BQ6 B . 11.53 -2.62 -5.91
N6 BQ6 B . 11.21 -2.50 -4.58
C8 BQ6 B . 10.60 -1.29 -4.34
C9 BQ6 B . 10.55 -0.62 -5.56
C11 BQ6 B . 11.13 -1.45 -6.56
C12 BQ6 B . 11.33 -1.18 -7.99
O13 BQ6 B . 11.28 -2.09 -8.82
N14 BQ6 B . 11.56 0.12 -8.36
C15 BQ6 B . 11.41 1.42 -7.76
C18 BQ6 B . 11.54 2.02 -9.18
C19 BQ6 B . 10.21 2.41 -9.83
C23 BQ6 B . 12.07 0.63 -9.63
C26 BQ6 B . 12.52 3.09 -9.29
N27 BQ6 B . 13.30 3.95 -9.37
S28 BQ6 B . 10.10 -0.88 -2.71
O29 BQ6 B . 11.19 -1.34 -1.87
O30 BQ6 B . 9.77 0.53 -2.78
N31 BQ6 B . 8.71 -1.73 -2.24
C33 BQ6 B . 7.49 -1.64 -3.09
C35 BQ6 B . 6.67 -0.40 -2.73
O38 BQ6 B . 5.55 -0.22 -3.60
C41 BQ6 B . 4.82 -1.36 -3.86
C42 BQ6 B . 5.26 -2.65 -3.55
C43 BQ6 B . 6.59 -2.88 -2.89
CL BQ6 B . 2.21 -4.88 -4.89
F BQ6 B . 1.63 -2.03 -5.46
H BQ6 B . 3.29 -0.16 -4.78
H04 BQ6 B . 4.74 -4.75 -3.61
H11 BQ6 B . 12.49 -3.71 -7.48
H12 BQ6 B . 11.54 -4.71 -6.37
H13 BQ6 B . 13.10 -4.05 -5.84
H7 BQ6 B . 11.39 -3.20 -3.88
H10 BQ6 B . 10.16 0.38 -5.68
H17 BQ6 B . 12.22 1.67 -7.06
H16 BQ6 B . 10.43 1.58 -7.28
H22 BQ6 B . 9.70 1.53 -10.24
H20 BQ6 B . 10.35 3.12 -10.65
H21 BQ6 B . 9.54 2.88 -9.10
H25 BQ6 B . 11.58 0.20 -10.51
H24 BQ6 B . 13.15 0.52 -9.71
H33 BQ6 B . 7.77 -1.59 -4.15
H51 BQ6 B . 7.28 0.50 -2.80
H52 BQ6 B . 6.31 -0.44 -1.69
H45 BQ6 B . 6.43 -3.05 -1.83
H44 BQ6 B . 7.10 -3.76 -3.32
CA CA C . -0.97 -12.79 -2.26
N GLY A 1 10.89 -11.00 7.90
CA GLY A 1 10.41 -10.72 9.23
C GLY A 1 9.47 -9.54 9.29
N ASP A 2 8.16 -9.82 9.26
CA ASP A 2 7.16 -8.77 9.30
C ASP A 2 6.26 -8.92 10.52
N ASP A 3 6.77 -8.53 11.68
CA ASP A 3 6.02 -8.63 12.93
C ASP A 3 5.47 -7.26 13.33
N ILE A 4 6.27 -6.23 13.10
CA ILE A 4 5.86 -4.87 13.45
C ILE A 4 4.95 -4.27 12.38
N TYR A 5 5.29 -4.52 11.12
CA TYR A 5 4.49 -4.01 10.01
C TYR A 5 3.11 -4.66 9.98
N LYS A 6 3.09 -5.99 10.02
CA LYS A 6 1.84 -6.74 9.99
C LYS A 6 0.89 -6.25 11.08
N ALA A 7 1.45 -5.80 12.19
CA ALA A 7 0.66 -5.30 13.31
C ALA A 7 0.28 -3.84 13.09
N ALA A 8 1.13 -3.12 12.35
CA ALA A 8 0.87 -1.71 12.07
C ALA A 8 -0.55 -1.49 11.57
N VAL A 9 -0.98 -2.31 10.62
CA VAL A 9 -2.32 -2.21 10.06
C VAL A 9 -3.37 -2.18 11.16
N GLU A 10 -3.12 -2.94 12.23
CA GLU A 10 -4.05 -3.00 13.35
C GLU A 10 -4.15 -1.65 14.05
N GLN A 11 -3.03 -0.94 14.10
CA GLN A 11 -2.99 0.38 14.75
C GLN A 11 -3.72 1.42 13.91
N LEU A 12 -3.70 1.23 12.59
CA LEU A 12 -4.35 2.15 11.68
C LEU A 12 -5.78 2.45 12.13
N THR A 13 -6.36 3.52 11.59
CA THR A 13 -7.72 3.91 11.94
C THR A 13 -8.70 3.53 10.83
N GLU A 14 -9.99 3.62 11.13
CA GLU A 14 -11.03 3.29 10.16
C GLU A 14 -10.84 4.09 8.87
N GLU A 15 -10.49 5.36 9.03
CA GLU A 15 -10.29 6.25 7.88
C GLU A 15 -9.09 5.78 7.04
N GLN A 16 -8.13 5.16 7.71
CA GLN A 16 -6.93 4.67 7.03
C GLN A 16 -7.28 3.57 6.04
N LYS A 17 -7.90 2.50 6.53
CA LYS A 17 -8.28 1.38 5.69
C LYS A 17 -9.11 1.85 4.50
N ASN A 18 -9.99 2.81 4.74
CA ASN A 18 -10.85 3.35 3.69
C ASN A 18 -10.03 4.18 2.72
N GLU A 19 -9.26 5.13 3.25
CA GLU A 19 -8.44 6.00 2.41
C GLU A 19 -7.56 5.18 1.48
N PHE A 20 -6.99 4.10 1.99
CA PHE A 20 -6.13 3.24 1.20
C PHE A 20 -6.95 2.27 0.34
N LYS A 21 -8.15 1.93 0.82
CA LYS A 21 -9.04 1.04 0.11
C LYS A 21 -9.38 1.59 -1.28
N ALA A 22 -9.84 2.84 -1.31
CA ALA A 22 -10.19 3.48 -2.57
C ALA A 22 -9.05 3.39 -3.57
N ALA A 23 -7.82 3.35 -3.08
CA ALA A 23 -6.64 3.25 -3.92
C ALA A 23 -6.55 1.87 -4.57
N PHE A 24 -6.79 0.84 -3.78
CA PHE A 24 -6.73 -0.54 -4.27
C PHE A 24 -7.68 -0.74 -5.44
N ASP A 25 -8.82 -0.05 -5.41
CA ASP A 25 -9.81 -0.15 -6.47
C ASP A 25 -9.16 0.05 -7.84
N ILE A 26 -8.39 1.13 -7.97
CA ILE A 26 -7.72 1.42 -9.23
C ILE A 26 -6.46 0.59 -9.39
N PHE A 27 -5.78 0.32 -8.27
CA PHE A 27 -4.56 -0.46 -8.29
C PHE A 27 -4.83 -1.88 -8.77
N VAL A 28 -6.03 -2.38 -8.50
CA VAL A 28 -6.43 -3.72 -8.90
C VAL A 28 -7.38 -3.68 -10.09
N LEU A 29 -7.31 -2.60 -10.87
CA LEU A 29 -8.16 -2.45 -12.03
C LEU A 29 -7.95 -3.59 -13.02
N GLY A 30 -9.05 -4.28 -13.34
CA GLY A 30 -8.96 -5.40 -14.26
C GLY A 30 -8.75 -6.72 -13.56
N ALA A 31 -8.06 -6.68 -12.42
CA ALA A 31 -7.79 -7.88 -11.65
C ALA A 31 -9.06 -8.70 -11.42
N GLU A 32 -8.95 -10.02 -11.56
CA GLU A 32 -10.09 -10.90 -11.38
C GLU A 32 -10.42 -11.06 -9.89
N ASP A 33 -9.38 -11.07 -9.06
CA ASP A 33 -9.56 -11.20 -7.62
C ASP A 33 -9.28 -9.88 -6.91
N GLY A 34 -9.40 -8.78 -7.64
CA GLY A 34 -9.15 -7.47 -7.06
C GLY A 34 -7.81 -7.39 -6.35
N CYS A 35 -6.83 -8.14 -6.87
CA CYS A 35 -5.49 -8.15 -6.28
C CYS A 35 -4.50 -7.45 -7.18
N ILE A 36 -3.34 -7.10 -6.61
CA ILE A 36 -2.30 -6.42 -7.38
C ILE A 36 -1.19 -7.38 -7.78
N SER A 37 -0.98 -7.52 -9.08
CA SER A 37 0.05 -8.42 -9.59
C SER A 37 1.04 -7.67 -10.47
N THR A 38 1.89 -8.41 -11.17
CA THR A 38 2.88 -7.81 -12.05
C THR A 38 2.23 -7.00 -13.16
N LYS A 39 1.05 -7.44 -13.58
CA LYS A 39 0.31 -6.74 -14.63
C LYS A 39 -0.28 -5.44 -14.11
N GLU A 40 -1.07 -5.52 -13.05
CA GLU A 40 -1.69 -4.34 -12.46
C GLU A 40 -0.63 -3.38 -11.95
N LEU A 41 0.28 -3.89 -11.13
CA LEU A 41 1.35 -3.07 -10.57
C LEU A 41 2.13 -2.36 -11.66
N GLY A 42 2.50 -3.10 -12.70
CA GLY A 42 3.24 -2.51 -13.80
C GLY A 42 2.51 -1.36 -14.46
N LYS A 43 1.18 -1.44 -14.46
CA LYS A 43 0.36 -0.39 -15.06
C LYS A 43 0.42 0.89 -14.23
N VAL A 44 0.13 0.77 -12.94
CA VAL A 44 0.16 1.92 -12.04
C VAL A 44 1.57 2.49 -11.93
N MET A 45 2.54 1.63 -11.65
CA MET A 45 3.93 2.06 -11.52
C MET A 45 4.34 2.93 -12.69
N ARG A 46 4.02 2.47 -13.90
CA ARG A 46 4.36 3.22 -15.11
C ARG A 46 3.62 4.55 -15.16
N MET A 47 2.41 4.57 -14.61
CA MET A 47 1.60 5.79 -14.59
C MET A 47 2.11 6.76 -13.55
N LEU A 48 2.73 6.22 -12.49
CA LEU A 48 3.27 7.05 -11.41
C LEU A 48 4.31 8.03 -11.94
N GLY A 49 5.00 7.63 -13.01
CA GLY A 49 6.01 8.48 -13.59
C GLY A 49 7.36 7.79 -13.69
N GLN A 50 7.35 6.48 -13.83
CA GLN A 50 8.58 5.70 -13.92
C GLN A 50 8.49 4.66 -15.03
N ASN A 51 9.46 3.76 -15.08
CA ASN A 51 9.50 2.70 -16.09
C ASN A 51 10.21 1.47 -15.56
N PRO A 52 9.57 0.77 -14.61
CA PRO A 52 10.12 -0.45 -14.01
C PRO A 52 10.16 -1.61 -14.99
N THR A 53 10.79 -2.71 -14.57
CA THR A 53 10.90 -3.89 -15.42
C THR A 53 9.94 -4.98 -14.96
N PRO A 54 9.66 -5.94 -15.85
CA PRO A 54 8.76 -7.06 -15.55
C PRO A 54 9.35 -8.03 -14.55
N GLU A 55 10.67 -8.14 -14.54
CA GLU A 55 11.36 -9.04 -13.62
C GLU A 55 11.41 -8.46 -12.21
N GLU A 56 11.62 -7.13 -12.13
CA GLU A 56 11.68 -6.45 -10.85
C GLU A 56 10.29 -6.31 -10.23
N LEU A 57 9.30 -6.07 -11.08
CA LEU A 57 7.92 -5.92 -10.62
C LEU A 57 7.51 -7.09 -9.74
N GLN A 58 7.60 -8.30 -10.29
CA GLN A 58 7.24 -9.51 -9.55
C GLN A 58 7.94 -9.55 -8.20
N GLU A 59 9.16 -9.02 -8.15
CA GLU A 59 9.95 -9.01 -6.93
C GLU A 59 9.26 -8.15 -5.86
N MET A 60 8.62 -7.07 -6.30
CA MET A 60 7.92 -6.18 -5.39
C MET A 60 6.68 -6.83 -4.80
N ILE A 61 5.87 -7.43 -5.66
CA ILE A 61 4.65 -8.10 -5.23
C ILE A 61 4.95 -9.12 -4.14
N ASP A 62 5.88 -10.02 -4.42
CA ASP A 62 6.25 -11.06 -3.45
C ASP A 62 6.96 -10.44 -2.25
N GLU A 63 7.65 -9.33 -2.48
CA GLU A 63 8.38 -8.64 -1.40
C GLU A 63 7.40 -8.10 -0.36
N VAL A 64 6.15 -7.91 -0.77
CA VAL A 64 5.12 -7.39 0.13
C VAL A 64 4.10 -8.47 0.47
N ASP A 65 3.89 -9.40 -0.46
CA ASP A 65 2.94 -10.49 -0.27
C ASP A 65 3.23 -11.23 1.03
N GLU A 66 2.19 -11.46 1.82
CA GLU A 66 2.33 -12.15 3.10
C GLU A 66 2.30 -13.67 2.89
N ASP A 67 1.44 -14.12 1.99
CA ASP A 67 1.32 -15.54 1.71
C ASP A 67 2.22 -15.95 0.54
N GLY A 68 2.43 -15.02 -0.39
CA GLY A 68 3.28 -15.28 -1.53
C GLY A 68 2.53 -16.01 -2.65
N SER A 69 1.29 -15.63 -2.86
CA SER A 69 0.46 -16.24 -3.91
C SER A 69 0.79 -15.67 -5.28
N GLY A 70 1.32 -14.45 -5.32
CA GLY A 70 1.66 -13.82 -6.58
C GLY A 70 1.02 -12.45 -6.74
N THR A 71 0.06 -12.14 -5.88
CA THR A 71 -0.62 -10.85 -5.92
C THR A 71 -0.73 -10.23 -4.54
N VAL A 72 -1.35 -9.06 -4.46
CA VAL A 72 -1.51 -8.36 -3.20
C VAL A 72 -2.95 -7.89 -3.00
N ASP A 73 -3.53 -8.26 -1.87
CA ASP A 73 -4.91 -7.88 -1.56
C ASP A 73 -4.97 -6.51 -0.89
N PHE A 74 -6.13 -6.16 -0.37
CA PHE A 74 -6.32 -4.88 0.29
C PHE A 74 -5.57 -4.84 1.62
N ASP A 75 -5.40 -6.01 2.23
CA ASP A 75 -4.71 -6.12 3.51
C ASP A 75 -3.20 -6.15 3.31
N GLU A 76 -2.76 -6.92 2.31
CA GLU A 76 -1.34 -7.04 2.01
C GLU A 76 -0.78 -5.70 1.52
N PHE A 77 -1.66 -4.77 1.20
CA PHE A 77 -1.26 -3.46 0.71
C PHE A 77 -1.00 -2.51 1.88
N LEU A 78 -1.70 -2.73 2.99
CA LEU A 78 -1.56 -1.89 4.17
C LEU A 78 -0.24 -2.19 4.89
N VAL A 79 0.07 -3.47 5.03
CA VAL A 79 1.30 -3.88 5.69
C VAL A 79 2.51 -3.17 5.10
N MET A 80 2.54 -3.06 3.78
CA MET A 80 3.64 -2.40 3.08
C MET A 80 3.42 -0.90 3.02
N MET A 81 2.16 -0.49 2.88
CA MET A 81 1.82 0.93 2.80
C MET A 81 2.34 1.68 4.02
N VAL A 82 2.33 1.02 5.17
CA VAL A 82 2.82 1.63 6.41
C VAL A 82 4.32 1.92 6.33
N ARG A 83 5.07 0.93 5.88
CA ARG A 83 6.53 1.08 5.76
C ARG A 83 6.88 1.92 4.54
N CYS A 84 5.97 1.98 3.58
CA CYS A 84 6.18 2.74 2.35
C CYS A 84 6.33 4.23 2.66
N MET A 85 5.39 4.77 3.44
CA MET A 85 5.42 6.17 3.80
C MET A 85 6.50 6.45 4.85
N LYS A 86 6.74 5.46 5.70
CA LYS A 86 7.75 5.60 6.75
C LYS A 86 9.15 5.45 6.17
N ASP A 87 9.24 4.83 4.99
CA ASP A 87 10.53 4.62 4.33
C ASP A 87 11.40 3.64 5.11
N ASP A 88 10.73 2.76 5.87
CA ASP A 88 11.45 1.76 6.67
C ASP A 88 11.17 0.35 6.16
N SER A 89 10.94 0.24 4.85
CA SER A 89 10.65 -1.06 4.24
C SER A 89 11.93 -1.82 3.96
N LYS A 90 12.98 -1.09 3.59
CA LYS A 90 14.27 -1.70 3.28
C LYS A 90 15.38 -1.10 4.15
N GLY A 91 15.29 0.21 4.39
CA GLY A 91 16.28 0.89 5.20
C GLY A 91 17.35 1.56 4.36
N ALA A 92 18.28 0.77 3.83
CA ALA A 92 19.35 1.29 3.01
C ALA A 92 19.90 0.22 2.07
N GLY A 93 19.17 -0.06 1.00
CA GLY A 93 19.60 -1.07 0.05
C GLY A 93 19.91 -0.48 -1.31
N ALA A 94 18.86 -0.12 -2.05
CA ALA A 94 19.02 0.45 -3.38
C ALA A 94 18.13 1.68 -3.55
N GLY A 95 18.52 2.56 -4.47
CA GLY A 95 17.75 3.77 -4.72
C GLY A 95 16.29 3.47 -4.99
N VAL A 96 16.02 2.33 -5.62
CA VAL A 96 14.65 1.94 -5.93
C VAL A 96 13.76 2.01 -4.69
N ARG A 97 12.73 2.84 -4.76
CA ARG A 97 11.80 3.00 -3.66
C ARG A 97 10.52 3.69 -4.11
N ILE A 98 9.38 3.06 -3.84
CA ILE A 98 8.09 3.62 -4.22
C ILE A 98 7.53 4.51 -3.12
N SER A 99 6.96 5.64 -3.53
CA SER A 99 6.39 6.59 -2.58
C SER A 99 4.92 6.31 -2.35
N ALA A 100 4.56 6.02 -1.10
CA ALA A 100 3.18 5.73 -0.74
C ALA A 100 2.26 6.88 -1.11
N ASP A 101 2.57 8.07 -0.59
CA ASP A 101 1.77 9.26 -0.86
C ASP A 101 1.70 9.54 -2.35
N ALA A 102 2.84 9.36 -3.04
CA ALA A 102 2.90 9.60 -4.47
C ALA A 102 2.01 8.61 -5.23
N MET A 103 1.89 7.39 -4.71
CA MET A 103 1.06 6.37 -5.34
C MET A 103 -0.41 6.78 -5.32
N MET A 104 -0.92 7.12 -4.14
CA MET A 104 -2.31 7.53 -4.00
C MET A 104 -2.65 8.63 -5.00
N GLN A 105 -1.71 9.53 -5.24
CA GLN A 105 -1.91 10.64 -6.17
C GLN A 105 -2.39 10.11 -7.52
N ALA A 106 -2.04 8.87 -7.83
CA ALA A 106 -2.44 8.27 -9.10
C ALA A 106 -3.80 7.58 -8.97
N LEU A 107 -3.93 6.68 -8.01
CA LEU A 107 -5.17 5.96 -7.79
C LEU A 107 -6.33 6.93 -7.56
N LEU A 108 -6.37 7.52 -6.37
CA LEU A 108 -7.42 8.46 -6.01
C LEU A 108 -7.00 9.89 -6.37
N GLY A 109 -5.88 10.32 -5.81
CA GLY A 109 -5.39 11.67 -6.07
C GLY A 109 -4.69 12.28 -4.87
N ALA A 110 -4.67 13.61 -4.82
CA ALA A 110 -4.03 14.31 -3.71
C ALA A 110 -5.02 14.65 -2.61
N ARG A 111 -6.02 13.78 -2.44
CA ARG A 111 -7.04 13.99 -1.42
C ARG A 111 -6.58 13.48 -0.06
N ALA A 112 -5.68 12.49 -0.08
CA ALA A 112 -5.15 11.90 1.15
C ALA A 112 -4.02 12.76 1.71
N LYS A 113 -4.37 13.93 2.22
CA LYS A 113 -3.38 14.84 2.79
C LYS A 113 -3.28 14.65 4.30
N GLU A 114 -4.43 14.68 4.97
CA GLU A 114 -4.47 14.51 6.42
C GLU A 114 -5.47 13.43 6.81
N SER A 115 -6.60 13.41 6.12
CA SER A 115 -7.65 12.43 6.40
C SER A 115 -7.08 11.01 6.42
N LEU A 116 -6.06 10.78 5.60
CA LEU A 116 -5.43 9.47 5.52
C LEU A 116 -5.04 8.97 6.91
N ASP A 117 -4.66 9.90 7.78
CA ASP A 117 -4.27 9.56 9.15
C ASP A 117 -5.20 10.20 10.16
N LEU A 118 -6.27 9.48 10.53
CA LEU A 118 -7.24 9.98 11.49
C LEU A 118 -6.98 9.40 12.87
N ARG A 119 -6.07 8.43 12.95
CA ARG A 119 -5.74 7.80 14.22
C ARG A 119 -5.43 8.85 15.29
N ALA A 120 -4.84 9.97 14.86
CA ALA A 120 -4.50 11.05 15.77
C ALA A 120 -5.75 11.79 16.24
N HIS A 121 -6.71 11.95 15.34
CA HIS A 121 -7.96 12.64 15.65
C HIS A 121 -8.76 11.87 16.69
N LEU A 122 -9.33 10.75 16.29
CA LEU A 122 -10.12 9.92 17.20
C LEU A 122 -9.85 8.43 16.96
N LYS A 123 -9.63 7.70 18.05
CA LYS A 123 -9.35 6.27 17.96
C LYS A 123 -9.35 5.64 19.34
N GLN A 124 -10.27 6.06 20.19
CA GLN A 124 -10.37 5.53 21.54
C GLN A 124 -11.78 4.98 21.81
N VAL A 125 -11.86 3.98 22.69
CA VAL A 125 -13.13 3.38 23.03
C VAL A 125 -13.84 4.17 24.12
N LYS A 126 -14.04 5.46 23.87
CA LYS A 126 -14.70 6.33 24.84
C LYS A 126 -15.26 7.56 24.14
N LYS A 127 -16.38 8.08 24.66
CA LYS A 127 -17.01 9.26 24.09
C LYS A 127 -17.41 10.24 25.20
N GLU A 128 -17.38 11.53 24.86
CA GLU A 128 -17.74 12.56 25.82
C GLU A 128 -19.25 12.62 26.03
N ASP A 129 -19.67 13.15 27.18
CA ASP A 129 -21.08 13.25 27.51
C ASP A 129 -21.33 14.40 28.48
C BQ6 B . 3.75 -1.10 -4.52
C01 BQ6 B . 4.51 -3.71 -3.89
C1 BQ6 B . 12.13 -3.89 -6.68
C02 BQ6 B . 3.29 -3.47 -4.52
C03 BQ6 B . 2.91 -2.16 -4.85
C5 BQ6 B . 11.53 -2.65 -6.10
N6 BQ6 B . 11.24 -2.58 -4.75
C8 BQ6 B . 10.70 -1.36 -4.46
C9 BQ6 B . 10.66 -0.64 -5.63
C11 BQ6 B . 11.16 -1.45 -6.69
C12 BQ6 B . 11.33 -1.14 -8.11
O13 BQ6 B . 11.20 -2.00 -8.98
N14 BQ6 B . 11.63 0.17 -8.44
C15 BQ6 B . 11.53 1.46 -7.79
C18 BQ6 B . 11.71 2.08 -9.19
C19 BQ6 B . 10.40 2.57 -9.83
C23 BQ6 B . 12.16 0.70 -9.69
C26 BQ6 B . 12.73 3.11 -9.27
N27 BQ6 B . 13.56 3.94 -9.32
S28 BQ6 B . 10.25 -0.99 -2.79
O29 BQ6 B . 11.36 -1.52 -2.01
O30 BQ6 B . 9.99 0.44 -2.79
N31 BQ6 B . 8.86 -1.81 -2.30
C33 BQ6 B . 7.64 -1.69 -3.14
C35 BQ6 B . 6.85 -0.43 -2.77
O38 BQ6 B . 5.73 -0.22 -3.63
C41 BQ6 B . 4.97 -1.34 -3.89
C42 BQ6 B . 5.38 -2.64 -3.58
C43 BQ6 B . 6.72 -2.89 -2.94
CL BQ6 B . 2.26 -4.80 -4.90
F BQ6 B . 1.74 -1.93 -5.45
H BQ6 B . 3.45 -0.09 -4.78
H04 BQ6 B . 4.81 -4.72 -3.65
H11 BQ6 B . 11.43 -4.74 -6.59
H12 BQ6 B . 13.05 -4.16 -6.17
H13 BQ6 B . 12.35 -3.73 -7.74
H7 BQ6 B . 11.41 -3.32 -4.08
H10 BQ6 B . 10.30 0.38 -5.70
H17 BQ6 B . 12.36 1.64 -7.08
H16 BQ6 B . 10.57 1.65 -7.31
H22 BQ6 B . 9.78 3.11 -9.09
H20 BQ6 B . 9.80 1.73 -10.20
H21 BQ6 B . 10.59 3.24 -10.67
H25 BQ6 B . 11.65 0.31 -10.57
H24 BQ6 B . 13.24 0.52 -9.78
H33 BQ6 B . 7.90 -1.63 -4.20
H51 BQ6 B . 7.48 0.46 -2.85
H52 BQ6 B . 6.50 -0.45 -1.73
H45 BQ6 B . 6.55 -3.07 -1.88
H44 BQ6 B . 7.19 -3.79 -3.37
CA CA C . -0.95 -12.83 -2.27
N GLY A 1 11.45 -10.60 9.05
CA GLY A 1 10.06 -10.96 9.21
C GLY A 1 9.15 -9.74 9.26
N ASP A 2 7.86 -9.98 9.43
CA ASP A 2 6.88 -8.89 9.49
C ASP A 2 6.12 -8.93 10.81
N ASP A 3 6.75 -8.45 11.87
CA ASP A 3 6.12 -8.43 13.19
C ASP A 3 5.65 -7.02 13.54
N ILE A 4 6.43 -6.02 13.14
CA ILE A 4 6.08 -4.63 13.42
C ILE A 4 5.06 -4.10 12.40
N TYR A 5 5.27 -4.43 11.14
CA TYR A 5 4.36 -3.99 10.08
C TYR A 5 3.00 -4.64 10.22
N LYS A 6 3.00 -5.96 10.41
CA LYS A 6 1.75 -6.72 10.56
C LYS A 6 0.87 -6.08 11.64
N ALA A 7 1.50 -5.53 12.67
CA ALA A 7 0.77 -4.89 13.76
C ALA A 7 0.41 -3.46 13.41
N ALA A 8 1.23 -2.84 12.56
CA ALA A 8 0.98 -1.46 12.15
C ALA A 8 -0.43 -1.27 11.62
N VAL A 9 -0.82 -2.12 10.67
CA VAL A 9 -2.16 -2.05 10.09
C VAL A 9 -3.23 -2.06 11.17
N GLU A 10 -2.98 -2.81 12.24
CA GLU A 10 -3.92 -2.90 13.34
C GLU A 10 -4.06 -1.56 14.06
N GLN A 11 -2.96 -0.83 14.14
CA GLN A 11 -2.94 0.48 14.80
C GLN A 11 -3.70 1.51 13.98
N LEU A 12 -3.70 1.33 12.65
CA LEU A 12 -4.38 2.25 11.75
C LEU A 12 -5.81 2.50 12.21
N THR A 13 -6.44 3.51 11.63
CA THR A 13 -7.81 3.86 11.98
C THR A 13 -8.78 3.45 10.88
N GLU A 14 -10.07 3.48 11.19
CA GLU A 14 -11.10 3.11 10.23
C GLU A 14 -10.97 3.93 8.96
N GLU A 15 -10.64 5.21 9.11
CA GLU A 15 -10.48 6.11 7.96
C GLU A 15 -9.30 5.69 7.11
N GLN A 16 -8.28 5.13 7.75
CA GLN A 16 -7.08 4.68 7.04
C GLN A 16 -7.42 3.58 6.04
N LYS A 17 -7.98 2.48 6.54
CA LYS A 17 -8.35 1.35 5.69
C LYS A 17 -9.19 1.82 4.51
N ASN A 18 -10.10 2.75 4.76
CA ASN A 18 -10.97 3.28 3.71
C ASN A 18 -10.17 4.15 2.74
N GLU A 19 -9.35 5.04 3.29
CA GLU A 19 -8.54 5.93 2.46
C GLU A 19 -7.66 5.13 1.50
N PHE A 20 -7.04 4.08 2.01
CA PHE A 20 -6.18 3.23 1.19
C PHE A 20 -7.01 2.28 0.33
N LYS A 21 -8.18 1.91 0.83
CA LYS A 21 -9.07 1.00 0.10
C LYS A 21 -9.40 1.55 -1.29
N ALA A 22 -9.88 2.79 -1.33
CA ALA A 22 -10.22 3.43 -2.59
C ALA A 22 -9.07 3.35 -3.59
N ALA A 23 -7.85 3.32 -3.06
CA ALA A 23 -6.66 3.23 -3.91
C ALA A 23 -6.53 1.86 -4.54
N PHE A 24 -6.83 0.81 -3.77
CA PHE A 24 -6.75 -0.55 -4.26
C PHE A 24 -7.68 -0.77 -5.45
N ASP A 25 -8.82 -0.09 -5.43
CA ASP A 25 -9.79 -0.19 -6.51
C ASP A 25 -9.13 0.02 -7.85
N ILE A 26 -8.40 1.13 -7.98
CA ILE A 26 -7.72 1.45 -9.23
C ILE A 26 -6.47 0.60 -9.40
N PHE A 27 -5.77 0.33 -8.31
CA PHE A 27 -4.56 -0.46 -8.33
C PHE A 27 -4.85 -1.88 -8.84
N VAL A 28 -6.05 -2.36 -8.55
CA VAL A 28 -6.46 -3.70 -8.98
C VAL A 28 -7.42 -3.62 -10.16
N LEU A 29 -7.33 -2.54 -10.93
CA LEU A 29 -8.21 -2.35 -12.08
C LEU A 29 -8.07 -3.53 -13.05
N GLY A 30 -9.20 -4.13 -13.40
CA GLY A 30 -9.20 -5.26 -14.31
C GLY A 30 -9.08 -6.58 -13.59
N ALA A 31 -8.27 -6.62 -12.55
CA ALA A 31 -8.08 -7.85 -11.78
C ALA A 31 -9.41 -8.44 -11.35
N GLU A 32 -9.70 -9.65 -11.83
CA GLU A 32 -10.95 -10.33 -11.49
C GLU A 32 -11.01 -10.65 -10.01
N ASP A 33 -9.86 -10.98 -9.42
CA ASP A 33 -9.79 -11.30 -8.00
C ASP A 33 -9.66 -10.04 -7.16
N GLY A 34 -9.37 -8.92 -7.83
CA GLY A 34 -9.23 -7.66 -7.12
C GLY A 34 -7.91 -7.55 -6.39
N CYS A 35 -6.88 -8.18 -6.93
CA CYS A 35 -5.55 -8.16 -6.31
C CYS A 35 -4.55 -7.45 -7.21
N ILE A 36 -3.40 -7.09 -6.63
CA ILE A 36 -2.35 -6.40 -7.38
C ILE A 36 -1.24 -7.36 -7.78
N SER A 37 -1.06 -7.53 -9.08
CA SER A 37 -0.02 -8.42 -9.59
C SER A 37 0.98 -7.66 -10.46
N THR A 38 1.84 -8.41 -11.15
CA THR A 38 2.85 -7.80 -12.01
C THR A 38 2.20 -6.99 -13.12
N LYS A 39 1.04 -7.45 -13.58
CA LYS A 39 0.32 -6.76 -14.65
C LYS A 39 -0.28 -5.45 -14.15
N GLU A 40 -1.07 -5.53 -13.08
CA GLU A 40 -1.69 -4.35 -12.51
C GLU A 40 -0.65 -3.38 -11.97
N LEU A 41 0.26 -3.90 -11.15
CA LEU A 41 1.32 -3.08 -10.57
C LEU A 41 2.10 -2.35 -11.66
N GLY A 42 2.49 -3.08 -12.70
CA GLY A 42 3.23 -2.49 -13.79
C GLY A 42 2.51 -1.33 -14.43
N LYS A 43 1.18 -1.40 -14.45
CA LYS A 43 0.36 -0.34 -15.04
C LYS A 43 0.42 0.93 -14.18
N VAL A 44 0.13 0.78 -12.90
CA VAL A 44 0.15 1.91 -11.97
C VAL A 44 1.56 2.48 -11.83
N MET A 45 2.52 1.59 -11.55
CA MET A 45 3.92 2.00 -11.39
C MET A 45 4.35 2.92 -12.53
N ARG A 46 4.10 2.47 -13.76
CA ARG A 46 4.47 3.26 -14.93
C ARG A 46 3.76 4.61 -14.93
N MET A 47 2.55 4.63 -14.39
CA MET A 47 1.77 5.86 -14.33
C MET A 47 2.28 6.78 -13.22
N LEU A 48 2.82 6.17 -12.16
CA LEU A 48 3.34 6.93 -11.04
C LEU A 48 4.41 7.92 -11.49
N GLY A 49 5.11 7.57 -12.57
CA GLY A 49 6.15 8.44 -13.10
C GLY A 49 7.50 7.75 -13.19
N GLN A 50 7.46 6.43 -13.37
CA GLN A 50 8.68 5.65 -13.47
C GLN A 50 8.58 4.64 -14.62
N ASN A 51 9.58 3.76 -14.72
CA ASN A 51 9.61 2.76 -15.78
C ASN A 51 10.31 1.49 -15.29
N PRO A 52 9.66 0.77 -14.36
CA PRO A 52 10.20 -0.47 -13.80
C PRO A 52 10.22 -1.61 -14.82
N THR A 53 10.86 -2.72 -14.45
CA THR A 53 10.93 -3.88 -15.34
C THR A 53 9.94 -4.96 -14.91
N PRO A 54 9.65 -5.89 -15.83
CA PRO A 54 8.72 -6.98 -15.57
C PRO A 54 9.28 -8.01 -14.60
N GLU A 55 10.60 -8.15 -14.59
CA GLU A 55 11.28 -9.09 -13.70
C GLU A 55 11.35 -8.53 -12.28
N GLU A 56 11.58 -7.24 -12.17
CA GLU A 56 11.68 -6.58 -10.87
C GLU A 56 10.30 -6.40 -10.25
N LEU A 57 9.31 -6.14 -11.09
CA LEU A 57 7.94 -5.94 -10.62
C LEU A 57 7.49 -7.11 -9.74
N GLN A 58 7.64 -8.32 -10.26
CA GLN A 58 7.26 -9.52 -9.53
C GLN A 58 7.95 -9.58 -8.17
N GLU A 59 9.18 -9.09 -8.12
CA GLU A 59 9.96 -9.08 -6.88
C GLU A 59 9.27 -8.23 -5.82
N MET A 60 8.64 -7.15 -6.26
CA MET A 60 7.94 -6.24 -5.36
C MET A 60 6.70 -6.92 -4.76
N ILE A 61 5.89 -7.52 -5.63
CA ILE A 61 4.68 -8.20 -5.20
C ILE A 61 4.97 -9.21 -4.11
N ASP A 62 5.87 -10.14 -4.40
CA ASP A 62 6.24 -11.17 -3.45
C ASP A 62 6.93 -10.56 -2.22
N GLU A 63 7.64 -9.46 -2.45
CA GLU A 63 8.35 -8.78 -1.37
C GLU A 63 7.37 -8.25 -0.32
N VAL A 64 6.12 -8.03 -0.75
CA VAL A 64 5.09 -7.52 0.15
C VAL A 64 4.05 -8.59 0.45
N ASP A 65 3.91 -9.56 -0.46
CA ASP A 65 2.95 -10.63 -0.29
C ASP A 65 3.28 -11.47 0.95
N GLU A 66 2.27 -11.70 1.78
CA GLU A 66 2.45 -12.47 3.00
C GLU A 66 2.50 -13.97 2.69
N ASP A 67 1.73 -14.39 1.71
CA ASP A 67 1.68 -15.79 1.32
C ASP A 67 2.59 -16.05 0.11
N GLY A 68 2.74 -15.03 -0.73
CA GLY A 68 3.59 -15.17 -1.91
C GLY A 68 2.88 -15.90 -3.04
N SER A 69 1.60 -15.64 -3.20
CA SER A 69 0.81 -16.28 -4.25
C SER A 69 1.07 -15.63 -5.62
N GLY A 70 1.49 -14.36 -5.61
CA GLY A 70 1.76 -13.66 -6.85
C GLY A 70 1.00 -12.35 -6.96
N THR A 71 0.09 -12.12 -6.02
CA THR A 71 -0.71 -10.90 -6.02
C THR A 71 -0.80 -10.31 -4.62
N VAL A 72 -1.31 -9.08 -4.53
CA VAL A 72 -1.45 -8.41 -3.24
C VAL A 72 -2.90 -7.96 -3.02
N ASP A 73 -3.47 -8.37 -1.89
CA ASP A 73 -4.84 -8.01 -1.55
C ASP A 73 -4.89 -6.64 -0.87
N PHE A 74 -6.08 -6.28 -0.39
CA PHE A 74 -6.27 -4.99 0.27
C PHE A 74 -5.51 -4.95 1.61
N ASP A 75 -5.34 -6.11 2.21
CA ASP A 75 -4.63 -6.22 3.49
C ASP A 75 -3.12 -6.21 3.29
N GLU A 76 -2.67 -6.96 2.28
CA GLU A 76 -1.24 -7.05 1.99
C GLU A 76 -0.71 -5.70 1.49
N PHE A 77 -1.63 -4.79 1.19
CA PHE A 77 -1.25 -3.47 0.69
C PHE A 77 -1.02 -2.50 1.86
N LEU A 78 -1.71 -2.75 2.97
CA LEU A 78 -1.57 -1.90 4.16
C LEU A 78 -0.25 -2.19 4.87
N VAL A 79 0.10 -3.46 4.98
CA VAL A 79 1.33 -3.87 5.64
C VAL A 79 2.53 -3.13 5.06
N MET A 80 2.56 -3.01 3.74
CA MET A 80 3.65 -2.33 3.05
C MET A 80 3.40 -0.82 2.99
N MET A 81 2.14 -0.44 2.94
CA MET A 81 1.76 0.97 2.88
C MET A 81 2.24 1.70 4.13
N VAL A 82 2.25 1.00 5.26
CA VAL A 82 2.68 1.59 6.53
C VAL A 82 4.17 1.93 6.49
N ARG A 83 4.97 1.00 5.96
CA ARG A 83 6.41 1.20 5.87
C ARG A 83 6.77 2.08 4.68
N CYS A 84 5.97 1.99 3.62
CA CYS A 84 6.20 2.78 2.42
C CYS A 84 6.32 4.26 2.75
N MET A 85 5.33 4.77 3.49
CA MET A 85 5.31 6.18 3.88
C MET A 85 6.42 6.47 4.89
N LYS A 86 6.76 5.48 5.70
CA LYS A 86 7.80 5.63 6.71
C LYS A 86 9.15 5.24 6.15
N ASP A 87 9.22 5.09 4.83
CA ASP A 87 10.47 4.72 4.16
C ASP A 87 11.16 3.58 4.90
N ASP A 88 10.36 2.68 5.48
CA ASP A 88 10.89 1.54 6.21
C ASP A 88 10.66 0.24 5.44
N SER A 89 10.67 0.33 4.11
CA SER A 89 10.46 -0.83 3.25
C SER A 89 11.74 -1.65 3.12
N LYS A 90 12.87 -0.96 3.11
CA LYS A 90 14.16 -1.62 2.99
C LYS A 90 15.16 -1.06 4.01
N GLY A 91 15.13 0.25 4.20
CA GLY A 91 16.03 0.89 5.14
C GLY A 91 17.21 1.56 4.46
N ALA A 92 16.93 2.32 3.40
CA ALA A 92 17.97 3.01 2.68
C ALA A 92 19.00 2.02 2.11
N GLY A 93 18.61 1.33 1.05
CA GLY A 93 19.50 0.37 0.43
C GLY A 93 19.79 0.70 -1.03
N ALA A 94 18.78 0.55 -1.88
CA ALA A 94 18.94 0.84 -3.31
C ALA A 94 18.07 2.02 -3.72
N GLY A 95 18.48 2.70 -4.79
CA GLY A 95 17.73 3.84 -5.27
C GLY A 95 16.26 3.54 -5.47
N VAL A 96 15.97 2.31 -5.88
CA VAL A 96 14.59 1.89 -6.11
C VAL A 96 13.76 2.03 -4.84
N ARG A 97 12.64 2.74 -4.96
CA ARG A 97 11.75 2.96 -3.82
C ARG A 97 10.46 3.65 -4.26
N ILE A 98 9.32 3.03 -3.95
CA ILE A 98 8.03 3.59 -4.31
C ILE A 98 7.51 4.53 -3.23
N SER A 99 6.93 5.65 -3.65
CA SER A 99 6.40 6.63 -2.72
C SER A 99 4.94 6.33 -2.39
N ALA A 100 4.67 6.08 -1.12
CA ALA A 100 3.32 5.77 -0.66
C ALA A 100 2.37 6.93 -0.95
N ASP A 101 2.75 8.12 -0.52
CA ASP A 101 1.94 9.31 -0.74
C ASP A 101 1.75 9.58 -2.24
N ALA A 102 2.85 9.46 -3.00
CA ALA A 102 2.81 9.69 -4.43
C ALA A 102 1.92 8.66 -5.12
N MET A 103 1.88 7.45 -4.58
CA MET A 103 1.07 6.38 -5.15
C MET A 103 -0.41 6.77 -5.16
N MET A 104 -0.94 7.12 -3.99
CA MET A 104 -2.33 7.50 -3.87
C MET A 104 -2.69 8.58 -4.89
N GLN A 105 -1.76 9.52 -5.10
CA GLN A 105 -1.98 10.60 -6.04
C GLN A 105 -2.40 10.06 -7.42
N ALA A 106 -1.99 8.83 -7.70
CA ALA A 106 -2.32 8.19 -8.97
C ALA A 106 -3.69 7.51 -8.90
N LEU A 107 -3.88 6.67 -7.89
CA LEU A 107 -5.13 5.96 -7.71
C LEU A 107 -6.29 6.93 -7.51
N LEU A 108 -6.36 7.51 -6.31
CA LEU A 108 -7.43 8.46 -5.99
C LEU A 108 -6.98 9.88 -6.29
N GLY A 109 -5.85 10.29 -5.72
CA GLY A 109 -5.33 11.62 -5.94
C GLY A 109 -4.80 12.26 -4.68
N ALA A 110 -5.07 13.55 -4.51
CA ALA A 110 -4.61 14.28 -3.33
C ALA A 110 -5.67 14.29 -2.24
N ARG A 111 -6.47 13.23 -2.19
CA ARG A 111 -7.53 13.12 -1.19
C ARG A 111 -6.97 12.62 0.14
N ALA A 112 -5.97 11.77 0.07
CA ALA A 112 -5.35 11.22 1.28
C ALA A 112 -4.17 12.09 1.73
N LYS A 113 -4.45 13.34 2.08
CA LYS A 113 -3.42 14.26 2.52
C LYS A 113 -3.08 14.04 4.00
N GLU A 114 -3.97 14.47 4.87
CA GLU A 114 -3.76 14.32 6.31
C GLU A 114 -4.88 13.48 6.93
N SER A 115 -6.09 13.65 6.42
CA SER A 115 -7.24 12.91 6.92
C SER A 115 -6.96 11.42 6.95
N LEU A 116 -6.12 10.96 6.04
CA LEU A 116 -5.76 9.54 5.96
C LEU A 116 -5.34 9.02 7.33
N ASP A 117 -4.73 9.89 8.13
CA ASP A 117 -4.29 9.51 9.47
C ASP A 117 -5.22 10.06 10.53
N LEU A 118 -6.49 9.65 10.46
CA LEU A 118 -7.49 10.09 11.42
C LEU A 118 -7.18 9.59 12.82
N ARG A 119 -6.29 8.60 12.90
CA ARG A 119 -5.90 8.01 14.18
C ARG A 119 -5.50 9.11 15.17
N ALA A 120 -4.87 10.17 14.65
CA ALA A 120 -4.44 11.28 15.48
C ALA A 120 -5.63 11.95 16.16
N HIS A 121 -6.75 12.02 15.45
CA HIS A 121 -7.96 12.65 15.98
C HIS A 121 -8.30 12.09 17.36
N LEU A 122 -8.74 10.83 17.39
CA LEU A 122 -9.10 10.17 18.64
C LEU A 122 -9.55 8.74 18.39
N LYS A 123 -8.80 7.79 18.92
CA LYS A 123 -9.12 6.37 18.76
C LYS A 123 -8.61 5.57 19.95
N GLN A 124 -9.37 5.57 21.04
CA GLN A 124 -8.99 4.83 22.24
C GLN A 124 -8.68 3.38 21.90
N VAL A 125 -8.03 2.69 22.84
CA VAL A 125 -7.68 1.28 22.65
C VAL A 125 -8.81 0.36 23.11
N LYS A 126 -10.02 0.64 22.63
CA LYS A 126 -11.18 -0.16 22.99
C LYS A 126 -11.19 -1.47 22.21
N LYS A 127 -10.20 -2.32 22.47
CA LYS A 127 -10.11 -3.61 21.80
C LYS A 127 -8.97 -4.44 22.38
N GLU A 128 -8.82 -5.67 21.89
CA GLU A 128 -7.77 -6.57 22.37
C GLU A 128 -6.41 -5.89 22.31
N ASP A 129 -5.70 -5.91 23.44
CA ASP A 129 -4.38 -5.29 23.51
C ASP A 129 -3.39 -6.22 24.19
C BQ6 B . 3.69 -1.18 -4.50
C01 BQ6 B . 4.51 -3.77 -3.86
C1 BQ6 B . 12.16 -3.93 -6.55
C02 BQ6 B . 3.28 -3.56 -4.49
C03 BQ6 B . 2.88 -2.27 -4.82
C5 BQ6 B . 11.52 -2.70 -6.01
N6 BQ6 B . 11.24 -2.60 -4.67
C8 BQ6 B . 10.66 -1.38 -4.41
C9 BQ6 B . 10.56 -0.71 -5.61
C11 BQ6 B . 11.10 -1.54 -6.64
C12 BQ6 B . 11.24 -1.27 -8.07
O13 BQ6 B . 11.13 -2.17 -8.91
N14 BQ6 B . 11.50 0.02 -8.46
C15 BQ6 B . 11.42 1.33 -7.83
C18 BQ6 B . 11.51 1.93 -9.26
C19 BQ6 B . 10.15 2.37 -9.83
C23 BQ6 B . 11.95 0.53 -9.74
C26 BQ6 B . 12.51 2.97 -9.41
N27 BQ6 B . 13.32 3.80 -9.52
S28 BQ6 B . 10.21 -0.97 -2.75
O29 BQ6 B . 11.30 -1.49 -1.95
O30 BQ6 B . 9.93 0.45 -2.79
N31 BQ6 B . 8.80 -1.78 -2.25
C33 BQ6 B . 7.59 -1.68 -3.09
C35 BQ6 B . 6.77 -0.45 -2.72
O38 BQ6 B . 5.64 -0.26 -3.59
C41 BQ6 B . 4.91 -1.39 -3.85
C42 BQ6 B . 5.34 -2.68 -3.54
C43 BQ6 B . 6.69 -2.92 -2.89
CL BQ6 B . 2.28 -4.90 -4.87
F BQ6 B . 1.71 -2.05 -5.44
H BQ6 B . 3.37 -0.18 -4.76
H04 BQ6 B . 4.82 -4.79 -3.61
H11 BQ6 B . 11.47 -4.79 -6.50
H12 BQ6 B . 13.06 -4.20 -5.99
H13 BQ6 B . 12.45 -3.79 -7.60
H7 BQ6 B . 11.45 -3.30 -3.97
H10 BQ6 B . 10.17 0.30 -5.71
H17 BQ6 B . 12.27 1.54 -7.17
H16 BQ6 B . 10.48 1.52 -7.30
H22 BQ6 B . 9.72 1.59 -10.46
H20 BQ6 B . 10.26 3.27 -10.45
H21 BQ6 B . 9.45 2.60 -9.03
H25 BQ6 B . 11.41 0.12 -10.59
H24 BQ6 B . 13.03 0.38 -9.88
H33 BQ6 B . 7.85 -1.63 -4.16
H51 BQ6 B . 7.38 0.45 -2.80
H52 BQ6 B . 6.42 -0.48 -1.68
H45 BQ6 B . 6.52 -3.09 -1.83
H44 BQ6 B . 7.18 -3.79 -3.32
CA CA C . -0.97 -13.13 -2.30
N GLY A 1 9.07 -13.04 8.28
CA GLY A 1 9.00 -12.20 9.46
C GLY A 1 7.84 -11.23 9.42
N ASP A 2 8.15 -9.94 9.41
CA ASP A 2 7.12 -8.91 9.38
C ASP A 2 6.22 -8.99 10.61
N ASP A 3 6.74 -8.53 11.74
CA ASP A 3 5.99 -8.55 12.99
C ASP A 3 5.49 -7.16 13.36
N ILE A 4 6.31 -6.15 13.07
CA ILE A 4 5.95 -4.77 13.37
C ILE A 4 5.00 -4.22 12.32
N TYR A 5 5.26 -4.51 11.05
CA TYR A 5 4.44 -4.04 9.96
C TYR A 5 3.05 -4.67 10.02
N LYS A 6 3.01 -6.00 10.14
CA LYS A 6 1.75 -6.72 10.21
C LYS A 6 0.85 -6.15 11.29
N ALA A 7 1.46 -5.65 12.36
CA ALA A 7 0.72 -5.07 13.47
C ALA A 7 0.38 -3.61 13.20
N ALA A 8 1.21 -2.96 12.39
CA ALA A 8 0.99 -1.55 12.05
C ALA A 8 -0.43 -1.32 11.56
N VAL A 9 -0.87 -2.15 10.63
CA VAL A 9 -2.22 -2.04 10.07
C VAL A 9 -3.26 -2.00 11.18
N GLU A 10 -3.02 -2.75 12.24
CA GLU A 10 -3.95 -2.79 13.37
C GLU A 10 -3.99 -1.45 14.09
N GLN A 11 -2.86 -0.77 14.14
CA GLN A 11 -2.77 0.53 14.81
C GLN A 11 -3.52 1.59 14.00
N LEU A 12 -3.52 1.44 12.68
CA LEU A 12 -4.20 2.39 11.80
C LEU A 12 -5.64 2.63 12.27
N THR A 13 -6.28 3.65 11.69
CA THR A 13 -7.65 3.98 12.04
C THR A 13 -8.62 3.49 10.97
N GLU A 14 -9.89 3.39 11.33
CA GLU A 14 -10.92 2.94 10.40
C GLU A 14 -10.86 3.74 9.11
N GLU A 15 -10.50 5.01 9.22
CA GLU A 15 -10.40 5.89 8.05
C GLU A 15 -9.24 5.47 7.14
N GLN A 16 -8.15 5.03 7.77
CA GLN A 16 -6.96 4.62 7.03
C GLN A 16 -7.32 3.54 6.02
N LYS A 17 -7.90 2.44 6.50
CA LYS A 17 -8.29 1.33 5.64
C LYS A 17 -9.09 1.83 4.45
N ASN A 18 -9.98 2.79 4.69
CA ASN A 18 -10.81 3.35 3.64
C ASN A 18 -9.97 4.19 2.67
N GLU A 19 -9.16 5.08 3.22
CA GLU A 19 -8.31 5.95 2.41
C GLU A 19 -7.49 5.13 1.42
N PHE A 20 -6.91 4.03 1.90
CA PHE A 20 -6.10 3.16 1.06
C PHE A 20 -6.97 2.25 0.21
N LYS A 21 -8.14 1.91 0.75
CA LYS A 21 -9.07 1.03 0.03
C LYS A 21 -9.41 1.60 -1.33
N ALA A 22 -9.86 2.86 -1.36
CA ALA A 22 -10.21 3.52 -2.61
C ALA A 22 -9.08 3.40 -3.63
N ALA A 23 -7.85 3.33 -3.13
CA ALA A 23 -6.69 3.22 -4.00
C ALA A 23 -6.61 1.84 -4.65
N PHE A 24 -6.87 0.81 -3.86
CA PHE A 24 -6.84 -0.57 -4.35
C PHE A 24 -7.78 -0.75 -5.53
N ASP A 25 -8.91 -0.04 -5.48
CA ASP A 25 -9.89 -0.12 -6.55
C ASP A 25 -9.26 0.08 -7.91
N ILE A 26 -8.43 1.12 -8.02
CA ILE A 26 -7.74 1.43 -9.26
C ILE A 26 -6.48 0.60 -9.42
N PHE A 27 -5.81 0.33 -8.31
CA PHE A 27 -4.58 -0.46 -8.32
C PHE A 27 -4.85 -1.88 -8.80
N VAL A 28 -6.06 -2.36 -8.53
CA VAL A 28 -6.45 -3.71 -8.94
C VAL A 28 -7.40 -3.67 -10.13
N LEU A 29 -7.35 -2.58 -10.90
CA LEU A 29 -8.20 -2.43 -12.06
C LEU A 29 -8.02 -3.58 -13.04
N GLY A 30 -9.11 -4.27 -13.36
CA GLY A 30 -9.03 -5.38 -14.28
C GLY A 30 -8.80 -6.71 -13.58
N ALA A 31 -8.10 -6.67 -12.46
CA ALA A 31 -7.81 -7.87 -11.69
C ALA A 31 -9.09 -8.68 -11.45
N GLU A 32 -8.98 -10.00 -11.59
CA GLU A 32 -10.11 -10.88 -11.39
C GLU A 32 -10.42 -11.04 -9.90
N ASP A 33 -9.38 -11.04 -9.08
CA ASP A 33 -9.54 -11.18 -7.64
C ASP A 33 -9.25 -9.86 -6.93
N GLY A 34 -9.38 -8.76 -7.67
CA GLY A 34 -9.13 -7.45 -7.09
C GLY A 34 -7.80 -7.38 -6.38
N CYS A 35 -6.82 -8.11 -6.88
CA CYS A 35 -5.49 -8.12 -6.28
C CYS A 35 -4.47 -7.43 -7.19
N ILE A 36 -3.33 -7.06 -6.62
CA ILE A 36 -2.28 -6.39 -7.38
C ILE A 36 -1.19 -7.37 -7.78
N SER A 37 -0.99 -7.52 -9.09
CA SER A 37 0.03 -8.44 -9.61
C SER A 37 1.03 -7.69 -10.48
N THR A 38 1.87 -8.43 -11.18
CA THR A 38 2.88 -7.85 -12.06
C THR A 38 2.24 -7.02 -13.16
N LYS A 39 1.06 -7.44 -13.59
CA LYS A 39 0.33 -6.73 -14.64
C LYS A 39 -0.25 -5.42 -14.12
N GLU A 40 -1.05 -5.50 -13.06
CA GLU A 40 -1.65 -4.32 -12.47
C GLU A 40 -0.59 -3.37 -11.94
N LEU A 41 0.30 -3.90 -11.10
CA LEU A 41 1.37 -3.10 -10.51
C LEU A 41 2.18 -2.39 -11.60
N GLY A 42 2.54 -3.14 -12.64
CA GLY A 42 3.31 -2.57 -13.73
C GLY A 42 2.61 -1.39 -14.38
N LYS A 43 1.28 -1.44 -14.41
CA LYS A 43 0.49 -0.36 -15.00
C LYS A 43 0.57 0.90 -14.16
N VAL A 44 0.25 0.78 -12.87
CA VAL A 44 0.29 1.91 -11.95
C VAL A 44 1.70 2.48 -11.86
N MET A 45 2.67 1.62 -11.56
CA MET A 45 4.06 2.04 -11.43
C MET A 45 4.48 2.90 -12.62
N ARG A 46 4.08 2.49 -13.81
CA ARG A 46 4.42 3.21 -15.03
C ARG A 46 3.68 4.55 -15.08
N MET A 47 2.45 4.57 -14.55
CA MET A 47 1.65 5.78 -14.53
C MET A 47 2.16 6.77 -13.48
N LEU A 48 2.78 6.24 -12.44
CA LEU A 48 3.32 7.07 -11.36
C LEU A 48 4.34 8.05 -11.90
N GLY A 49 5.03 7.66 -12.97
CA GLY A 49 6.03 8.54 -13.57
C GLY A 49 7.38 7.87 -13.67
N GLN A 50 7.39 6.54 -13.81
CA GLN A 50 8.63 5.79 -13.91
C GLN A 50 8.54 4.74 -15.02
N ASN A 51 9.52 3.85 -15.06
CA ASN A 51 9.55 2.79 -16.06
C ASN A 51 10.28 1.55 -15.54
N PRO A 52 9.63 0.84 -14.62
CA PRO A 52 10.19 -0.37 -14.02
C PRO A 52 10.27 -1.54 -15.01
N THR A 53 10.73 -2.69 -14.53
CA THR A 53 10.85 -3.87 -15.37
C THR A 53 9.89 -4.97 -14.92
N PRO A 54 9.62 -5.93 -15.82
CA PRO A 54 8.73 -7.05 -15.53
C PRO A 54 9.33 -8.03 -14.53
N GLU A 55 10.65 -8.13 -14.53
CA GLU A 55 11.35 -9.02 -13.61
C GLU A 55 11.37 -8.45 -12.19
N GLU A 56 11.58 -7.14 -12.10
CA GLU A 56 11.64 -6.47 -10.81
C GLU A 56 10.25 -6.35 -10.19
N LEU A 57 9.26 -6.10 -11.05
CA LEU A 57 7.87 -5.97 -10.59
C LEU A 57 7.47 -7.16 -9.73
N GLN A 58 7.57 -8.36 -10.29
CA GLN A 58 7.22 -9.57 -9.57
C GLN A 58 7.93 -9.63 -8.21
N GLU A 59 9.13 -9.08 -8.16
CA GLU A 59 9.91 -9.06 -6.93
C GLU A 59 9.23 -8.21 -5.87
N MET A 60 8.60 -7.11 -6.30
CA MET A 60 7.91 -6.23 -5.38
C MET A 60 6.68 -6.89 -4.79
N ILE A 61 5.84 -7.47 -5.65
CA ILE A 61 4.63 -8.14 -5.21
C ILE A 61 4.93 -9.16 -4.12
N ASP A 62 5.86 -10.07 -4.40
CA ASP A 62 6.25 -11.10 -3.45
C ASP A 62 6.96 -10.49 -2.25
N GLU A 63 7.66 -9.37 -2.49
CA GLU A 63 8.39 -8.70 -1.42
C GLU A 63 7.43 -8.13 -0.38
N VAL A 64 6.17 -7.99 -0.76
CA VAL A 64 5.14 -7.46 0.14
C VAL A 64 4.10 -8.52 0.47
N ASP A 65 3.91 -9.46 -0.45
CA ASP A 65 2.95 -10.54 -0.25
C ASP A 65 3.22 -11.29 1.05
N GLU A 66 2.17 -11.48 1.84
CA GLU A 66 2.30 -12.18 3.12
C GLU A 66 2.29 -13.69 2.92
N ASP A 67 1.45 -14.15 2.00
CA ASP A 67 1.34 -15.57 1.70
C ASP A 67 2.25 -15.96 0.54
N GLY A 68 2.43 -15.02 -0.40
CA GLY A 68 3.27 -15.29 -1.56
C GLY A 68 2.52 -16.02 -2.66
N SER A 69 1.28 -15.63 -2.87
CA SER A 69 0.45 -16.25 -3.91
C SER A 69 0.78 -15.68 -5.29
N GLY A 70 1.29 -14.44 -5.32
CA GLY A 70 1.64 -13.82 -6.59
C GLY A 70 1.01 -12.45 -6.75
N THR A 71 0.06 -12.14 -5.88
CA THR A 71 -0.64 -10.85 -5.93
C THR A 71 -0.74 -10.23 -4.53
N VAL A 72 -1.33 -9.04 -4.46
CA VAL A 72 -1.49 -8.34 -3.20
C VAL A 72 -2.93 -7.88 -3.01
N ASP A 73 -3.51 -8.24 -1.87
CA ASP A 73 -4.89 -7.86 -1.57
C ASP A 73 -4.94 -6.49 -0.89
N PHE A 74 -6.12 -6.14 -0.37
CA PHE A 74 -6.29 -4.86 0.31
C PHE A 74 -5.55 -4.84 1.64
N ASP A 75 -5.39 -6.01 2.24
CA ASP A 75 -4.69 -6.12 3.52
C ASP A 75 -3.18 -6.16 3.31
N GLU A 76 -2.74 -6.91 2.30
CA GLU A 76 -1.32 -7.03 2.00
C GLU A 76 -0.75 -5.70 1.51
N PHE A 77 -1.65 -4.77 1.20
CA PHE A 77 -1.24 -3.45 0.71
C PHE A 77 -0.97 -2.50 1.87
N LEU A 78 -1.68 -2.70 2.98
CA LEU A 78 -1.52 -1.87 4.16
C LEU A 78 -0.21 -2.18 4.88
N VAL A 79 0.09 -3.47 5.02
CA VAL A 79 1.31 -3.90 5.68
C VAL A 79 2.54 -3.19 5.09
N MET A 80 2.57 -3.08 3.77
CA MET A 80 3.68 -2.42 3.09
C MET A 80 3.47 -0.91 3.04
N MET A 81 2.22 -0.49 2.84
CA MET A 81 1.88 0.92 2.77
C MET A 81 2.41 1.66 4.00
N VAL A 82 2.39 0.99 5.15
CA VAL A 82 2.86 1.59 6.39
C VAL A 82 4.36 1.90 6.32
N ARG A 83 5.14 0.93 5.88
CA ARG A 83 6.59 1.10 5.76
C ARG A 83 6.93 1.96 4.55
N CYS A 84 6.06 1.93 3.54
CA CYS A 84 6.27 2.70 2.33
C CYS A 84 6.43 4.18 2.64
N MET A 85 5.48 4.72 3.40
CA MET A 85 5.52 6.13 3.77
C MET A 85 6.54 6.38 4.87
N LYS A 86 6.71 5.40 5.74
CA LYS A 86 7.67 5.51 6.84
C LYS A 86 9.11 5.43 6.32
N ASP A 87 9.26 4.98 5.07
CA ASP A 87 10.58 4.85 4.46
C ASP A 87 11.41 3.80 5.17
N ASP A 88 10.73 2.85 5.81
CA ASP A 88 11.41 1.77 6.53
C ASP A 88 11.09 0.42 5.91
N SER A 89 10.80 0.42 4.61
CA SER A 89 10.46 -0.81 3.90
C SER A 89 11.73 -1.57 3.51
N LYS A 90 12.79 -0.83 3.18
CA LYS A 90 14.06 -1.44 2.79
C LYS A 90 15.09 -1.28 3.89
N GLY A 91 15.11 -0.11 4.52
CA GLY A 91 16.05 0.15 5.59
C GLY A 91 17.45 0.47 5.07
N ALA A 92 18.01 -0.48 4.32
CA ALA A 92 19.35 -0.30 3.77
C ALA A 92 19.44 0.98 2.95
N GLY A 93 18.88 0.95 1.75
CA GLY A 93 18.89 2.11 0.88
C GLY A 93 19.23 1.76 -0.55
N ALA A 94 18.31 1.06 -1.22
CA ALA A 94 18.51 0.66 -2.61
C ALA A 94 18.01 1.73 -3.56
N GLY A 95 18.61 1.79 -4.75
CA GLY A 95 18.22 2.78 -5.73
C GLY A 95 16.72 2.79 -5.97
N VAL A 96 16.10 1.62 -5.89
CA VAL A 96 14.66 1.50 -6.10
C VAL A 96 13.89 1.88 -4.85
N ARG A 97 12.89 2.74 -5.01
CA ARG A 97 12.08 3.18 -3.89
C ARG A 97 10.76 3.80 -4.38
N ILE A 98 9.65 3.32 -3.84
CA ILE A 98 8.34 3.82 -4.22
C ILE A 98 7.79 4.79 -3.18
N SER A 99 6.96 5.72 -3.61
CA SER A 99 6.37 6.71 -2.72
C SER A 99 4.91 6.38 -2.43
N ALA A 100 4.63 6.01 -1.19
CA ALA A 100 3.27 5.66 -0.79
C ALA A 100 2.31 6.81 -1.07
N ASP A 101 2.63 8.00 -0.56
CA ASP A 101 1.81 9.17 -0.76
C ASP A 101 1.66 9.49 -2.25
N ALA A 102 2.75 9.35 -2.98
CA ALA A 102 2.76 9.63 -4.42
C ALA A 102 1.87 8.63 -5.16
N MET A 103 1.83 7.40 -4.67
CA MET A 103 1.03 6.35 -5.29
C MET A 103 -0.44 6.73 -5.29
N MET A 104 -0.96 7.08 -4.12
CA MET A 104 -2.37 7.46 -3.99
C MET A 104 -2.72 8.55 -4.98
N GLN A 105 -1.81 9.49 -5.20
CA GLN A 105 -2.04 10.57 -6.13
C GLN A 105 -2.45 10.05 -7.50
N ALA A 106 -2.05 8.81 -7.80
CA ALA A 106 -2.38 8.19 -9.07
C ALA A 106 -3.74 7.50 -9.01
N LEU A 107 -3.93 6.65 -8.02
CA LEU A 107 -5.19 5.94 -7.85
C LEU A 107 -6.35 6.91 -7.65
N LEU A 108 -6.43 7.48 -6.45
CA LEU A 108 -7.49 8.43 -6.12
C LEU A 108 -7.04 9.86 -6.41
N GLY A 109 -5.91 10.24 -5.84
CA GLY A 109 -5.38 11.58 -6.06
C GLY A 109 -4.88 12.21 -4.77
N ALA A 110 -5.08 13.52 -4.63
CA ALA A 110 -4.63 14.24 -3.45
C ALA A 110 -5.75 14.33 -2.41
N ARG A 111 -6.58 13.31 -2.35
CA ARG A 111 -7.69 13.27 -1.41
C ARG A 111 -7.23 12.74 -0.05
N ALA A 112 -6.29 11.82 -0.08
CA ALA A 112 -5.76 11.22 1.15
C ALA A 112 -4.81 12.18 1.86
N LYS A 113 -5.36 13.27 2.37
CA LYS A 113 -4.57 14.27 3.07
C LYS A 113 -5.31 14.78 4.31
N GLU A 114 -6.31 15.63 4.08
CA GLU A 114 -7.10 16.19 5.18
C GLU A 114 -7.74 15.08 6.01
N SER A 115 -8.08 13.97 5.35
CA SER A 115 -8.71 12.84 6.02
C SER A 115 -7.89 11.57 5.82
N LEU A 116 -6.58 11.69 5.96
CA LEU A 116 -5.68 10.55 5.80
C LEU A 116 -5.38 9.90 7.15
N ASP A 117 -5.32 10.71 8.19
CA ASP A 117 -5.05 10.22 9.53
C ASP A 117 -6.13 10.67 10.52
N LEU A 118 -6.92 9.72 11.01
CA LEU A 118 -7.98 10.02 11.95
C LEU A 118 -7.68 9.42 13.32
N ARG A 119 -6.76 8.46 13.35
CA ARG A 119 -6.38 7.81 14.60
C ARG A 119 -6.08 8.83 15.69
N ALA A 120 -5.53 9.96 15.27
CA ALA A 120 -5.19 11.03 16.21
C ALA A 120 -6.42 11.82 16.62
N HIS A 121 -7.35 11.99 15.68
CA HIS A 121 -8.59 12.72 15.95
C HIS A 121 -9.34 12.12 17.13
N LEU A 122 -9.85 10.90 16.95
CA LEU A 122 -10.58 10.22 18.00
C LEU A 122 -10.33 8.72 17.95
N LYS A 123 -11.00 7.98 18.82
CA LYS A 123 -10.85 6.53 18.88
C LYS A 123 -9.44 6.15 19.33
N GLN A 124 -9.05 6.63 20.51
CA GLN A 124 -7.73 6.35 21.04
C GLN A 124 -7.74 5.06 21.86
N VAL A 125 -6.67 4.82 22.59
CA VAL A 125 -6.55 3.61 23.41
C VAL A 125 -7.24 3.81 24.76
N LYS A 126 -8.51 4.18 24.72
CA LYS A 126 -9.28 4.40 25.94
C LYS A 126 -10.76 4.17 25.70
N LYS A 127 -11.56 4.33 26.74
CA LYS A 127 -13.01 4.14 26.64
C LYS A 127 -13.76 5.28 27.32
N GLU A 128 -14.98 5.54 26.87
CA GLU A 128 -15.80 6.60 27.44
C GLU A 128 -17.25 6.14 27.60
N ASP A 129 -18.12 7.06 28.01
CA ASP A 129 -19.52 6.76 28.20
C ASP A 129 -20.40 7.89 27.67
C BQ6 B . 3.69 -1.13 -4.49
C01 BQ6 B . 4.49 -3.74 -3.87
C1 BQ6 B . 12.03 -3.90 -6.77
C02 BQ6 B . 3.25 -3.51 -4.47
C03 BQ6 B . 2.85 -2.21 -4.78
C5 BQ6 B . 11.48 -2.64 -6.19
N6 BQ6 B . 11.18 -2.55 -4.86
C8 BQ6 B . 10.70 -1.31 -4.55
C9 BQ6 B . 10.71 -0.58 -5.74
C11 BQ6 B . 11.19 -1.42 -6.79
C12 BQ6 B . 11.42 -1.11 -8.20
O13 BQ6 B . 11.35 -1.98 -9.06
N14 BQ6 B . 11.69 0.20 -8.54
C15 BQ6 B . 11.56 1.49 -7.89
C18 BQ6 B . 11.72 2.12 -9.29
C19 BQ6 B . 10.41 2.57 -9.94
C23 BQ6 B . 12.22 0.74 -9.77
C26 BQ6 B . 12.74 3.17 -9.35
N27 BQ6 B . 13.53 4.00 -9.40
S28 BQ6 B . 10.23 -0.92 -2.91
O29 BQ6 B . 11.35 -1.39 -2.11
O30 BQ6 B . 9.90 0.49 -2.94
N31 BQ6 B . 8.86 -1.78 -2.41
C33 BQ6 B . 7.61 -1.68 -3.21
C35 BQ6 B . 6.82 -0.43 -2.81
O38 BQ6 B . 5.68 -0.23 -3.64
C41 BQ6 B . 4.92 -1.36 -3.88
C42 BQ6 B . 5.36 -2.66 -3.59
C43 BQ6 B . 6.71 -2.90 -2.98
CL BQ6 B . 2.23 -4.85 -4.83
F BQ6 B . 1.66 -1.99 -5.36
H BQ6 B . 3.36 -0.13 -4.73
H04 BQ6 B . 4.82 -4.75 -3.65
H11 BQ6 B . 11.32 -4.73 -6.63
H12 BQ6 B . 12.98 -4.19 -6.28
H13 BQ6 B . 12.22 -3.78 -7.83
H7 BQ6 B . 11.30 -3.30 -4.18
H10 BQ6 B . 10.41 0.45 -5.81
H17 BQ6 B . 12.37 1.69 -7.18
H16 BQ6 B . 10.59 1.66 -7.40
H22 BQ6 B . 9.76 1.71 -10.13
H20 BQ6 B . 10.59 3.08 -10.89
H21 BQ6 B . 9.87 3.27 -9.28
H25 BQ6 B . 11.73 0.34 -10.67
H24 BQ6 B . 13.31 0.60 -9.85
H33 BQ6 B . 7.85 -1.61 -4.28
H51 BQ6 B . 7.44 0.46 -2.91
H52 BQ6 B . 6.50 -0.47 -1.76
H45 BQ6 B . 6.59 -3.08 -1.92
H44 BQ6 B . 7.19 -3.79 -3.44
CA CA C . -0.98 -12.86 -2.22
N GLY A 1 11.67 -10.43 8.04
CA GLY A 1 10.89 -10.36 9.25
C GLY A 1 9.90 -9.20 9.23
N ASP A 2 8.62 -9.52 9.33
CA ASP A 2 7.58 -8.50 9.32
C ASP A 2 6.58 -8.73 10.46
N ASP A 3 7.00 -8.38 11.68
CA ASP A 3 6.16 -8.54 12.85
C ASP A 3 5.51 -7.22 13.24
N ILE A 4 6.25 -6.12 13.10
CA ILE A 4 5.74 -4.81 13.44
C ILE A 4 4.85 -4.26 12.33
N TYR A 5 5.30 -4.44 11.08
CA TYR A 5 4.54 -3.96 9.93
C TYR A 5 3.18 -4.66 9.84
N LYS A 6 3.21 -5.99 9.85
CA LYS A 6 1.99 -6.78 9.76
C LYS A 6 1.01 -6.38 10.87
N ALA A 7 1.55 -5.97 12.01
CA ALA A 7 0.73 -5.55 13.13
C ALA A 7 0.23 -4.12 12.96
N ALA A 8 1.01 -3.31 12.25
CA ALA A 8 0.65 -1.92 12.01
C ALA A 8 -0.78 -1.82 11.48
N VAL A 9 -1.10 -2.65 10.50
CA VAL A 9 -2.44 -2.65 9.90
C VAL A 9 -3.51 -2.74 10.97
N GLU A 10 -3.21 -3.46 12.04
CA GLU A 10 -4.16 -3.62 13.14
C GLU A 10 -4.37 -2.31 13.89
N GLN A 11 -3.31 -1.51 13.98
CA GLN A 11 -3.38 -0.23 14.67
C GLN A 11 -4.16 0.78 13.85
N LEU A 12 -4.13 0.63 12.53
CA LEU A 12 -4.83 1.53 11.63
C LEU A 12 -6.30 1.70 12.06
N THR A 13 -6.97 2.68 11.48
CA THR A 13 -8.36 2.95 11.80
C THR A 13 -9.25 2.85 10.56
N GLU A 14 -10.55 2.90 10.76
CA GLU A 14 -11.51 2.82 9.66
C GLU A 14 -11.20 3.87 8.59
N GLU A 15 -10.82 5.06 9.04
CA GLU A 15 -10.50 6.16 8.13
C GLU A 15 -9.26 5.82 7.29
N GLN A 16 -8.30 5.14 7.91
CA GLN A 16 -7.07 4.77 7.23
C GLN A 16 -7.34 3.68 6.19
N LYS A 17 -8.00 2.62 6.61
CA LYS A 17 -8.32 1.51 5.72
C LYS A 17 -9.08 1.99 4.50
N ASN A 18 -9.98 2.96 4.71
CA ASN A 18 -10.78 3.51 3.63
C ASN A 18 -9.92 4.36 2.70
N GLU A 19 -9.12 5.24 3.29
CA GLU A 19 -8.24 6.12 2.51
C GLU A 19 -7.40 5.31 1.53
N PHE A 20 -6.86 4.20 1.99
CA PHE A 20 -6.04 3.33 1.15
C PHE A 20 -6.91 2.41 0.30
N LYS A 21 -8.07 2.06 0.82
CA LYS A 21 -9.00 1.19 0.10
C LYS A 21 -9.33 1.76 -1.28
N ALA A 22 -9.77 3.01 -1.30
CA ALA A 22 -10.12 3.67 -2.55
C ALA A 22 -8.98 3.55 -3.57
N ALA A 23 -7.75 3.46 -3.07
CA ALA A 23 -6.58 3.33 -3.93
C ALA A 23 -6.51 1.96 -4.56
N PHE A 24 -6.79 0.93 -3.77
CA PHE A 24 -6.75 -0.45 -4.25
C PHE A 24 -7.71 -0.64 -5.42
N ASP A 25 -8.84 0.07 -5.37
CA ASP A 25 -9.85 -0.02 -6.42
C ASP A 25 -9.21 0.16 -7.80
N ILE A 26 -8.38 1.19 -7.92
CA ILE A 26 -7.71 1.47 -9.18
C ILE A 26 -6.46 0.62 -9.35
N PHE A 27 -5.75 0.38 -8.25
CA PHE A 27 -4.54 -0.43 -8.27
C PHE A 27 -4.85 -1.85 -8.73
N VAL A 28 -6.05 -2.32 -8.43
CA VAL A 28 -6.47 -3.67 -8.81
C VAL A 28 -7.43 -3.64 -9.99
N LEU A 29 -7.36 -2.56 -10.77
CA LEU A 29 -8.23 -2.40 -11.94
C LEU A 29 -8.03 -3.55 -12.92
N GLY A 30 -9.11 -4.24 -13.25
CA GLY A 30 -9.03 -5.34 -14.19
C GLY A 30 -8.80 -6.67 -13.49
N ALA A 31 -8.12 -6.64 -12.35
CA ALA A 31 -7.84 -7.84 -11.59
C ALA A 31 -9.10 -8.66 -11.37
N GLU A 32 -8.98 -9.98 -11.49
CA GLU A 32 -10.11 -10.88 -11.31
C GLU A 32 -10.45 -11.03 -9.84
N ASP A 33 -9.42 -11.01 -8.99
CA ASP A 33 -9.61 -11.15 -7.56
C ASP A 33 -9.35 -9.82 -6.84
N GLY A 34 -9.49 -8.72 -7.58
CA GLY A 34 -9.28 -7.41 -7.01
C GLY A 34 -7.96 -7.31 -6.26
N CYS A 35 -6.92 -7.94 -6.81
CA CYS A 35 -5.61 -7.92 -6.20
C CYS A 35 -4.59 -7.21 -7.09
N ILE A 36 -3.40 -7.00 -6.57
CA ILE A 36 -2.34 -6.32 -7.32
C ILE A 36 -1.23 -7.30 -7.70
N SER A 37 -1.04 -7.50 -9.00
CA SER A 37 -0.02 -8.40 -9.49
C SER A 37 0.96 -7.68 -10.40
N THR A 38 1.81 -8.43 -11.08
CA THR A 38 2.81 -7.86 -11.97
C THR A 38 2.15 -7.07 -13.09
N LYS A 39 0.96 -7.51 -13.51
CA LYS A 39 0.22 -6.83 -14.57
C LYS A 39 -0.36 -5.52 -14.07
N GLU A 40 -1.14 -5.58 -13.00
CA GLU A 40 -1.75 -4.38 -12.42
C GLU A 40 -0.69 -3.41 -11.93
N LEU A 41 0.22 -3.90 -11.11
CA LEU A 41 1.29 -3.08 -10.57
C LEU A 41 2.08 -2.39 -11.68
N GLY A 42 2.43 -3.16 -12.71
CA GLY A 42 3.18 -2.61 -13.83
C GLY A 42 2.45 -1.45 -14.48
N LYS A 43 1.13 -1.49 -14.45
CA LYS A 43 0.32 -0.43 -15.05
C LYS A 43 0.39 0.85 -14.21
N VAL A 44 0.10 0.73 -12.93
CA VAL A 44 0.15 1.87 -12.01
C VAL A 44 1.55 2.42 -11.88
N MET A 45 2.51 1.53 -11.61
CA MET A 45 3.90 1.94 -11.47
C MET A 45 4.33 2.84 -12.62
N ARG A 46 4.08 2.39 -13.84
CA ARG A 46 4.45 3.15 -15.03
C ARG A 46 3.75 4.51 -15.04
N MET A 47 2.55 4.55 -14.48
CA MET A 47 1.77 5.78 -14.42
C MET A 47 2.29 6.70 -13.32
N LEU A 48 2.84 6.10 -12.26
CA LEU A 48 3.38 6.87 -11.14
C LEU A 48 4.45 7.84 -11.61
N GLY A 49 5.14 7.49 -12.70
CA GLY A 49 6.18 8.34 -13.23
C GLY A 49 7.52 7.64 -13.33
N GLN A 50 7.48 6.32 -13.50
CA GLN A 50 8.69 5.53 -13.61
C GLN A 50 8.57 4.51 -14.74
N ASN A 51 9.56 3.63 -14.84
CA ASN A 51 9.57 2.59 -15.88
C ASN A 51 10.28 1.34 -15.40
N PRO A 52 9.63 0.63 -14.45
CA PRO A 52 10.18 -0.60 -13.88
C PRO A 52 10.17 -1.75 -14.89
N THR A 53 10.81 -2.86 -14.51
CA THR A 53 10.87 -4.03 -15.37
C THR A 53 9.87 -5.10 -14.94
N PRO A 54 9.57 -6.03 -15.85
CA PRO A 54 8.61 -7.11 -15.58
C PRO A 54 9.17 -8.13 -14.59
N GLU A 55 10.49 -8.28 -14.58
CA GLU A 55 11.14 -9.22 -13.67
C GLU A 55 11.22 -8.65 -12.26
N GLU A 56 11.48 -7.35 -12.17
CA GLU A 56 11.59 -6.68 -10.87
C GLU A 56 10.20 -6.48 -10.26
N LEU A 57 9.22 -6.21 -11.10
CA LEU A 57 7.85 -5.99 -10.63
C LEU A 57 7.39 -7.14 -9.74
N GLN A 58 7.64 -8.37 -10.20
CA GLN A 58 7.25 -9.56 -9.44
C GLN A 58 7.96 -9.59 -8.09
N GLU A 59 9.19 -9.10 -8.06
CA GLU A 59 9.97 -9.08 -6.83
C GLU A 59 9.30 -8.20 -5.77
N MET A 60 8.65 -7.14 -6.22
CA MET A 60 7.97 -6.22 -5.31
C MET A 60 6.73 -6.87 -4.73
N ILE A 61 5.93 -7.50 -5.58
CA ILE A 61 4.70 -8.16 -5.15
C ILE A 61 4.99 -9.17 -4.04
N ASP A 62 5.88 -10.11 -4.32
CA ASP A 62 6.25 -11.14 -3.35
C ASP A 62 6.94 -10.52 -2.14
N GLU A 63 7.66 -9.42 -2.37
CA GLU A 63 8.37 -8.74 -1.30
C GLU A 63 7.39 -8.19 -0.26
N VAL A 64 6.15 -7.97 -0.68
CA VAL A 64 5.11 -7.44 0.20
C VAL A 64 4.08 -8.51 0.51
N ASP A 65 3.92 -9.47 -0.39
CA ASP A 65 2.96 -10.54 -0.22
C ASP A 65 3.29 -11.38 1.02
N GLU A 66 2.29 -11.59 1.86
CA GLU A 66 2.49 -12.37 3.08
C GLU A 66 2.48 -13.86 2.78
N ASP A 67 1.64 -14.26 1.82
CA ASP A 67 1.54 -15.67 1.44
C ASP A 67 2.42 -15.97 0.23
N GLY A 68 2.64 -14.95 -0.60
CA GLY A 68 3.47 -15.13 -1.78
C GLY A 68 2.75 -15.85 -2.89
N SER A 69 1.47 -15.56 -3.06
CA SER A 69 0.65 -16.20 -4.10
C SER A 69 0.92 -15.58 -5.47
N GLY A 70 1.37 -14.32 -5.48
CA GLY A 70 1.65 -13.65 -6.74
C GLY A 70 0.94 -12.32 -6.85
N THR A 71 0.03 -12.04 -5.92
CA THR A 71 -0.72 -10.80 -5.92
C THR A 71 -0.79 -10.20 -4.53
N VAL A 72 -1.33 -8.98 -4.44
CA VAL A 72 -1.45 -8.29 -3.17
C VAL A 72 -2.89 -7.83 -2.93
N ASP A 73 -3.45 -8.22 -1.80
CA ASP A 73 -4.82 -7.84 -1.45
C ASP A 73 -4.85 -6.46 -0.79
N PHE A 74 -6.03 -6.06 -0.31
CA PHE A 74 -6.19 -4.78 0.34
C PHE A 74 -5.43 -4.74 1.67
N ASP A 75 -5.26 -5.90 2.29
CA ASP A 75 -4.55 -6.00 3.56
C ASP A 75 -3.05 -6.01 3.34
N GLU A 76 -2.60 -6.77 2.34
CA GLU A 76 -1.18 -6.88 2.03
C GLU A 76 -0.64 -5.54 1.53
N PHE A 77 -1.55 -4.62 1.22
CA PHE A 77 -1.16 -3.30 0.73
C PHE A 77 -0.90 -2.34 1.89
N LEU A 78 -1.58 -2.57 3.00
CA LEU A 78 -1.43 -1.73 4.19
C LEU A 78 -0.12 -2.03 4.89
N VAL A 79 0.22 -3.32 5.02
CA VAL A 79 1.45 -3.73 5.68
C VAL A 79 2.65 -3.01 5.09
N MET A 80 2.67 -2.86 3.77
CA MET A 80 3.76 -2.19 3.09
C MET A 80 3.53 -0.68 3.03
N MET A 81 2.27 -0.28 2.92
CA MET A 81 1.91 1.13 2.86
C MET A 81 2.40 1.86 4.10
N VAL A 82 2.41 1.16 5.23
CA VAL A 82 2.86 1.75 6.50
C VAL A 82 4.35 2.07 6.45
N ARG A 83 5.14 1.14 5.91
CA ARG A 83 6.58 1.33 5.81
C ARG A 83 6.93 2.20 4.61
N CYS A 84 6.08 2.18 3.59
CA CYS A 84 6.29 2.96 2.38
C CYS A 84 6.40 4.45 2.72
N MET A 85 5.43 4.95 3.48
CA MET A 85 5.40 6.35 3.86
C MET A 85 6.53 6.67 4.85
N LYS A 86 6.86 5.69 5.68
CA LYS A 86 7.92 5.86 6.67
C LYS A 86 9.28 5.47 6.09
N ASP A 87 9.30 5.23 4.78
CA ASP A 87 10.53 4.85 4.10
C ASP A 87 11.29 3.78 4.88
N ASP A 88 10.53 2.89 5.54
CA ASP A 88 11.13 1.82 6.32
C ASP A 88 10.90 0.47 5.66
N SER A 89 10.88 0.47 4.33
CA SER A 89 10.66 -0.76 3.57
C SER A 89 11.97 -1.52 3.38
N LYS A 90 13.06 -0.78 3.25
CA LYS A 90 14.38 -1.38 3.07
C LYS A 90 15.36 -0.85 4.10
N GLY A 91 15.36 0.46 4.30
CA GLY A 91 16.26 1.07 5.26
C GLY A 91 17.60 1.43 4.66
N ALA A 92 18.18 0.50 3.90
CA ALA A 92 19.47 0.72 3.27
C ALA A 92 19.47 2.04 2.48
N GLY A 93 18.82 2.03 1.32
CA GLY A 93 18.75 3.21 0.49
C GLY A 93 18.95 2.91 -0.97
N ALA A 94 18.38 1.80 -1.43
CA ALA A 94 18.49 1.39 -2.82
C ALA A 94 17.82 2.40 -3.75
N GLY A 95 18.40 2.60 -4.92
CA GLY A 95 17.85 3.54 -5.88
C GLY A 95 16.38 3.32 -6.12
N VAL A 96 15.93 2.06 -6.04
CA VAL A 96 14.54 1.72 -6.25
C VAL A 96 13.73 1.93 -4.98
N ARG A 97 12.63 2.68 -5.10
CA ARG A 97 11.76 2.96 -3.96
C ARG A 97 10.48 3.65 -4.41
N ILE A 98 9.35 3.08 -4.02
CA ILE A 98 8.05 3.63 -4.38
C ILE A 98 7.54 4.59 -3.31
N SER A 99 6.94 5.69 -3.74
CA SER A 99 6.42 6.69 -2.82
C SER A 99 4.96 6.40 -2.48
N ALA A 100 4.69 6.19 -1.20
CA ALA A 100 3.32 5.90 -0.74
C ALA A 100 2.38 7.06 -1.07
N ASP A 101 2.76 8.25 -0.65
CA ASP A 101 1.95 9.44 -0.89
C ASP A 101 1.78 9.70 -2.39
N ALA A 102 2.88 9.55 -3.13
CA ALA A 102 2.86 9.75 -4.57
C ALA A 102 1.96 8.72 -5.25
N MET A 103 1.92 7.51 -4.70
CA MET A 103 1.12 6.44 -5.26
C MET A 103 -0.36 6.82 -5.28
N MET A 104 -0.89 7.20 -4.11
CA MET A 104 -2.28 7.59 -3.99
C MET A 104 -2.64 8.65 -5.02
N GLN A 105 -1.72 9.58 -5.26
CA GLN A 105 -1.94 10.64 -6.22
C GLN A 105 -2.34 10.08 -7.58
N ALA A 106 -1.95 8.83 -7.83
CA ALA A 106 -2.26 8.17 -9.10
C ALA A 106 -3.63 7.50 -9.04
N LEU A 107 -3.83 6.70 -8.00
CA LEU A 107 -5.10 5.98 -7.83
C LEU A 107 -6.25 6.96 -7.64
N LEU A 108 -6.34 7.55 -6.45
CA LEU A 108 -7.39 8.52 -6.15
C LEU A 108 -6.95 9.94 -6.50
N GLY A 109 -5.80 10.34 -5.97
CA GLY A 109 -5.29 11.67 -6.24
C GLY A 109 -4.85 12.39 -4.98
N ALA A 110 -5.19 13.68 -4.88
CA ALA A 110 -4.83 14.48 -3.71
C ALA A 110 -5.97 14.49 -2.70
N ARG A 111 -6.72 13.41 -2.63
CA ARG A 111 -7.83 13.30 -1.69
C ARG A 111 -7.36 12.85 -0.32
N ALA A 112 -6.34 11.99 -0.31
CA ALA A 112 -5.79 11.47 0.94
C ALA A 112 -4.84 12.49 1.58
N LYS A 113 -5.35 13.68 1.84
CA LYS A 113 -4.54 14.73 2.46
C LYS A 113 -4.87 14.89 3.94
N GLU A 114 -6.13 14.63 4.29
CA GLU A 114 -6.56 14.73 5.67
C GLU A 114 -5.62 13.96 6.59
N SER A 115 -5.65 12.64 6.49
CA SER A 115 -4.80 11.80 7.32
C SER A 115 -4.94 12.16 8.79
N LEU A 116 -6.14 12.56 9.18
CA LEU A 116 -6.41 12.94 10.57
C LEU A 116 -5.98 11.83 11.53
N ASP A 117 -6.05 10.59 11.07
CA ASP A 117 -5.66 9.45 11.89
C ASP A 117 -6.64 9.26 13.05
N LEU A 118 -7.78 8.65 12.75
CA LEU A 118 -8.79 8.39 13.77
C LEU A 118 -8.33 7.32 14.75
N ARG A 119 -7.24 6.64 14.41
CA ARG A 119 -6.69 5.59 15.26
C ARG A 119 -6.57 6.08 16.70
N ALA A 120 -6.26 7.36 16.87
CA ALA A 120 -6.10 7.94 18.20
C ALA A 120 -7.42 7.89 18.97
N HIS A 121 -8.51 8.15 18.28
CA HIS A 121 -9.84 8.14 18.90
C HIS A 121 -10.26 6.72 19.24
N LEU A 122 -10.49 5.91 18.22
CA LEU A 122 -10.90 4.52 18.41
C LEU A 122 -10.56 3.67 17.20
N LYS A 123 -10.88 2.39 17.27
CA LYS A 123 -10.61 1.47 16.17
C LYS A 123 -11.70 0.41 16.06
N GLN A 124 -12.85 0.81 15.51
CA GLN A 124 -13.97 -0.11 15.35
C GLN A 124 -13.62 -1.25 14.39
N VAL A 125 -14.42 -2.30 14.42
CA VAL A 125 -14.20 -3.46 13.57
C VAL A 125 -14.88 -3.28 12.21
N LYS A 126 -14.57 -2.18 11.55
CA LYS A 126 -15.15 -1.89 10.24
C LYS A 126 -14.53 -2.76 9.16
N LYS A 127 -15.31 -3.12 8.15
CA LYS A 127 -14.84 -3.95 7.06
C LYS A 127 -15.73 -3.79 5.83
N GLU A 128 -15.14 -3.94 4.65
CA GLU A 128 -15.89 -3.83 3.40
C GLU A 128 -15.19 -4.60 2.28
N ASP A 129 -15.97 -5.00 1.28
CA ASP A 129 -15.44 -5.75 0.14
C ASP A 129 -14.26 -5.02 -0.48
C BQ6 B . 3.70 -1.14 -4.51
C01 BQ6 B . 4.52 -3.72 -3.84
C1 BQ6 B . 12.23 -3.92 -6.48
C02 BQ6 B . 3.29 -3.51 -4.48
C03 BQ6 B . 2.89 -2.23 -4.82
C5 BQ6 B . 11.56 -2.69 -5.98
N6 BQ6 B . 11.28 -2.55 -4.64
C8 BQ6 B . 10.68 -1.34 -4.42
C9 BQ6 B . 10.59 -0.70 -5.63
C11 BQ6 B . 11.13 -1.55 -6.65
C12 BQ6 B . 11.29 -1.31 -8.08
O13 BQ6 B . 11.21 -2.23 -8.89
N14 BQ6 B . 11.51 -0.03 -8.49
C15 BQ6 B . 11.36 1.30 -7.91
C18 BQ6 B . 11.48 1.85 -9.35
C19 BQ6 B . 10.14 2.24 -9.98
C23 BQ6 B . 12.00 0.46 -9.78
C26 BQ6 B . 12.46 2.92 -9.50
N27 BQ6 B . 13.23 3.78 -9.62
S28 BQ6 B . 10.21 -0.90 -2.77
O29 BQ6 B . 11.31 -1.38 -1.96
O30 BQ6 B . 9.93 0.52 -2.85
N31 BQ6 B . 8.82 -1.70 -2.26
C33 BQ6 B . 7.59 -1.61 -3.11
C35 BQ6 B . 6.77 -0.37 -2.74
O38 BQ6 B . 5.65 -0.21 -3.61
C41 BQ6 B . 4.92 -1.34 -3.86
C42 BQ6 B . 5.35 -2.63 -3.55
C43 BQ6 B . 6.70 -2.85 -2.89
CL BQ6 B . 2.30 -4.88 -4.84
F BQ6 B . 1.71 -2.02 -5.43
H BQ6 B . 3.38 -0.14 -4.77
H04 BQ6 B . 4.84 -4.73 -3.58
H11 BQ6 B . 11.54 -4.77 -6.45
H12 BQ6 B . 13.11 -4.19 -5.87
H13 BQ6 B . 12.56 -3.78 -7.52
H7 BQ6 B . 11.49 -3.23 -3.92
H10 BQ6 B . 10.18 0.29 -5.76
H17 BQ6 B . 12.19 1.56 -7.23
H16 BQ6 B . 10.41 1.47 -7.41
H22 BQ6 B . 9.43 2.57 -9.23
H20 BQ6 B . 9.68 1.38 -10.50
H21 BQ6 B . 10.27 3.04 -10.72
H25 BQ6 B . 11.50 0.00 -10.63
H24 BQ6 B . 13.09 0.34 -9.87
H33 BQ6 B . 7.86 -1.57 -4.17
H51 BQ6 B . 7.38 0.53 -2.83
H52 BQ6 B . 6.42 -0.40 -1.70
H45 BQ6 B . 6.54 -3.01 -1.83
H44 BQ6 B . 7.19 -3.72 -3.32
CA CA C . -1.01 -12.96 -2.20
N GLY A 1 10.93 -11.38 8.19
CA GLY A 1 9.71 -11.54 8.96
C GLY A 1 8.88 -10.28 9.03
N ASP A 2 7.57 -10.43 9.18
CA ASP A 2 6.67 -9.29 9.25
C ASP A 2 5.78 -9.38 10.49
N ASP A 3 6.30 -8.90 11.62
CA ASP A 3 5.54 -8.93 12.87
C ASP A 3 5.14 -7.52 13.29
N ILE A 4 6.00 -6.55 13.02
CA ILE A 4 5.73 -5.16 13.37
C ILE A 4 4.82 -4.51 12.33
N TYR A 5 5.16 -4.65 11.07
CA TYR A 5 4.37 -4.07 9.99
C TYR A 5 2.95 -4.62 10.00
N LYS A 6 2.83 -5.94 10.01
CA LYS A 6 1.53 -6.60 10.03
C LYS A 6 0.69 -6.11 11.21
N ALA A 7 1.36 -5.72 12.28
CA ALA A 7 0.69 -5.24 13.48
C ALA A 7 0.33 -3.77 13.35
N ALA A 8 1.13 -3.02 12.58
CA ALA A 8 0.90 -1.60 12.38
C ALA A 8 -0.48 -1.36 11.77
N VAL A 9 -0.83 -2.16 10.77
CA VAL A 9 -2.13 -2.03 10.11
C VAL A 9 -3.27 -2.01 11.12
N GLU A 10 -3.08 -2.72 12.23
CA GLU A 10 -4.09 -2.79 13.27
C GLU A 10 -4.17 -1.47 14.04
N GLN A 11 -3.02 -0.83 14.21
CA GLN A 11 -2.94 0.44 14.93
C GLN A 11 -3.68 1.54 14.17
N LEU A 12 -3.77 1.38 12.85
CA LEU A 12 -4.45 2.36 12.01
C LEU A 12 -5.88 2.57 12.46
N THR A 13 -6.61 3.41 11.74
CA THR A 13 -8.00 3.69 12.07
C THR A 13 -8.93 3.25 10.96
N GLU A 14 -10.24 3.24 11.25
CA GLU A 14 -11.23 2.84 10.26
C GLU A 14 -11.14 3.72 9.01
N GLU A 15 -10.75 4.97 9.19
CA GLU A 15 -10.63 5.90 8.08
C GLU A 15 -9.43 5.56 7.21
N GLN A 16 -8.36 5.08 7.84
CA GLN A 16 -7.14 4.72 7.12
C GLN A 16 -7.43 3.61 6.10
N LYS A 17 -8.03 2.53 6.57
CA LYS A 17 -8.36 1.41 5.69
C LYS A 17 -9.15 1.88 4.46
N ASN A 18 -10.07 2.81 4.69
CA ASN A 18 -10.88 3.34 3.60
C ASN A 18 -10.04 4.22 2.67
N GLU A 19 -9.26 5.12 3.25
CA GLU A 19 -8.41 6.01 2.47
C GLU A 19 -7.55 5.22 1.49
N PHE A 20 -6.99 4.12 1.96
CA PHE A 20 -6.14 3.27 1.12
C PHE A 20 -7.00 2.36 0.24
N LYS A 21 -8.16 1.98 0.75
CA LYS A 21 -9.06 1.10 0.01
C LYS A 21 -9.38 1.68 -1.36
N ALA A 22 -9.83 2.93 -1.39
CA ALA A 22 -10.16 3.60 -2.65
C ALA A 22 -9.02 3.47 -3.65
N ALA A 23 -7.79 3.39 -3.14
CA ALA A 23 -6.62 3.26 -3.99
C ALA A 23 -6.54 1.88 -4.63
N PHE A 24 -6.79 0.85 -3.83
CA PHE A 24 -6.74 -0.53 -4.31
C PHE A 24 -7.70 -0.71 -5.49
N ASP A 25 -8.82 0.00 -5.45
CA ASP A 25 -9.82 -0.09 -6.51
C ASP A 25 -9.18 0.10 -7.88
N ILE A 26 -8.36 1.14 -8.01
CA ILE A 26 -7.67 1.42 -9.27
C ILE A 26 -6.41 0.58 -9.41
N PHE A 27 -5.74 0.33 -8.30
CA PHE A 27 -4.52 -0.47 -8.30
C PHE A 27 -4.81 -1.89 -8.78
N VAL A 28 -6.01 -2.37 -8.50
CA VAL A 28 -6.40 -3.72 -8.89
C VAL A 28 -7.36 -3.69 -10.07
N LEU A 29 -7.30 -2.61 -10.85
CA LEU A 29 -8.16 -2.46 -12.02
C LEU A 29 -7.96 -3.59 -13.01
N GLY A 30 -9.04 -4.28 -13.35
CA GLY A 30 -8.95 -5.39 -14.28
C GLY A 30 -8.73 -6.72 -13.59
N ALA A 31 -8.04 -6.68 -12.46
CA ALA A 31 -7.75 -7.90 -11.70
C ALA A 31 -9.02 -8.70 -11.46
N GLU A 32 -8.92 -10.03 -11.57
CA GLU A 32 -10.06 -10.90 -11.37
C GLU A 32 -10.38 -11.05 -9.88
N ASP A 33 -9.33 -11.04 -9.07
CA ASP A 33 -9.50 -11.18 -7.62
C ASP A 33 -9.21 -9.85 -6.92
N GLY A 34 -9.35 -8.75 -7.66
CA GLY A 34 -9.10 -7.44 -7.09
C GLY A 34 -7.77 -7.36 -6.37
N CYS A 35 -6.78 -8.09 -6.87
CA CYS A 35 -5.45 -8.11 -6.26
C CYS A 35 -4.43 -7.42 -7.16
N ILE A 36 -3.30 -7.03 -6.58
CA ILE A 36 -2.25 -6.37 -7.34
C ILE A 36 -1.15 -7.36 -7.73
N SER A 37 -0.95 -7.52 -9.04
CA SER A 37 0.06 -8.43 -9.55
C SER A 37 1.06 -7.70 -10.45
N THR A 38 1.89 -8.46 -11.13
CA THR A 38 2.89 -7.89 -12.03
C THR A 38 2.24 -7.08 -13.14
N LYS A 39 1.05 -7.51 -13.56
CA LYS A 39 0.32 -6.82 -14.61
C LYS A 39 -0.25 -5.50 -14.11
N GLU A 40 -1.05 -5.56 -13.04
CA GLU A 40 -1.65 -4.37 -12.46
C GLU A 40 -0.58 -3.41 -11.95
N LEU A 41 0.32 -3.92 -11.12
CA LEU A 41 1.39 -3.11 -10.56
C LEU A 41 2.17 -2.41 -11.66
N GLY A 42 2.54 -3.16 -12.70
CA GLY A 42 3.28 -2.60 -13.80
C GLY A 42 2.56 -1.43 -14.46
N LYS A 43 1.24 -1.49 -14.47
CA LYS A 43 0.43 -0.43 -15.06
C LYS A 43 0.51 0.85 -14.22
N VAL A 44 0.25 0.72 -12.93
CA VAL A 44 0.29 1.85 -12.02
C VAL A 44 1.69 2.44 -11.93
N MET A 45 2.67 1.58 -11.67
CA MET A 45 4.06 2.01 -11.56
C MET A 45 4.45 2.88 -12.74
N ARG A 46 4.09 2.45 -13.95
CA ARG A 46 4.41 3.18 -15.16
C ARG A 46 3.67 4.52 -15.18
N MET A 47 2.48 4.54 -14.60
CA MET A 47 1.67 5.76 -14.56
C MET A 47 2.21 6.72 -13.50
N LEU A 48 2.83 6.18 -12.46
CA LEU A 48 3.37 6.98 -11.39
C LEU A 48 4.40 7.98 -11.92
N GLY A 49 5.08 7.61 -13.00
CA GLY A 49 6.07 8.48 -13.60
C GLY A 49 7.42 7.81 -13.74
N GLN A 50 7.41 6.49 -13.89
CA GLN A 50 8.65 5.73 -14.04
C GLN A 50 8.52 4.66 -15.11
N ASN A 51 9.50 3.77 -15.18
CA ASN A 51 9.49 2.69 -16.16
C ASN A 51 10.25 1.48 -15.66
N PRO A 52 9.64 0.75 -14.71
CA PRO A 52 10.25 -0.44 -14.12
C PRO A 52 10.31 -1.61 -15.10
N THR A 53 10.76 -2.76 -14.62
CA THR A 53 10.86 -3.95 -15.45
C THR A 53 9.90 -5.04 -14.99
N PRO A 54 9.61 -5.99 -15.88
CA PRO A 54 8.70 -7.11 -15.59
C PRO A 54 9.28 -8.08 -14.59
N GLU A 55 10.60 -8.22 -14.60
CA GLU A 55 11.30 -9.12 -13.68
C GLU A 55 11.35 -8.54 -12.27
N GLU A 56 11.61 -7.24 -12.19
CA GLU A 56 11.69 -6.55 -10.91
C GLU A 56 10.31 -6.41 -10.28
N LEU A 57 9.31 -6.17 -11.12
CA LEU A 57 7.94 -6.01 -10.65
C LEU A 57 7.53 -7.17 -9.75
N GLN A 58 7.63 -8.38 -10.27
CA GLN A 58 7.28 -9.57 -9.53
C GLN A 58 7.98 -9.60 -8.18
N GLU A 59 9.20 -9.07 -8.14
CA GLU A 59 9.98 -9.04 -6.91
C GLU A 59 9.30 -8.16 -5.86
N MET A 60 8.65 -7.09 -6.33
CA MET A 60 7.96 -6.17 -5.42
C MET A 60 6.73 -6.83 -4.82
N ILE A 61 5.90 -7.41 -5.67
CA ILE A 61 4.68 -8.08 -5.22
C ILE A 61 4.98 -9.08 -4.11
N ASP A 62 5.91 -9.99 -4.39
CA ASP A 62 6.29 -11.00 -3.41
C ASP A 62 6.99 -10.37 -2.21
N GLU A 63 7.69 -9.26 -2.46
CA GLU A 63 8.40 -8.56 -1.39
C GLU A 63 7.43 -8.01 -0.35
N VAL A 64 6.18 -7.81 -0.76
CA VAL A 64 5.16 -7.29 0.14
C VAL A 64 4.14 -8.36 0.48
N ASP A 65 3.95 -9.31 -0.43
CA ASP A 65 2.99 -10.39 -0.21
C ASP A 65 3.29 -11.11 1.10
N GLU A 66 2.23 -11.36 1.89
CA GLU A 66 2.38 -12.04 3.17
C GLU A 66 2.39 -13.56 2.98
N ASP A 67 1.54 -14.04 2.09
CA ASP A 67 1.44 -15.47 1.82
C ASP A 67 2.35 -15.86 0.65
N GLY A 68 2.52 -14.93 -0.29
CA GLY A 68 3.35 -15.20 -1.45
C GLY A 68 2.61 -15.93 -2.55
N SER A 69 1.36 -15.56 -2.76
CA SER A 69 0.53 -16.20 -3.79
C SER A 69 0.85 -15.63 -5.17
N GLY A 70 1.37 -14.41 -5.22
CA GLY A 70 1.69 -13.80 -6.49
C GLY A 70 1.05 -12.42 -6.66
N THR A 71 0.10 -12.11 -5.79
CA THR A 71 -0.59 -10.83 -5.85
C THR A 71 -0.68 -10.19 -4.46
N VAL A 72 -1.32 -9.02 -4.40
CA VAL A 72 -1.48 -8.31 -3.14
C VAL A 72 -2.91 -7.84 -2.95
N ASP A 73 -3.50 -8.20 -1.82
CA ASP A 73 -4.88 -7.81 -1.52
C ASP A 73 -4.92 -6.44 -0.85
N PHE A 74 -6.08 -6.07 -0.32
CA PHE A 74 -6.26 -4.79 0.33
C PHE A 74 -5.51 -4.75 1.66
N ASP A 75 -5.36 -5.92 2.28
CA ASP A 75 -4.66 -6.02 3.56
C ASP A 75 -3.16 -6.05 3.35
N GLU A 76 -2.71 -6.83 2.37
CA GLU A 76 -1.29 -6.95 2.07
C GLU A 76 -0.72 -5.61 1.58
N PHE A 77 -1.61 -4.68 1.25
CA PHE A 77 -1.20 -3.37 0.77
C PHE A 77 -0.97 -2.42 1.93
N LEU A 78 -1.69 -2.63 3.03
CA LEU A 78 -1.56 -1.80 4.21
C LEU A 78 -0.24 -2.05 4.91
N VAL A 79 0.11 -3.32 5.08
CA VAL A 79 1.35 -3.70 5.74
C VAL A 79 2.53 -2.97 5.13
N MET A 80 2.61 -2.96 3.80
CA MET A 80 3.69 -2.30 3.09
C MET A 80 3.46 -0.80 3.03
N MET A 81 2.18 -0.40 3.02
CA MET A 81 1.83 1.01 2.96
C MET A 81 2.33 1.75 4.19
N VAL A 82 2.32 1.07 5.33
CA VAL A 82 2.77 1.66 6.58
C VAL A 82 4.27 1.97 6.54
N ARG A 83 5.04 1.04 5.98
CA ARG A 83 6.48 1.21 5.87
C ARG A 83 6.84 2.10 4.68
N CYS A 84 6.04 2.02 3.63
CA CYS A 84 6.27 2.82 2.42
C CYS A 84 6.34 4.30 2.77
N MET A 85 5.35 4.78 3.51
CA MET A 85 5.29 6.18 3.91
C MET A 85 6.39 6.50 4.91
N LYS A 86 6.72 5.53 5.76
CA LYS A 86 7.75 5.71 6.77
C LYS A 86 9.15 5.49 6.17
N ASP A 87 9.19 5.20 4.88
CA ASP A 87 10.45 4.97 4.19
C ASP A 87 11.30 3.96 4.95
N ASP A 88 10.66 3.02 5.61
CA ASP A 88 11.35 1.99 6.38
C ASP A 88 11.04 0.59 5.84
N SER A 89 10.86 0.50 4.53
CA SER A 89 10.54 -0.78 3.89
C SER A 89 11.82 -1.50 3.48
N LYS A 90 12.81 -0.74 3.05
CA LYS A 90 14.08 -1.31 2.62
C LYS A 90 15.19 -0.94 3.59
N GLY A 91 15.23 0.31 4.01
CA GLY A 91 16.25 0.77 4.94
C GLY A 91 17.55 1.13 4.25
N ALA A 92 18.07 0.21 3.44
CA ALA A 92 19.32 0.44 2.72
C ALA A 92 19.27 1.75 1.95
N GLY A 93 18.55 1.74 0.83
CA GLY A 93 18.44 2.94 0.02
C GLY A 93 18.77 2.68 -1.44
N ALA A 94 18.43 1.49 -1.92
CA ALA A 94 18.69 1.13 -3.30
C ALA A 94 18.08 2.14 -4.26
N GLY A 95 18.63 2.20 -5.47
CA GLY A 95 18.12 3.12 -6.47
C GLY A 95 16.61 3.03 -6.64
N VAL A 96 16.07 1.83 -6.43
CA VAL A 96 14.63 1.61 -6.56
C VAL A 96 13.90 1.94 -5.26
N ARG A 97 12.86 2.74 -5.36
CA ARG A 97 12.07 3.14 -4.20
C ARG A 97 10.76 3.78 -4.62
N ILE A 98 9.67 3.31 -4.03
CA ILE A 98 8.34 3.83 -4.36
C ILE A 98 7.85 4.78 -3.26
N SER A 99 6.95 5.68 -3.62
CA SER A 99 6.41 6.65 -2.68
C SER A 99 4.94 6.34 -2.39
N ALA A 100 4.64 6.04 -1.12
CA ALA A 100 3.27 5.74 -0.72
C ALA A 100 2.33 6.88 -1.07
N ASP A 101 2.62 8.07 -0.56
CA ASP A 101 1.79 9.23 -0.82
C ASP A 101 1.69 9.51 -2.33
N ALA A 102 2.83 9.44 -3.00
CA ALA A 102 2.88 9.68 -4.44
C ALA A 102 2.02 8.67 -5.20
N MET A 103 1.97 7.45 -4.68
CA MET A 103 1.18 6.39 -5.31
C MET A 103 -0.30 6.75 -5.30
N MET A 104 -0.81 7.09 -4.12
CA MET A 104 -2.23 7.45 -3.99
C MET A 104 -2.61 8.53 -5.00
N GLN A 105 -1.69 9.46 -5.23
CA GLN A 105 -1.94 10.55 -6.18
C GLN A 105 -2.35 10.01 -7.55
N ALA A 106 -1.94 8.77 -7.83
CA ALA A 106 -2.26 8.14 -9.10
C ALA A 106 -3.63 7.45 -9.03
N LEU A 107 -3.83 6.64 -8.01
CA LEU A 107 -5.09 5.93 -7.84
C LEU A 107 -6.25 6.91 -7.61
N LEU A 108 -6.32 7.46 -6.41
CA LEU A 108 -7.37 8.42 -6.07
C LEU A 108 -6.93 9.85 -6.40
N GLY A 109 -5.79 10.25 -5.87
CA GLY A 109 -5.28 11.59 -6.12
C GLY A 109 -4.84 12.28 -4.84
N ALA A 110 -5.28 13.52 -4.67
CA ALA A 110 -4.94 14.29 -3.48
C ALA A 110 -6.01 14.18 -2.41
N ARG A 111 -6.67 13.02 -2.36
CA ARG A 111 -7.72 12.78 -1.39
C ARG A 111 -7.18 12.00 -0.19
N ALA A 112 -5.93 12.28 0.17
CA ALA A 112 -5.30 11.61 1.31
C ALA A 112 -4.34 12.55 2.03
N LYS A 113 -4.79 13.09 3.15
CA LYS A 113 -3.96 14.00 3.95
C LYS A 113 -3.85 13.52 5.38
N GLU A 114 -3.36 14.40 6.26
CA GLU A 114 -3.19 14.06 7.67
C GLU A 114 -4.47 13.45 8.24
N SER A 115 -5.61 13.88 7.69
CA SER A 115 -6.91 13.38 8.14
C SER A 115 -6.92 11.86 8.18
N LEU A 116 -6.19 11.24 7.26
CA LEU A 116 -6.11 9.79 7.19
C LEU A 116 -5.78 9.19 8.56
N ASP A 117 -4.98 9.93 9.33
CA ASP A 117 -4.58 9.47 10.66
C ASP A 117 -5.65 9.82 11.69
N LEU A 118 -6.87 9.38 11.44
CA LEU A 118 -7.99 9.64 12.35
C LEU A 118 -7.79 8.91 13.67
N ARG A 119 -6.90 7.94 13.68
CA ARG A 119 -6.61 7.16 14.88
C ARG A 119 -6.37 8.08 16.07
N ALA A 120 -5.74 9.22 15.81
CA ALA A 120 -5.43 10.19 16.86
C ALA A 120 -6.70 10.90 17.33
N HIS A 121 -7.61 11.18 16.39
CA HIS A 121 -8.86 11.86 16.71
C HIS A 121 -9.61 11.10 17.80
N LEU A 122 -10.23 9.98 17.43
CA LEU A 122 -10.98 9.18 18.37
C LEU A 122 -11.58 7.94 17.69
N LYS A 123 -11.59 6.82 18.41
CA LYS A 123 -12.14 5.59 17.87
C LYS A 123 -13.28 5.07 18.74
N GLN A 124 -14.38 5.81 18.77
CA GLN A 124 -15.53 5.43 19.57
C GLN A 124 -16.82 5.55 18.76
N VAL A 125 -17.94 5.18 19.37
CA VAL A 125 -19.23 5.25 18.71
C VAL A 125 -19.93 6.57 19.00
N LYS A 126 -19.19 7.67 18.84
CA LYS A 126 -19.74 9.00 19.09
C LYS A 126 -20.43 9.55 17.85
N LYS A 127 -21.61 10.13 18.03
CA LYS A 127 -22.37 10.69 16.93
C LYS A 127 -23.62 11.42 17.44
N GLU A 128 -23.94 12.54 16.81
CA GLU A 128 -25.10 13.33 17.19
C GLU A 128 -25.64 14.14 16.02
N ASP A 129 -26.75 14.82 16.23
CA ASP A 129 -27.36 15.64 15.19
C ASP A 129 -28.30 16.67 15.78
C BQ6 B . 3.70 -1.14 -4.50
C01 BQ6 B . 4.56 -3.72 -3.88
C1 BQ6 B . 12.13 -3.90 -6.82
C02 BQ6 B . 3.31 -3.52 -4.46
C03 BQ6 B . 2.87 -2.23 -4.77
C5 BQ6 B . 11.54 -2.64 -6.28
N6 BQ6 B . 11.26 -2.50 -4.95
C8 BQ6 B . 10.72 -1.28 -4.70
C9 BQ6 B . 10.68 -0.60 -5.91
C11 BQ6 B . 11.18 -1.46 -6.93
C12 BQ6 B . 11.36 -1.20 -8.37
O13 BQ6 B . 11.31 -2.11 -9.18
N14 BQ6 B . 11.57 0.10 -8.75
C15 BQ6 B . 11.43 1.40 -8.14
C18 BQ6 B . 11.50 2.00 -9.57
C19 BQ6 B . 10.14 2.38 -10.15
C23 BQ6 B . 12.00 0.61 -10.04
C26 BQ6 B . 12.46 3.07 -9.74
N27 BQ6 B . 13.23 3.94 -9.86
S28 BQ6 B . 10.27 -0.84 -3.05
O29 BQ6 B . 11.41 -1.28 -2.26
O30 BQ6 B . 9.94 0.57 -3.13
N31 BQ6 B . 8.92 -1.70 -2.51
C33 BQ6 B . 7.67 -1.61 -3.29
C35 BQ6 B . 6.86 -0.37 -2.87
O38 BQ6 B . 5.69 -0.20 -3.69
C41 BQ6 B . 4.95 -1.33 -3.91
C42 BQ6 B . 5.41 -2.62 -3.62
C43 BQ6 B . 6.78 -2.85 -3.04
CL BQ6 B . 2.29 -4.87 -4.78
F BQ6 B . 1.68 -2.02 -5.33
H BQ6 B . 3.36 -0.13 -4.74
H04 BQ6 B . 4.90 -4.72 -3.66
H11 BQ6 B . 12.29 -3.83 -7.90
H12 BQ6 B . 11.49 -4.76 -6.62
H13 BQ6 B . 13.11 -4.09 -6.36
H7 BQ6 B . 11.42 -3.22 -4.25
H10 BQ6 B . 10.33 0.42 -6.02
H17 BQ6 B . 12.27 1.66 -7.49
H16 BQ6 B . 10.49 1.56 -7.62
H22 BQ6 B . 10.25 2.94 -11.10
H20 BQ6 B . 9.57 3.03 -9.47
H21 BQ6 B . 9.52 1.49 -10.35
H25 BQ6 B . 11.48 0.18 -10.89
H24 BQ6 B . 13.08 0.51 -10.18
H33 BQ6 B . 7.88 -1.55 -4.36
H51 BQ6 B . 7.46 0.53 -3.00
H52 BQ6 B . 6.55 -0.41 -1.83
H45 BQ6 B . 6.68 -3.02 -1.97
H44 BQ6 B . 7.26 -3.72 -3.50
CA CA C . -0.90 -12.81 -2.10
N GLY A 1 12.19 -9.86 9.25
CA GLY A 1 10.83 -10.33 9.39
C GLY A 1 9.82 -9.21 9.29
N ASP A 2 8.54 -9.54 9.45
CA ASP A 2 7.48 -8.54 9.38
C ASP A 2 6.50 -8.71 10.54
N ASP A 3 6.92 -8.28 11.73
CA ASP A 3 6.09 -8.37 12.91
C ASP A 3 5.49 -7.01 13.27
N ILE A 4 6.27 -5.97 13.08
CA ILE A 4 5.82 -4.62 13.38
C ILE A 4 4.94 -4.07 12.27
N TYR A 5 5.33 -4.34 11.02
CA TYR A 5 4.58 -3.87 9.86
C TYR A 5 3.22 -4.55 9.79
N LYS A 6 3.21 -5.87 9.87
CA LYS A 6 1.97 -6.64 9.82
C LYS A 6 1.01 -6.19 10.90
N ALA A 7 1.56 -5.78 12.04
CA ALA A 7 0.74 -5.31 13.16
C ALA A 7 0.24 -3.90 12.91
N ALA A 8 1.00 -3.12 12.14
CA ALA A 8 0.63 -1.74 11.84
C ALA A 8 -0.82 -1.65 11.36
N VAL A 9 -1.18 -2.53 10.43
CA VAL A 9 -2.54 -2.55 9.89
C VAL A 9 -3.57 -2.60 11.00
N GLU A 10 -3.22 -3.28 12.09
CA GLU A 10 -4.12 -3.40 13.23
C GLU A 10 -4.27 -2.08 13.96
N GLN A 11 -3.19 -1.31 14.01
CA GLN A 11 -3.19 -0.01 14.68
C GLN A 11 -3.99 1.01 13.88
N LEU A 12 -3.99 0.84 12.57
CA LEU A 12 -4.72 1.76 11.68
C LEU A 12 -6.16 1.93 12.15
N THR A 13 -6.86 2.91 11.57
CA THR A 13 -8.24 3.18 11.93
C THR A 13 -9.16 2.93 10.74
N GLU A 14 -10.47 2.93 11.01
CA GLU A 14 -11.47 2.71 9.96
C GLU A 14 -11.24 3.66 8.80
N GLU A 15 -10.87 4.90 9.11
CA GLU A 15 -10.63 5.90 8.07
C GLU A 15 -9.41 5.54 7.24
N GLN A 16 -8.40 4.96 7.89
CA GLN A 16 -7.18 4.56 7.20
C GLN A 16 -7.47 3.52 6.12
N LYS A 17 -8.11 2.43 6.52
CA LYS A 17 -8.45 1.36 5.58
C LYS A 17 -9.20 1.92 4.38
N ASN A 18 -10.05 2.90 4.62
CA ASN A 18 -10.83 3.51 3.55
C ASN A 18 -9.95 4.37 2.65
N GLU A 19 -9.15 5.24 3.27
CA GLU A 19 -8.25 6.11 2.52
C GLU A 19 -7.35 5.31 1.59
N PHE A 20 -6.88 4.17 2.08
CA PHE A 20 -6.01 3.30 1.30
C PHE A 20 -6.82 2.40 0.38
N LYS A 21 -8.05 2.12 0.77
CA LYS A 21 -8.94 1.27 -0.02
C LYS A 21 -9.14 1.84 -1.41
N ALA A 22 -9.53 3.12 -1.47
CA ALA A 22 -9.75 3.78 -2.75
C ALA A 22 -8.55 3.62 -3.68
N ALA A 23 -7.37 3.52 -3.08
CA ALA A 23 -6.14 3.36 -3.86
C ALA A 23 -6.07 1.98 -4.50
N PHE A 24 -6.54 0.97 -3.78
CA PHE A 24 -6.54 -0.40 -4.28
C PHE A 24 -7.47 -0.55 -5.47
N ASP A 25 -8.56 0.20 -5.46
CA ASP A 25 -9.54 0.17 -6.55
C ASP A 25 -8.85 0.33 -7.90
N ILE A 26 -7.97 1.31 -7.99
CA ILE A 26 -7.24 1.57 -9.23
C ILE A 26 -6.04 0.64 -9.38
N PHE A 27 -5.44 0.28 -8.24
CA PHE A 27 -4.28 -0.59 -8.24
C PHE A 27 -4.66 -2.00 -8.67
N VAL A 28 -5.92 -2.36 -8.47
CA VAL A 28 -6.42 -3.67 -8.85
C VAL A 28 -7.38 -3.58 -10.04
N LEU A 29 -7.20 -2.56 -10.85
CA LEU A 29 -8.05 -2.36 -12.02
C LEU A 29 -7.90 -3.50 -13.00
N GLY A 30 -9.02 -4.15 -13.32
CA GLY A 30 -8.99 -5.27 -14.25
C GLY A 30 -8.81 -6.61 -13.56
N ALA A 31 -8.11 -6.59 -12.43
CA ALA A 31 -7.86 -7.81 -11.66
C ALA A 31 -9.16 -8.57 -11.43
N GLU A 32 -9.10 -9.89 -11.59
CA GLU A 32 -10.27 -10.74 -11.39
C GLU A 32 -10.59 -10.90 -9.91
N ASP A 33 -9.56 -10.94 -9.08
CA ASP A 33 -9.73 -11.08 -7.65
C ASP A 33 -9.41 -9.77 -6.93
N GLY A 34 -9.49 -8.67 -7.67
CA GLY A 34 -9.20 -7.37 -7.08
C GLY A 34 -7.86 -7.33 -6.37
N CYS A 35 -6.90 -8.09 -6.88
CA CYS A 35 -5.57 -8.14 -6.28
C CYS A 35 -4.54 -7.46 -7.18
N ILE A 36 -3.41 -7.08 -6.59
CA ILE A 36 -2.35 -6.42 -7.34
C ILE A 36 -1.26 -7.39 -7.74
N SER A 37 -1.08 -7.56 -9.05
CA SER A 37 -0.06 -8.47 -9.57
C SER A 37 0.94 -7.72 -10.43
N THR A 38 1.79 -8.48 -11.12
CA THR A 38 2.81 -7.88 -11.98
C THR A 38 2.18 -7.06 -13.10
N LYS A 39 1.00 -7.47 -13.54
CA LYS A 39 0.28 -6.77 -14.60
C LYS A 39 -0.30 -5.46 -14.08
N GLU A 40 -1.08 -5.54 -13.00
CA GLU A 40 -1.69 -4.37 -12.41
C GLU A 40 -0.63 -3.40 -11.87
N LEU A 41 0.26 -3.93 -11.05
CA LEU A 41 1.33 -3.13 -10.46
C LEU A 41 2.15 -2.43 -11.55
N GLY A 42 2.49 -3.18 -12.60
CA GLY A 42 3.26 -2.61 -13.68
C GLY A 42 2.58 -1.43 -14.33
N LYS A 43 1.25 -1.44 -14.33
CA LYS A 43 0.46 -0.36 -14.92
C LYS A 43 0.56 0.91 -14.08
N VAL A 44 0.27 0.78 -12.79
CA VAL A 44 0.33 1.91 -11.87
C VAL A 44 1.74 2.50 -11.81
N MET A 45 2.71 1.64 -11.53
CA MET A 45 4.10 2.07 -11.44
C MET A 45 4.49 2.91 -12.65
N ARG A 46 4.04 2.49 -13.83
CA ARG A 46 4.33 3.21 -15.07
C ARG A 46 3.58 4.53 -15.12
N MET A 47 2.39 4.55 -14.57
CA MET A 47 1.56 5.76 -14.55
C MET A 47 2.12 6.78 -13.56
N LEU A 48 2.76 6.29 -12.52
CA LEU A 48 3.34 7.16 -11.49
C LEU A 48 4.39 8.08 -12.10
N GLY A 49 5.06 7.61 -13.15
CA GLY A 49 6.07 8.41 -13.82
C GLY A 49 7.41 7.70 -13.88
N GLN A 50 7.38 6.37 -13.96
CA GLN A 50 8.59 5.58 -14.03
C GLN A 50 8.50 4.51 -15.12
N ASN A 51 9.46 3.61 -15.14
CA ASN A 51 9.47 2.54 -16.13
C ASN A 51 10.18 1.29 -15.58
N PRO A 52 9.52 0.61 -14.65
CA PRO A 52 10.06 -0.61 -14.03
C PRO A 52 10.11 -1.79 -15.00
N THR A 53 10.68 -2.89 -14.56
CA THR A 53 10.80 -4.08 -15.38
C THR A 53 9.85 -5.18 -14.91
N PRO A 54 9.56 -6.14 -15.79
CA PRO A 54 8.67 -7.26 -15.48
C PRO A 54 9.27 -8.23 -14.47
N GLU A 55 10.59 -8.33 -14.47
CA GLU A 55 11.29 -9.21 -13.55
C GLU A 55 11.35 -8.61 -12.15
N GLU A 56 11.55 -7.31 -12.07
CA GLU A 56 11.62 -6.61 -10.79
C GLU A 56 10.23 -6.47 -10.18
N LEU A 57 9.24 -6.22 -11.02
CA LEU A 57 7.86 -6.05 -10.55
C LEU A 57 7.45 -7.24 -9.69
N GLN A 58 7.55 -8.44 -10.25
CA GLN A 58 7.17 -9.65 -9.52
C GLN A 58 7.88 -9.71 -8.17
N GLU A 59 9.09 -9.17 -8.10
CA GLU A 59 9.86 -9.16 -6.87
C GLU A 59 9.19 -8.29 -5.81
N MET A 60 8.57 -7.20 -6.26
CA MET A 60 7.89 -6.28 -5.36
C MET A 60 6.65 -6.94 -4.76
N ILE A 61 5.82 -7.52 -5.61
CA ILE A 61 4.60 -8.18 -5.17
C ILE A 61 4.90 -9.20 -4.06
N ASP A 62 5.81 -10.12 -4.35
CA ASP A 62 6.19 -11.15 -3.39
C ASP A 62 6.91 -10.54 -2.20
N GLU A 63 7.61 -9.44 -2.43
CA GLU A 63 8.34 -8.75 -1.37
C GLU A 63 7.38 -8.18 -0.33
N VAL A 64 6.12 -8.02 -0.72
CA VAL A 64 5.10 -7.49 0.19
C VAL A 64 4.05 -8.54 0.52
N ASP A 65 3.87 -9.49 -0.40
CA ASP A 65 2.90 -10.56 -0.20
C ASP A 65 3.18 -11.32 1.09
N GLU A 66 2.14 -11.53 1.89
CA GLU A 66 2.27 -12.23 3.16
C GLU A 66 2.26 -13.75 2.93
N ASP A 67 1.42 -14.20 2.00
CA ASP A 67 1.32 -15.62 1.70
C ASP A 67 2.22 -15.99 0.53
N GLY A 68 2.40 -15.04 -0.40
CA GLY A 68 3.24 -15.30 -1.55
C GLY A 68 2.50 -16.02 -2.67
N SER A 69 1.24 -15.65 -2.88
CA SER A 69 0.42 -16.27 -3.91
C SER A 69 0.74 -15.68 -5.29
N GLY A 70 1.24 -14.46 -5.32
CA GLY A 70 1.57 -13.82 -6.58
C GLY A 70 0.93 -12.45 -6.73
N THR A 71 -0.01 -12.15 -5.85
CA THR A 71 -0.71 -10.86 -5.88
C THR A 71 -0.80 -10.25 -4.49
N VAL A 72 -1.37 -9.06 -4.41
CA VAL A 72 -1.53 -8.36 -3.14
C VAL A 72 -2.97 -7.89 -2.94
N ASP A 73 -3.55 -8.26 -1.81
CA ASP A 73 -4.92 -7.87 -1.50
C ASP A 73 -4.95 -6.49 -0.83
N PHE A 74 -6.13 -6.13 -0.29
CA PHE A 74 -6.28 -4.84 0.38
C PHE A 74 -5.54 -4.82 1.70
N ASP A 75 -5.39 -5.99 2.32
CA ASP A 75 -4.69 -6.10 3.59
C ASP A 75 -3.18 -6.14 3.38
N GLU A 76 -2.75 -6.90 2.37
CA GLU A 76 -1.33 -7.02 2.07
C GLU A 76 -0.76 -5.70 1.56
N PHE A 77 -1.65 -4.75 1.27
CA PHE A 77 -1.24 -3.44 0.77
C PHE A 77 -0.98 -2.48 1.93
N LEU A 78 -1.70 -2.68 3.03
CA LEU A 78 -1.54 -1.83 4.21
C LEU A 78 -0.23 -2.13 4.92
N VAL A 79 0.11 -3.41 5.02
CA VAL A 79 1.35 -3.83 5.67
C VAL A 79 2.56 -3.12 5.06
N MET A 80 2.56 -2.99 3.75
CA MET A 80 3.66 -2.34 3.04
C MET A 80 3.43 -0.83 2.95
N MET A 81 2.16 -0.44 2.85
CA MET A 81 1.80 0.98 2.76
C MET A 81 2.32 1.74 3.97
N VAL A 82 2.33 1.09 5.13
CA VAL A 82 2.80 1.71 6.35
C VAL A 82 4.29 2.03 6.27
N ARG A 83 5.07 1.06 5.80
CA ARG A 83 6.52 1.24 5.68
C ARG A 83 6.86 2.09 4.47
N CYS A 84 6.00 2.03 3.44
CA CYS A 84 6.21 2.80 2.22
C CYS A 84 6.33 4.28 2.53
N MET A 85 5.38 4.81 3.29
CA MET A 85 5.38 6.22 3.66
C MET A 85 6.42 6.50 4.74
N LYS A 86 6.64 5.52 5.61
CA LYS A 86 7.61 5.66 6.68
C LYS A 86 9.04 5.65 6.14
N ASP A 87 9.20 5.12 4.94
CA ASP A 87 10.50 5.04 4.29
C ASP A 87 11.44 4.10 5.06
N ASP A 88 10.85 3.13 5.75
CA ASP A 88 11.62 2.17 6.52
C ASP A 88 11.53 0.78 5.91
N SER A 89 10.75 0.66 4.84
CA SER A 89 10.58 -0.61 4.16
C SER A 89 11.92 -1.27 3.85
N LYS A 90 12.92 -0.44 3.54
CA LYS A 90 14.25 -0.93 3.23
C LYS A 90 15.28 -0.35 4.19
N GLY A 91 15.40 0.98 4.20
CA GLY A 91 16.35 1.63 5.08
C GLY A 91 17.48 2.29 4.32
N ALA A 92 18.22 1.50 3.56
CA ALA A 92 19.35 2.01 2.79
C ALA A 92 19.88 0.94 1.84
N GLY A 93 19.17 0.72 0.73
CA GLY A 93 19.60 -0.27 -0.23
C GLY A 93 19.84 0.32 -1.61
N ALA A 94 19.16 -0.23 -2.61
CA ALA A 94 19.29 0.26 -3.98
C ALA A 94 18.45 1.51 -4.20
N GLY A 95 18.81 2.29 -5.22
CA GLY A 95 18.08 3.50 -5.52
C GLY A 95 16.59 3.27 -5.64
N VAL A 96 16.22 2.09 -6.11
CA VAL A 96 14.81 1.75 -6.28
C VAL A 96 14.01 2.03 -5.01
N ARG A 97 12.91 2.76 -5.15
CA ARG A 97 12.07 3.11 -4.02
C ARG A 97 10.75 3.70 -4.49
N ILE A 98 9.65 3.22 -3.91
CA ILE A 98 8.32 3.70 -4.27
C ILE A 98 7.79 4.67 -3.22
N SER A 99 6.91 5.56 -3.65
CA SER A 99 6.32 6.54 -2.74
C SER A 99 4.84 6.25 -2.50
N ALA A 100 4.49 5.99 -1.25
CA ALA A 100 3.10 5.69 -0.89
C ALA A 100 2.18 6.85 -1.25
N ASP A 101 2.48 8.04 -0.72
CA ASP A 101 1.69 9.22 -0.99
C ASP A 101 1.63 9.52 -2.49
N ALA A 102 2.76 9.37 -3.16
CA ALA A 102 2.85 9.62 -4.59
C ALA A 102 1.95 8.65 -5.37
N MET A 103 1.84 7.42 -4.86
CA MET A 103 1.02 6.41 -5.50
C MET A 103 -0.45 6.82 -5.50
N MET A 104 -0.98 7.09 -4.30
CA MET A 104 -2.37 7.49 -4.16
C MET A 104 -2.70 8.65 -5.09
N GLN A 105 -1.79 9.60 -5.21
CA GLN A 105 -1.98 10.76 -6.07
C GLN A 105 -2.33 10.32 -7.49
N ALA A 106 -1.95 9.10 -7.84
CA ALA A 106 -2.23 8.57 -9.17
C ALA A 106 -3.53 7.77 -9.18
N LEU A 107 -3.88 7.21 -8.03
CA LEU A 107 -5.09 6.41 -7.90
C LEU A 107 -6.27 7.28 -7.47
N LEU A 108 -6.23 7.74 -6.22
CA LEU A 108 -7.30 8.58 -5.68
C LEU A 108 -6.99 10.05 -5.92
N GLY A 109 -5.77 10.46 -5.58
CA GLY A 109 -5.38 11.84 -5.75
C GLY A 109 -4.76 12.44 -4.50
N ALA A 110 -4.98 13.73 -4.30
CA ALA A 110 -4.45 14.42 -3.13
C ALA A 110 -5.47 14.47 -2.01
N ARG A 111 -6.33 13.46 -1.95
CA ARG A 111 -7.36 13.39 -0.91
C ARG A 111 -6.96 12.41 0.19
N ALA A 112 -5.66 12.34 0.47
CA ALA A 112 -5.15 11.45 1.50
C ALA A 112 -4.47 12.22 2.62
N LYS A 113 -5.08 13.35 3.01
CA LYS A 113 -4.53 14.19 4.07
C LYS A 113 -5.63 14.69 4.98
N GLU A 114 -6.65 13.87 5.19
CA GLU A 114 -7.77 14.22 6.05
C GLU A 114 -8.31 13.00 6.78
N SER A 115 -8.37 13.08 8.11
CA SER A 115 -8.87 11.99 8.92
C SER A 115 -8.14 10.69 8.59
N LEU A 116 -6.90 10.82 8.12
CA LEU A 116 -6.09 9.66 7.77
C LEU A 116 -5.65 8.90 9.02
N ASP A 117 -5.29 9.64 10.05
CA ASP A 117 -4.85 9.04 11.31
C ASP A 117 -5.90 9.22 12.40
N LEU A 118 -7.15 8.90 12.08
CA LEU A 118 -8.24 9.02 13.03
C LEU A 118 -8.02 8.14 14.24
N ARG A 119 -7.13 7.16 14.10
CA ARG A 119 -6.82 6.24 15.19
C ARG A 119 -6.50 7.01 16.47
N ALA A 120 -5.87 8.17 16.32
CA ALA A 120 -5.52 8.99 17.47
C ALA A 120 -6.75 9.67 18.07
N HIS A 121 -7.70 10.03 17.20
CA HIS A 121 -8.92 10.68 17.64
C HIS A 121 -9.58 9.91 18.78
N LEU A 122 -10.18 8.77 18.44
CA LEU A 122 -10.85 7.94 19.44
C LEU A 122 -11.44 6.68 18.79
N LYS A 123 -11.39 5.57 19.51
CA LYS A 123 -11.92 4.31 19.02
C LYS A 123 -11.83 3.22 20.07
N GLN A 124 -12.87 3.08 20.87
CA GLN A 124 -12.91 2.07 21.93
C GLN A 124 -14.26 1.37 21.96
N VAL A 125 -14.37 0.35 22.82
CA VAL A 125 -15.61 -0.41 22.95
C VAL A 125 -16.34 -0.04 24.23
N LYS A 126 -16.47 1.26 24.48
CA LYS A 126 -17.16 1.74 25.68
C LYS A 126 -18.66 1.72 25.48
N LYS A 127 -19.39 1.36 26.53
CA LYS A 127 -20.85 1.31 26.48
C LYS A 127 -21.46 1.48 27.87
N GLU A 128 -22.78 1.56 27.93
CA GLU A 128 -23.49 1.72 29.20
C GLU A 128 -24.18 0.42 29.60
N ASP A 129 -25.11 -0.03 28.77
CA ASP A 129 -25.85 -1.26 29.05
C ASP A 129 -25.09 -2.47 28.50
C BQ6 B . 3.67 -1.20 -4.41
C01 BQ6 B . 4.48 -3.80 -3.83
C1 BQ6 B . 12.08 -4.04 -6.71
C02 BQ6 B . 3.23 -3.56 -4.41
C03 BQ6 B . 2.83 -2.27 -4.70
C5 BQ6 B . 11.52 -2.78 -6.16
N6 BQ6 B . 11.21 -2.67 -4.83
C8 BQ6 B . 10.71 -1.42 -4.55
C9 BQ6 B . 10.73 -0.72 -5.74
C11 BQ6 B . 11.23 -1.56 -6.78
C12 BQ6 B . 11.46 -1.27 -8.19
O13 BQ6 B . 11.40 -2.16 -9.05
N14 BQ6 B . 11.72 0.03 -8.54
C15 BQ6 B . 11.61 1.33 -7.90
C18 BQ6 B . 11.76 1.95 -9.32
C19 BQ6 B . 10.44 2.40 -9.94
C23 BQ6 B . 12.24 0.56 -9.79
C26 BQ6 B . 12.76 2.99 -9.40
N27 BQ6 B . 13.57 3.83 -9.46
S28 BQ6 B . 10.24 -1.02 -2.90
O29 BQ6 B . 11.36 -1.46 -2.10
O30 BQ6 B . 9.90 0.39 -2.96
N31 BQ6 B . 8.88 -1.88 -2.40
C33 BQ6 B . 7.62 -1.76 -3.19
C35 BQ6 B . 6.84 -0.52 -2.77
O38 BQ6 B . 5.68 -0.31 -3.59
C41 BQ6 B . 4.93 -1.43 -3.82
C42 BQ6 B . 5.35 -2.73 -3.54
C43 BQ6 B . 6.71 -2.98 -2.96
CL BQ6 B . 2.20 -4.90 -4.75
F BQ6 B . 1.64 -2.02 -5.27
H BQ6 B . 3.36 -0.18 -4.65
H04 BQ6 B . 4.80 -4.82 -3.61
H11 BQ6 B . 13.02 -4.30 -6.21
H12 BQ6 B . 12.28 -3.96 -7.78
H13 BQ6 B . 11.37 -4.87 -6.56
H7 BQ6 B . 11.32 -3.41 -4.14
H10 BQ6 B . 10.43 0.32 -5.83
H17 BQ6 B . 12.42 1.53 -7.20
H16 BQ6 B . 10.64 1.50 -7.41
H22 BQ6 B . 9.79 2.87 -9.20
H20 BQ6 B . 9.89 1.55 -10.36
H21 BQ6 B . 10.61 3.11 -10.75
H25 BQ6 B . 11.74 0.16 -10.68
H24 BQ6 B . 13.32 0.41 -9.88
H33 BQ6 B . 7.84 -1.70 -4.26
H51 BQ6 B . 7.46 0.37 -2.87
H52 BQ6 B . 6.53 -0.56 -1.72
H45 BQ6 B . 6.60 -3.17 -1.89
H44 BQ6 B . 7.17 -3.87 -3.43
CA CA C . -1.03 -12.88 -2.23
N GLY A 1 10.32 -11.67 9.07
CA GLY A 1 10.62 -10.55 9.96
C GLY A 1 9.63 -9.41 9.79
N ASP A 2 8.35 -9.71 9.97
CA ASP A 2 7.30 -8.71 9.84
C ASP A 2 6.34 -8.78 11.02
N ASP A 3 6.78 -8.26 12.17
CA ASP A 3 5.95 -8.26 13.37
C ASP A 3 5.35 -6.88 13.61
N ILE A 4 6.12 -5.84 13.32
CA ILE A 4 5.67 -4.46 13.50
C ILE A 4 4.71 -4.04 12.39
N TYR A 5 5.08 -4.38 11.16
CA TYR A 5 4.26 -4.04 10.00
C TYR A 5 2.94 -4.80 10.03
N LYS A 6 3.02 -6.12 10.19
CA LYS A 6 1.83 -6.96 10.23
C LYS A 6 0.83 -6.44 11.26
N ALA A 7 1.35 -5.84 12.33
CA ALA A 7 0.49 -5.31 13.38
C ALA A 7 0.01 -3.91 13.03
N ALA A 8 0.78 -3.20 12.23
CA ALA A 8 0.43 -1.85 11.81
C ALA A 8 -0.99 -1.80 11.27
N VAL A 9 -1.29 -2.70 10.32
CA VAL A 9 -2.62 -2.76 9.72
C VAL A 9 -3.70 -2.83 10.79
N GLU A 10 -3.40 -3.52 11.88
CA GLU A 10 -4.35 -3.67 12.97
C GLU A 10 -4.51 -2.36 13.73
N GLN A 11 -3.42 -1.62 13.86
CA GLN A 11 -3.44 -0.34 14.57
C GLN A 11 -4.20 0.72 13.76
N LEU A 12 -4.18 0.57 12.45
CA LEU A 12 -4.86 1.52 11.57
C LEU A 12 -6.31 1.71 12.01
N THR A 13 -6.97 2.71 11.41
CA THR A 13 -8.36 3.01 11.74
C THR A 13 -9.24 2.93 10.51
N GLU A 14 -10.56 3.02 10.71
CA GLU A 14 -11.51 2.97 9.61
C GLU A 14 -11.18 4.01 8.55
N GLU A 15 -10.78 5.20 9.01
CA GLU A 15 -10.43 6.29 8.10
C GLU A 15 -9.20 5.94 7.27
N GLN A 16 -8.25 5.26 7.89
CA GLN A 16 -7.02 4.86 7.22
C GLN A 16 -7.30 3.78 6.17
N LYS A 17 -7.96 2.71 6.61
CA LYS A 17 -8.29 1.61 5.71
C LYS A 17 -9.07 2.10 4.49
N ASN A 18 -9.94 3.08 4.71
CA ASN A 18 -10.74 3.64 3.62
C ASN A 18 -9.87 4.48 2.68
N GLU A 19 -9.06 5.35 3.26
CA GLU A 19 -8.17 6.21 2.47
C GLU A 19 -7.35 5.38 1.49
N PHE A 20 -6.83 4.26 1.96
CA PHE A 20 -6.02 3.38 1.12
C PHE A 20 -6.91 2.47 0.28
N LYS A 21 -8.08 2.14 0.81
CA LYS A 21 -9.03 1.27 0.11
C LYS A 21 -9.36 1.83 -1.27
N ALA A 22 -9.78 3.09 -1.29
CA ALA A 22 -10.14 3.75 -2.55
C ALA A 22 -9.02 3.61 -3.57
N ALA A 23 -7.80 3.49 -3.09
CA ALA A 23 -6.64 3.35 -3.97
C ALA A 23 -6.58 1.95 -4.58
N PHE A 24 -6.80 0.94 -3.74
CA PHE A 24 -6.76 -0.45 -4.21
C PHE A 24 -7.72 -0.65 -5.38
N ASP A 25 -8.86 0.03 -5.34
CA ASP A 25 -9.85 -0.08 -6.40
C ASP A 25 -9.21 0.17 -7.76
N ILE A 26 -8.32 1.14 -7.83
CA ILE A 26 -7.63 1.47 -9.07
C ILE A 26 -6.38 0.63 -9.26
N PHE A 27 -5.72 0.32 -8.15
CA PHE A 27 -4.49 -0.49 -8.18
C PHE A 27 -4.81 -1.91 -8.67
N VAL A 28 -6.01 -2.37 -8.37
CA VAL A 28 -6.43 -3.72 -8.77
C VAL A 28 -7.38 -3.66 -9.97
N LEU A 29 -7.28 -2.58 -10.75
CA LEU A 29 -8.13 -2.41 -11.92
C LEU A 29 -7.92 -3.55 -12.92
N GLY A 30 -9.01 -4.23 -13.26
CA GLY A 30 -8.92 -5.32 -14.21
C GLY A 30 -8.71 -6.66 -13.53
N ALA A 31 -8.02 -6.64 -12.40
CA ALA A 31 -7.74 -7.86 -11.64
C ALA A 31 -9.01 -8.67 -11.42
N GLU A 32 -8.90 -9.99 -11.56
CA GLU A 32 -10.05 -10.87 -11.38
C GLU A 32 -10.36 -11.04 -9.89
N ASP A 33 -9.32 -11.05 -9.06
CA ASP A 33 -9.50 -11.20 -7.63
C ASP A 33 -9.23 -9.88 -6.90
N GLY A 34 -9.37 -8.78 -7.62
CA GLY A 34 -9.13 -7.47 -7.03
C GLY A 34 -7.81 -7.39 -6.31
N CYS A 35 -6.81 -8.09 -6.82
CA CYS A 35 -5.48 -8.09 -6.21
C CYS A 35 -4.47 -7.40 -7.11
N ILE A 36 -3.33 -7.01 -6.54
CA ILE A 36 -2.28 -6.35 -7.29
C ILE A 36 -1.19 -7.32 -7.69
N SER A 37 -0.99 -7.50 -9.00
CA SER A 37 0.02 -8.41 -9.51
C SER A 37 1.02 -7.67 -10.40
N THR A 38 1.85 -8.43 -11.09
CA THR A 38 2.85 -7.85 -11.99
C THR A 38 2.19 -7.05 -13.09
N LYS A 39 1.00 -7.46 -13.50
CA LYS A 39 0.26 -6.78 -14.56
C LYS A 39 -0.32 -5.46 -14.05
N GLU A 40 -1.09 -5.54 -12.97
CA GLU A 40 -1.71 -4.36 -12.40
C GLU A 40 -0.64 -3.39 -11.87
N LEU A 41 0.28 -3.90 -11.08
CA LEU A 41 1.35 -3.08 -10.52
C LEU A 41 2.12 -2.38 -11.62
N GLY A 42 2.49 -3.13 -12.66
CA GLY A 42 3.23 -2.56 -13.77
C GLY A 42 2.51 -1.39 -14.40
N LYS A 43 1.19 -1.43 -14.39
CA LYS A 43 0.37 -0.36 -14.97
C LYS A 43 0.47 0.91 -14.14
N VAL A 44 0.18 0.78 -12.84
CA VAL A 44 0.23 1.92 -11.93
C VAL A 44 1.65 2.48 -11.84
N MET A 45 2.60 1.60 -11.58
CA MET A 45 4.01 2.01 -11.47
C MET A 45 4.40 2.89 -12.65
N ARG A 46 4.02 2.48 -13.85
CA ARG A 46 4.35 3.23 -15.04
C ARG A 46 3.64 4.58 -15.05
N MET A 47 2.44 4.62 -14.49
CA MET A 47 1.66 5.85 -14.43
C MET A 47 2.22 6.80 -13.37
N LEU A 48 2.85 6.22 -12.34
CA LEU A 48 3.43 7.01 -11.27
C LEU A 48 4.46 8.01 -11.80
N GLY A 49 5.11 7.63 -12.89
CA GLY A 49 6.11 8.50 -13.50
C GLY A 49 7.45 7.82 -13.66
N GLN A 50 7.42 6.50 -13.84
CA GLN A 50 8.64 5.72 -14.01
C GLN A 50 8.47 4.65 -15.08
N ASN A 51 9.43 3.75 -15.17
CA ASN A 51 9.38 2.66 -16.15
C ASN A 51 10.14 1.44 -15.65
N PRO A 52 9.56 0.73 -14.68
CA PRO A 52 10.16 -0.47 -14.09
C PRO A 52 10.17 -1.64 -15.07
N THR A 53 10.75 -2.75 -14.64
CA THR A 53 10.83 -3.95 -15.47
C THR A 53 9.86 -5.02 -14.99
N PRO A 54 9.55 -5.97 -15.87
CA PRO A 54 8.63 -7.07 -15.56
C PRO A 54 9.22 -8.05 -14.55
N GLU A 55 10.54 -8.20 -14.58
CA GLU A 55 11.23 -9.10 -13.67
C GLU A 55 11.30 -8.52 -12.25
N GLU A 56 11.56 -7.21 -12.17
CA GLU A 56 11.66 -6.53 -10.89
C GLU A 56 10.28 -6.38 -10.25
N LEU A 57 9.28 -6.12 -11.09
CA LEU A 57 7.91 -5.97 -10.61
C LEU A 57 7.50 -7.13 -9.72
N GLN A 58 7.58 -8.34 -10.26
CA GLN A 58 7.22 -9.53 -9.50
C GLN A 58 7.94 -9.57 -8.16
N GLU A 59 9.16 -9.05 -8.13
CA GLU A 59 9.95 -9.03 -6.91
C GLU A 59 9.29 -8.16 -5.84
N MET A 60 8.65 -7.09 -6.29
CA MET A 60 7.98 -6.16 -5.39
C MET A 60 6.75 -6.82 -4.78
N ILE A 61 5.89 -7.39 -5.63
CA ILE A 61 4.67 -8.04 -5.17
C ILE A 61 4.98 -9.05 -4.07
N ASP A 62 5.91 -9.96 -4.34
CA ASP A 62 6.28 -10.98 -3.37
C ASP A 62 7.01 -10.35 -2.18
N GLU A 63 7.71 -9.26 -2.43
CA GLU A 63 8.44 -8.56 -1.37
C GLU A 63 7.49 -8.00 -0.33
N VAL A 64 6.24 -7.80 -0.73
CA VAL A 64 5.22 -7.27 0.18
C VAL A 64 4.19 -8.33 0.55
N ASP A 65 3.97 -9.27 -0.37
CA ASP A 65 3.01 -10.35 -0.13
C ASP A 65 3.30 -11.05 1.19
N GLU A 66 2.25 -11.31 1.95
CA GLU A 66 2.38 -11.98 3.24
C GLU A 66 2.42 -13.50 3.07
N ASP A 67 1.60 -14.00 2.14
CA ASP A 67 1.53 -15.44 1.88
C ASP A 67 2.44 -15.81 0.70
N GLY A 68 2.57 -14.89 -0.25
CA GLY A 68 3.39 -15.15 -1.41
C GLY A 68 2.64 -15.89 -2.51
N SER A 69 1.40 -15.51 -2.72
CA SER A 69 0.56 -16.15 -3.74
C SER A 69 0.88 -15.59 -5.13
N GLY A 70 1.37 -14.36 -5.18
CA GLY A 70 1.70 -13.74 -6.46
C GLY A 70 1.05 -12.38 -6.62
N THR A 71 0.10 -12.07 -5.74
CA THR A 71 -0.61 -10.79 -5.80
C THR A 71 -0.71 -10.15 -4.42
N VAL A 72 -1.29 -8.96 -4.36
CA VAL A 72 -1.45 -8.25 -3.10
C VAL A 72 -2.89 -7.78 -2.92
N ASP A 73 -3.49 -8.15 -1.79
CA ASP A 73 -4.87 -7.76 -1.49
C ASP A 73 -4.90 -6.39 -0.80
N PHE A 74 -6.08 -6.04 -0.29
CA PHE A 74 -6.25 -4.76 0.41
C PHE A 74 -5.49 -4.75 1.73
N ASP A 75 -5.35 -5.93 2.33
CA ASP A 75 -4.63 -6.06 3.60
C ASP A 75 -3.13 -6.08 3.38
N GLU A 76 -2.70 -6.83 2.36
CA GLU A 76 -1.28 -6.93 2.04
C GLU A 76 -0.73 -5.60 1.55
N PHE A 77 -1.62 -4.66 1.28
CA PHE A 77 -1.22 -3.34 0.80
C PHE A 77 -0.96 -2.40 1.97
N LEU A 78 -1.65 -2.62 3.08
CA LEU A 78 -1.48 -1.79 4.27
C LEU A 78 -0.17 -2.11 4.98
N VAL A 79 0.18 -3.40 5.02
CA VAL A 79 1.41 -3.83 5.67
C VAL A 79 2.63 -3.12 5.06
N MET A 80 2.60 -2.94 3.74
CA MET A 80 3.70 -2.28 3.04
C MET A 80 3.48 -0.78 2.98
N MET A 81 2.21 -0.37 2.96
CA MET A 81 1.85 1.05 2.90
C MET A 81 2.35 1.77 4.15
N VAL A 82 2.37 1.07 5.27
CA VAL A 82 2.82 1.65 6.53
C VAL A 82 4.32 1.94 6.50
N ARG A 83 5.08 1.00 5.95
CA ARG A 83 6.54 1.15 5.86
C ARG A 83 6.92 2.02 4.66
N CYS A 84 6.08 2.00 3.63
CA CYS A 84 6.33 2.77 2.41
C CYS A 84 6.44 4.26 2.75
N MET A 85 5.45 4.77 3.49
CA MET A 85 5.43 6.17 3.87
C MET A 85 6.57 6.50 4.83
N LYS A 86 6.92 5.53 5.67
CA LYS A 86 7.99 5.70 6.64
C LYS A 86 9.34 5.31 6.04
N ASP A 87 9.34 5.01 4.75
CA ASP A 87 10.56 4.62 4.06
C ASP A 87 11.31 3.55 4.84
N ASP A 88 10.55 2.68 5.52
CA ASP A 88 11.14 1.61 6.31
C ASP A 88 10.88 0.24 5.66
N SER A 89 10.84 0.23 4.33
CA SER A 89 10.59 -1.01 3.60
C SER A 89 11.89 -1.79 3.40
N LYS A 90 12.98 -1.07 3.19
CA LYS A 90 14.28 -1.70 2.98
C LYS A 90 15.33 -1.10 3.92
N GLY A 91 15.26 0.21 4.12
CA GLY A 91 16.20 0.87 4.99
C GLY A 91 17.38 1.46 4.24
N ALA A 92 18.16 0.59 3.59
CA ALA A 92 19.33 1.03 2.83
C ALA A 92 19.80 -0.07 1.88
N GLY A 93 19.14 -0.17 0.72
CA GLY A 93 19.51 -1.17 -0.25
C GLY A 93 19.88 -0.57 -1.60
N ALA A 94 18.87 -0.18 -2.36
CA ALA A 94 19.09 0.42 -3.68
C ALA A 94 18.22 1.65 -3.87
N GLY A 95 18.61 2.52 -4.81
CA GLY A 95 17.85 3.71 -5.09
C GLY A 95 16.38 3.43 -5.33
N VAL A 96 16.09 2.29 -5.95
CA VAL A 96 14.72 1.91 -6.23
C VAL A 96 13.85 2.00 -4.99
N ARG A 97 12.83 2.86 -5.04
CA ARG A 97 11.93 3.05 -3.91
C ARG A 97 10.63 3.72 -4.36
N ILE A 98 9.50 3.13 -4.00
CA ILE A 98 8.20 3.67 -4.37
C ILE A 98 7.67 4.59 -3.28
N SER A 99 7.05 5.69 -3.69
CA SER A 99 6.49 6.66 -2.74
C SER A 99 5.03 6.32 -2.43
N ALA A 100 4.75 6.07 -1.15
CA ALA A 100 3.40 5.75 -0.72
C ALA A 100 2.44 6.89 -1.02
N ASP A 101 2.80 8.09 -0.57
CA ASP A 101 1.97 9.27 -0.80
C ASP A 101 1.77 9.53 -2.28
N ALA A 102 2.85 9.40 -3.05
CA ALA A 102 2.79 9.62 -4.49
C ALA A 102 1.92 8.58 -5.17
N MET A 103 1.94 7.36 -4.63
CA MET A 103 1.15 6.26 -5.20
C MET A 103 -0.33 6.63 -5.23
N MET A 104 -0.87 7.01 -4.07
CA MET A 104 -2.27 7.38 -3.97
C MET A 104 -2.65 8.40 -5.05
N GLN A 105 -1.82 9.43 -5.18
CA GLN A 105 -2.06 10.47 -6.17
C GLN A 105 -2.45 9.87 -7.52
N ALA A 106 -1.91 8.69 -7.81
CA ALA A 106 -2.20 8.00 -9.06
C ALA A 106 -3.58 7.36 -9.02
N LEU A 107 -3.85 6.58 -7.98
CA LEU A 107 -5.13 5.90 -7.83
C LEU A 107 -6.25 6.91 -7.61
N LEU A 108 -6.31 7.49 -6.41
CA LEU A 108 -7.34 8.47 -6.08
C LEU A 108 -7.00 9.83 -6.68
N GLY A 109 -6.03 10.52 -6.07
CA GLY A 109 -5.63 11.82 -6.56
C GLY A 109 -5.63 12.87 -5.47
N ALA A 110 -4.68 12.76 -4.55
CA ALA A 110 -4.57 13.71 -3.44
C ALA A 110 -5.84 13.71 -2.59
N ARG A 111 -6.65 12.69 -2.76
CA ARG A 111 -7.90 12.57 -2.01
C ARG A 111 -7.65 12.06 -0.60
N ALA A 112 -6.50 11.42 -0.40
CA ALA A 112 -6.14 10.88 0.91
C ALA A 112 -5.22 11.85 1.65
N LYS A 113 -5.52 13.13 1.56
CA LYS A 113 -4.72 14.16 2.22
C LYS A 113 -5.15 14.31 3.68
N GLU A 114 -6.39 13.98 3.96
CA GLU A 114 -6.92 14.08 5.32
C GLU A 114 -5.96 13.46 6.33
N SER A 115 -5.89 12.14 6.33
CA SER A 115 -5.01 11.41 7.24
C SER A 115 -5.22 11.90 8.68
N LEU A 116 -6.46 12.21 9.02
CA LEU A 116 -6.79 12.68 10.36
C LEU A 116 -6.27 11.71 11.41
N ASP A 117 -6.22 10.44 11.06
CA ASP A 117 -5.74 9.41 11.98
C ASP A 117 -6.71 9.23 13.14
N LEU A 118 -7.88 8.67 12.84
CA LEU A 118 -8.90 8.44 13.87
C LEU A 118 -8.45 7.36 14.85
N ARG A 119 -7.39 6.64 14.49
CA ARG A 119 -6.86 5.59 15.35
C ARG A 119 -6.67 6.10 16.78
N ALA A 120 -6.30 7.36 16.90
CA ALA A 120 -6.08 7.96 18.22
C ALA A 120 -7.38 8.00 19.02
N HIS A 121 -8.48 8.31 18.35
CA HIS A 121 -9.78 8.36 19.00
C HIS A 121 -10.13 7.03 19.66
N LEU A 122 -10.41 6.02 18.83
CA LEU A 122 -10.75 4.70 19.33
C LEU A 122 -10.82 3.69 18.18
N LYS A 123 -10.75 2.41 18.53
CA LYS A 123 -10.81 1.35 17.54
C LYS A 123 -11.26 0.03 18.18
N GLN A 124 -12.56 -0.15 18.30
CA GLN A 124 -13.12 -1.36 18.88
C GLN A 124 -13.15 -2.50 17.86
N VAL A 125 -13.26 -3.72 18.36
CA VAL A 125 -13.30 -4.89 17.49
C VAL A 125 -14.74 -5.35 17.25
N LYS A 126 -15.66 -4.39 17.15
CA LYS A 126 -17.06 -4.69 16.92
C LYS A 126 -17.86 -3.41 16.70
N LYS A 127 -18.83 -3.47 15.80
CA LYS A 127 -19.67 -2.31 15.50
C LYS A 127 -20.61 -2.02 16.66
N GLU A 128 -21.15 -0.80 16.69
CA GLU A 128 -22.07 -0.40 17.75
C GLU A 128 -23.25 -1.35 17.83
N ASP A 129 -23.30 -2.13 18.91
CA ASP A 129 -24.38 -3.08 19.11
C ASP A 129 -25.05 -2.87 20.46
C BQ6 B . 3.84 -1.07 -4.50
C01 BQ6 B . 4.62 -3.66 -3.85
C1 BQ6 B . 12.16 -3.90 -6.80
C02 BQ6 B . 3.39 -3.43 -4.45
C03 BQ6 B . 2.99 -2.14 -4.78
C5 BQ6 B . 11.57 -2.66 -6.23
N6 BQ6 B . 11.32 -2.55 -4.88
C8 BQ6 B . 10.79 -1.32 -4.59
C9 BQ6 B . 10.71 -0.63 -5.78
C11 BQ6 B . 11.19 -1.46 -6.84
C12 BQ6 B . 11.33 -1.17 -8.27
O13 BQ6 B . 11.18 -2.05 -9.11
N14 BQ6 B . 11.61 0.12 -8.63
C15 BQ6 B . 11.54 1.43 -8.00
C18 BQ6 B . 11.67 2.03 -9.42
C19 BQ6 B . 10.34 2.50 -10.02
C23 BQ6 B . 12.11 0.63 -9.90
C26 BQ6 B . 12.70 3.05 -9.54
N27 BQ6 B . 13.52 3.87 -9.62
S28 BQ6 B . 10.38 -0.93 -2.93
O29 BQ6 B . 11.51 -1.45 -2.16
O30 BQ6 B . 10.12 0.50 -2.94
N31 BQ6 B . 9.00 -1.72 -2.39
C33 BQ6 B . 7.75 -1.62 -3.20
C35 BQ6 B . 6.97 -0.37 -2.82
O38 BQ6 B . 5.83 -0.17 -3.67
C41 BQ6 B . 5.07 -1.28 -3.88
C42 BQ6 B . 5.48 -2.59 -3.57
C43 BQ6 B . 6.84 -2.84 -2.96
CL BQ6 B . 2.34 -4.77 -4.78
F BQ6 B . 1.81 -1.91 -5.37
H BQ6 B . 3.52 -0.06 -4.76
H04 BQ6 B . 4.93 -4.68 -3.60
H11 BQ6 B . 11.47 -4.74 -6.66
H12 BQ6 B . 13.10 -4.16 -6.33
H13 BQ6 B . 12.33 -3.78 -7.87
H7 BQ6 B . 11.51 -3.28 -4.21
H10 BQ6 B . 10.36 0.39 -5.86
H17 BQ6 B . 12.38 1.61 -7.32
H16 BQ6 B . 10.60 1.62 -7.48
H22 BQ6 B . 9.73 1.65 -10.34
H20 BQ6 B . 10.50 3.14 -10.90
H21 BQ6 B . 9.76 3.08 -9.28
H25 BQ6 B . 11.58 0.24 -10.77
H24 BQ6 B . 13.18 0.46 -10.02
H33 BQ6 B . 7.99 -1.58 -4.27
H51 BQ6 B . 7.60 0.53 -2.93
H52 BQ6 B . 6.64 -0.38 -1.77
H45 BQ6 B . 6.71 -2.98 -1.89
H44 BQ6 B . 7.31 -3.73 -3.39
CA CA C . -0.89 -12.80 -1.98
#